data_6GDA
# 
_entry.id   6GDA 
# 
_audit_conform.dict_name       mmcif_pdbx.dic 
_audit_conform.dict_version    5.406 
_audit_conform.dict_location   http://mmcif.pdb.org/dictionaries/ascii/mmcif_pdbx.dic 
# 
loop_
_database_2.database_id 
_database_2.database_code 
_database_2.pdbx_database_accession 
_database_2.pdbx_DOI 
PDB   6GDA         pdb_00006gda 10.2210/pdb6gda/pdb 
WWPDB D_1200009561 ?            ?                   
# 
loop_
_pdbx_audit_revision_history.ordinal 
_pdbx_audit_revision_history.data_content_type 
_pdbx_audit_revision_history.major_revision 
_pdbx_audit_revision_history.minor_revision 
_pdbx_audit_revision_history.revision_date 
_pdbx_audit_revision_history.part_number 
1 'Structure model' 1 0 2019-05-01 ? 
2 'Structure model' 1 1 2019-11-13 ? 
3 'Structure model' 1 2 2024-01-17 ? 
4 'Structure model' 1 3 2025-10-01 ? 
# 
_pdbx_audit_revision_details.ordinal             1 
_pdbx_audit_revision_details.revision_ordinal    1 
_pdbx_audit_revision_details.data_content_type   'Structure model' 
_pdbx_audit_revision_details.provider            repository 
_pdbx_audit_revision_details.type                'Initial release' 
_pdbx_audit_revision_details.description         ? 
_pdbx_audit_revision_details.details             ? 
# 
loop_
_pdbx_audit_revision_group.ordinal 
_pdbx_audit_revision_group.revision_ordinal 
_pdbx_audit_revision_group.data_content_type 
_pdbx_audit_revision_group.group 
1 2 'Structure model' 'Data collection'        
2 2 'Structure model' 'Database references'    
3 3 'Structure model' 'Data collection'        
4 3 'Structure model' 'Database references'    
5 3 'Structure model' 'Refinement description' 
6 4 'Structure model' Advisory                 
7 4 'Structure model' 'Derived calculations'   
8 4 'Structure model' 'Structure summary'      
# 
loop_
_pdbx_audit_revision_category.ordinal 
_pdbx_audit_revision_category.revision_ordinal 
_pdbx_audit_revision_category.data_content_type 
_pdbx_audit_revision_category.category 
1  2 'Structure model' citation                      
2  2 'Structure model' citation_author               
3  3 'Structure model' chem_comp_atom                
4  3 'Structure model' chem_comp_bond                
5  3 'Structure model' database_2                    
6  3 'Structure model' pdbx_initial_refinement_model 
7  4 'Structure model' pdbx_entry_details            
8  4 'Structure model' pdbx_modification_feature     
9  4 'Structure model' pdbx_validate_close_contact   
10 4 'Structure model' struct_conn                   
# 
loop_
_pdbx_audit_revision_item.ordinal 
_pdbx_audit_revision_item.revision_ordinal 
_pdbx_audit_revision_item.data_content_type 
_pdbx_audit_revision_item.item 
1  2 'Structure model' '_citation.country'                   
2  2 'Structure model' '_citation.journal_abbrev'            
3  2 'Structure model' '_citation.journal_id_CSD'            
4  2 'Structure model' '_citation.journal_id_ISSN'           
5  2 'Structure model' '_citation.journal_volume'            
6  2 'Structure model' '_citation.page_first'                
7  2 'Structure model' '_citation.page_last'                 
8  2 'Structure model' '_citation.pdbx_database_id_DOI'      
9  2 'Structure model' '_citation.pdbx_database_id_PubMed'   
10 2 'Structure model' '_citation.title'                     
11 2 'Structure model' '_citation.year'                      
12 2 'Structure model' '_citation_author.identifier_ORCID'   
13 2 'Structure model' '_citation_author.name'               
14 3 'Structure model' '_database_2.pdbx_DOI'                
15 3 'Structure model' '_database_2.pdbx_database_accession' 
# 
_pdbx_database_status.status_code                     REL 
_pdbx_database_status.status_code_sf                  REL 
_pdbx_database_status.status_code_mr                  ? 
_pdbx_database_status.entry_id                        6GDA 
_pdbx_database_status.recvd_initial_deposition_date   2018-04-23 
_pdbx_database_status.SG_entry                        N 
_pdbx_database_status.deposit_site                    PDBE 
_pdbx_database_status.process_site                    PDBE 
_pdbx_database_status.status_code_cs                  ? 
_pdbx_database_status.methods_development_category    ? 
_pdbx_database_status.pdb_format_compatible           Y 
_pdbx_database_status.status_code_nmr_data            ? 
# 
loop_
_pdbx_database_related.db_name 
_pdbx_database_related.details 
_pdbx_database_related.db_id 
_pdbx_database_related.content_type 
PDB 'Same protein-ligand complex in a different crystal form' 6GD6 unspecified 
PDB 'Same protein-ligand complex in a different crystal form' 6GD7 unspecified 
PDB 'Same protein-ligand complex in a different crystal form' 6GD8 unspecified 
PDB 'Same structure without soaking'                          6GD9 unspecified 
# 
loop_
_audit_author.name 
_audit_author.pdbx_ordinal 
_audit_author.identifier_ORCID 
'Rennie, M.L.'  1 0000-0002-0799-3450 
'Fox, G.C.'     2 ?                   
'Crowley, P.B.' 3 ?                   
# 
_citation.abstract                  ? 
_citation.abstract_id_CAS           ? 
_citation.book_id_ISBN              ? 
_citation.book_publisher            ? 
_citation.book_publisher_city       ? 
_citation.book_title                ? 
_citation.coordinate_linkage        ? 
_citation.country                   US 
_citation.database_id_Medline       ? 
_citation.details                   ? 
_citation.id                        primary 
_citation.journal_abbrev            'Acs Nano' 
_citation.journal_id_ASTM           ? 
_citation.journal_id_CSD            ? 
_citation.journal_id_ISSN           1936-086X 
_citation.journal_full              ? 
_citation.journal_issue             ? 
_citation.journal_volume            13 
_citation.language                  ? 
_citation.page_first                10343 
_citation.page_last                 10350 
_citation.title                     'Tuning Protein Frameworks via Auxiliary Supramolecular Interactions.' 
_citation.year                      2019 
_citation.database_id_CSD           ? 
_citation.pdbx_database_id_DOI      10.1021/acsnano.9b04115 
_citation.pdbx_database_id_PubMed   31490058 
_citation.unpublished_flag          ? 
# 
loop_
_citation_author.citation_id 
_citation_author.name 
_citation_author.ordinal 
_citation_author.identifier_ORCID 
primary 'Engilberge, S.' 1 ?                   
primary 'Rennie, M.L.'   2 ?                   
primary 'Dumont, E.'     3 ?                   
primary 'Crowley, P.B.'  4 0000-0002-5365-0096 
# 
loop_
_entity.id 
_entity.type 
_entity.src_method 
_entity.pdbx_description 
_entity.formula_weight 
_entity.pdbx_number_of_molecules 
_entity.pdbx_ec 
_entity.pdbx_mutation 
_entity.pdbx_fragment 
_entity.details 
1 polymer     man 'Cytochrome c iso-1'      12041.770 1 ? 'C102T, T-5A' ? ? 
2 non-polymer syn 'HEME C'                  618.503   1 ? ?             ? ? 
3 non-polymer syn 'sulfonato-calix[8]arene' 1489.481  3 ? ?             ? ? 
4 non-polymer syn 'SULFATE ION'             96.063    9 ? ?             ? ? 
5 non-polymer syn SPERMINE                  202.340   2 ? ?             ? ? 
6 water       nat water                     18.015    9 ? ?             ? ? 
# 
_entity_poly.entity_id                      1 
_entity_poly.type                           'polypeptide(L)' 
_entity_poly.nstd_linkage                   no 
_entity_poly.nstd_monomer                   no 
_entity_poly.pdbx_seq_one_letter_code       
;AEFKAGSAKKGATLFKTRCLQCHTVEKGGPHKVGPNLHGIFGRHSGQAEGYSYTDANIKKNVLWDENNMSEYLTNPKKYI
PGTKMAFGGLKKEKDRNDLITYLKKATE
;
_entity_poly.pdbx_seq_one_letter_code_can   
;AEFKAGSAKKGATLFKTRCLQCHTVEKGGPHKVGPNLHGIFGRHSGQAEGYSYTDANIKKNVLWDENNMSEYLTNPKKYI
PGTKMAFGGLKKEKDRNDLITYLKKATE
;
_entity_poly.pdbx_strand_id                 A 
_entity_poly.pdbx_target_identifier         ? 
# 
loop_
_pdbx_entity_nonpoly.entity_id 
_pdbx_entity_nonpoly.name 
_pdbx_entity_nonpoly.comp_id 
2 'HEME C'                  HEC 
3 'sulfonato-calix[8]arene' EVB 
4 'SULFATE ION'             SO4 
5 SPERMINE                  SPM 
6 water                     HOH 
# 
loop_
_entity_poly_seq.entity_id 
_entity_poly_seq.num 
_entity_poly_seq.mon_id 
_entity_poly_seq.hetero 
1 1   ALA n 
1 2   GLU n 
1 3   PHE n 
1 4   LYS n 
1 5   ALA n 
1 6   GLY n 
1 7   SER n 
1 8   ALA n 
1 9   LYS n 
1 10  LYS n 
1 11  GLY n 
1 12  ALA n 
1 13  THR n 
1 14  LEU n 
1 15  PHE n 
1 16  LYS n 
1 17  THR n 
1 18  ARG n 
1 19  CYS n 
1 20  LEU n 
1 21  GLN n 
1 22  CYS n 
1 23  HIS n 
1 24  THR n 
1 25  VAL n 
1 26  GLU n 
1 27  LYS n 
1 28  GLY n 
1 29  GLY n 
1 30  PRO n 
1 31  HIS n 
1 32  LYS n 
1 33  VAL n 
1 34  GLY n 
1 35  PRO n 
1 36  ASN n 
1 37  LEU n 
1 38  HIS n 
1 39  GLY n 
1 40  ILE n 
1 41  PHE n 
1 42  GLY n 
1 43  ARG n 
1 44  HIS n 
1 45  SER n 
1 46  GLY n 
1 47  GLN n 
1 48  ALA n 
1 49  GLU n 
1 50  GLY n 
1 51  TYR n 
1 52  SER n 
1 53  TYR n 
1 54  THR n 
1 55  ASP n 
1 56  ALA n 
1 57  ASN n 
1 58  ILE n 
1 59  LYS n 
1 60  LYS n 
1 61  ASN n 
1 62  VAL n 
1 63  LEU n 
1 64  TRP n 
1 65  ASP n 
1 66  GLU n 
1 67  ASN n 
1 68  ASN n 
1 69  MET n 
1 70  SER n 
1 71  GLU n 
1 72  TYR n 
1 73  LEU n 
1 74  THR n 
1 75  ASN n 
1 76  PRO n 
1 77  LYS n 
1 78  LYS n 
1 79  TYR n 
1 80  ILE n 
1 81  PRO n 
1 82  GLY n 
1 83  THR n 
1 84  LYS n 
1 85  MET n 
1 86  ALA n 
1 87  PHE n 
1 88  GLY n 
1 89  GLY n 
1 90  LEU n 
1 91  LYS n 
1 92  LYS n 
1 93  GLU n 
1 94  LYS n 
1 95  ASP n 
1 96  ARG n 
1 97  ASN n 
1 98  ASP n 
1 99  LEU n 
1 100 ILE n 
1 101 THR n 
1 102 TYR n 
1 103 LEU n 
1 104 LYS n 
1 105 LYS n 
1 106 ALA n 
1 107 THR n 
1 108 GLU n 
# 
_entity_src_gen.entity_id                          1 
_entity_src_gen.pdbx_src_id                        1 
_entity_src_gen.pdbx_alt_source_flag               sample 
_entity_src_gen.pdbx_seq_type                      'Biological sequence' 
_entity_src_gen.pdbx_beg_seq_num                   1 
_entity_src_gen.pdbx_end_seq_num                   108 
_entity_src_gen.gene_src_common_name               ? 
_entity_src_gen.gene_src_genus                     ? 
_entity_src_gen.pdbx_gene_src_gene                 'CYC1, YJR048W, J1653' 
_entity_src_gen.gene_src_species                   ? 
_entity_src_gen.gene_src_strain                    ? 
_entity_src_gen.gene_src_tissue                    ? 
_entity_src_gen.gene_src_tissue_fraction           ? 
_entity_src_gen.gene_src_details                   ? 
_entity_src_gen.pdbx_gene_src_fragment             ? 
_entity_src_gen.pdbx_gene_src_scientific_name      'Saccharomyces cerevisiae (strain ATCC 204508 / S288c)' 
_entity_src_gen.pdbx_gene_src_ncbi_taxonomy_id     559292 
_entity_src_gen.pdbx_gene_src_variant              ? 
_entity_src_gen.pdbx_gene_src_cell_line            ? 
_entity_src_gen.pdbx_gene_src_atcc                 ? 
_entity_src_gen.pdbx_gene_src_organ                ? 
_entity_src_gen.pdbx_gene_src_organelle            ? 
_entity_src_gen.pdbx_gene_src_cell                 ? 
_entity_src_gen.pdbx_gene_src_cellular_location    ? 
_entity_src_gen.host_org_common_name               ? 
_entity_src_gen.pdbx_host_org_scientific_name      'Escherichia coli BL21(DE3)' 
_entity_src_gen.pdbx_host_org_ncbi_taxonomy_id     469008 
_entity_src_gen.host_org_genus                     ? 
_entity_src_gen.pdbx_host_org_gene                 ? 
_entity_src_gen.pdbx_host_org_organ                ? 
_entity_src_gen.host_org_species                   ? 
_entity_src_gen.pdbx_host_org_tissue               ? 
_entity_src_gen.pdbx_host_org_tissue_fraction      ? 
_entity_src_gen.pdbx_host_org_strain               ? 
_entity_src_gen.pdbx_host_org_variant              ? 
_entity_src_gen.pdbx_host_org_cell_line            ? 
_entity_src_gen.pdbx_host_org_atcc                 ? 
_entity_src_gen.pdbx_host_org_culture_collection   ? 
_entity_src_gen.pdbx_host_org_cell                 ? 
_entity_src_gen.pdbx_host_org_organelle            ? 
_entity_src_gen.pdbx_host_org_cellular_location    ? 
_entity_src_gen.pdbx_host_org_vector_type          ? 
_entity_src_gen.pdbx_host_org_vector               ? 
_entity_src_gen.host_org_details                   ? 
_entity_src_gen.expression_system_id               ? 
_entity_src_gen.plasmid_name                       ? 
_entity_src_gen.plasmid_details                    ? 
_entity_src_gen.pdbx_description                   ? 
# 
loop_
_chem_comp.id 
_chem_comp.type 
_chem_comp.mon_nstd_flag 
_chem_comp.name 
_chem_comp.pdbx_synonyms 
_chem_comp.formula 
_chem_comp.formula_weight 
ALA 'L-peptide linking' y ALANINE                   ? 'C3 H7 N O2'       89.093   
ARG 'L-peptide linking' y ARGININE                  ? 'C6 H15 N4 O2 1'   175.209  
ASN 'L-peptide linking' y ASPARAGINE                ? 'C4 H8 N2 O3'      132.118  
ASP 'L-peptide linking' y 'ASPARTIC ACID'           ? 'C4 H7 N O4'       133.103  
CYS 'L-peptide linking' y CYSTEINE                  ? 'C3 H7 N O2 S'     121.158  
EVB non-polymer         . 'sulfonato-calix[8]arene' ? 'C56 H48 O32 S8'   1489.481 
GLN 'L-peptide linking' y GLUTAMINE                 ? 'C5 H10 N2 O3'     146.144  
GLU 'L-peptide linking' y 'GLUTAMIC ACID'           ? 'C5 H9 N O4'       147.129  
GLY 'peptide linking'   y GLYCINE                   ? 'C2 H5 N O2'       75.067   
HEC non-polymer         . 'HEME C'                  ? 'C34 H34 Fe N4 O4' 618.503  
HIS 'L-peptide linking' y HISTIDINE                 ? 'C6 H10 N3 O2 1'   156.162  
HOH non-polymer         . WATER                     ? 'H2 O'             18.015   
ILE 'L-peptide linking' y ISOLEUCINE                ? 'C6 H13 N O2'      131.173  
LEU 'L-peptide linking' y LEUCINE                   ? 'C6 H13 N O2'      131.173  
LYS 'L-peptide linking' y LYSINE                    ? 'C6 H15 N2 O2 1'   147.195  
MET 'L-peptide linking' y METHIONINE                ? 'C5 H11 N O2 S'    149.211  
PHE 'L-peptide linking' y PHENYLALANINE             ? 'C9 H11 N O2'      165.189  
PRO 'L-peptide linking' y PROLINE                   ? 'C5 H9 N O2'       115.130  
SER 'L-peptide linking' y SERINE                    ? 'C3 H7 N O3'       105.093  
SO4 non-polymer         . 'SULFATE ION'             ? 'O4 S -2'          96.063   
SPM non-polymer         . SPERMINE                  ? 'C10 H26 N4'       202.340  
THR 'L-peptide linking' y THREONINE                 ? 'C4 H9 N O3'       119.119  
TRP 'L-peptide linking' y TRYPTOPHAN                ? 'C11 H12 N2 O2'    204.225  
TYR 'L-peptide linking' y TYROSINE                  ? 'C9 H11 N O3'      181.189  
VAL 'L-peptide linking' y VALINE                    ? 'C5 H11 N O2'      117.146  
# 
loop_
_pdbx_poly_seq_scheme.asym_id 
_pdbx_poly_seq_scheme.entity_id 
_pdbx_poly_seq_scheme.seq_id 
_pdbx_poly_seq_scheme.mon_id 
_pdbx_poly_seq_scheme.ndb_seq_num 
_pdbx_poly_seq_scheme.pdb_seq_num 
_pdbx_poly_seq_scheme.auth_seq_num 
_pdbx_poly_seq_scheme.pdb_mon_id 
_pdbx_poly_seq_scheme.auth_mon_id 
_pdbx_poly_seq_scheme.pdb_strand_id 
_pdbx_poly_seq_scheme.pdb_ins_code 
_pdbx_poly_seq_scheme.hetero 
A 1 1   ALA 1   -5  -5  ALA ALA A . n 
A 1 2   GLU 2   -4  -4  GLU GLU A . n 
A 1 3   PHE 3   -3  -3  PHE PHE A . n 
A 1 4   LYS 4   -2  -2  LYS LYS A . n 
A 1 5   ALA 5   -1  -1  ALA ALA A . n 
A 1 6   GLY 6   1   1   GLY GLY A . n 
A 1 7   SER 7   2   2   SER SER A . n 
A 1 8   ALA 8   3   3   ALA ALA A . n 
A 1 9   LYS 9   4   4   LYS LYS A . n 
A 1 10  LYS 10  5   5   LYS LYS A . n 
A 1 11  GLY 11  6   6   GLY GLY A . n 
A 1 12  ALA 12  7   7   ALA ALA A . n 
A 1 13  THR 13  8   8   THR THR A . n 
A 1 14  LEU 14  9   9   LEU LEU A . n 
A 1 15  PHE 15  10  10  PHE PHE A . n 
A 1 16  LYS 16  11  11  LYS LYS A . n 
A 1 17  THR 17  12  12  THR THR A . n 
A 1 18  ARG 18  13  13  ARG ARG A . n 
A 1 19  CYS 19  14  14  CYS CYS A . n 
A 1 20  LEU 20  15  15  LEU LEU A . n 
A 1 21  GLN 21  16  16  GLN GLN A . n 
A 1 22  CYS 22  17  17  CYS CYS A . n 
A 1 23  HIS 23  18  18  HIS HIS A . n 
A 1 24  THR 24  19  19  THR THR A . n 
A 1 25  VAL 25  20  20  VAL VAL A . n 
A 1 26  GLU 26  21  21  GLU GLU A . n 
A 1 27  LYS 27  22  22  LYS LYS A . n 
A 1 28  GLY 28  23  23  GLY GLY A . n 
A 1 29  GLY 29  24  24  GLY GLY A . n 
A 1 30  PRO 30  25  25  PRO PRO A . n 
A 1 31  HIS 31  26  26  HIS HIS A . n 
A 1 32  LYS 32  27  27  LYS LYS A . n 
A 1 33  VAL 33  28  28  VAL VAL A . n 
A 1 34  GLY 34  29  29  GLY GLY A . n 
A 1 35  PRO 35  30  30  PRO PRO A . n 
A 1 36  ASN 36  31  31  ASN ASN A . n 
A 1 37  LEU 37  32  32  LEU LEU A . n 
A 1 38  HIS 38  33  33  HIS HIS A . n 
A 1 39  GLY 39  34  34  GLY GLY A . n 
A 1 40  ILE 40  35  35  ILE ILE A . n 
A 1 41  PHE 41  36  36  PHE PHE A . n 
A 1 42  GLY 42  37  37  GLY GLY A . n 
A 1 43  ARG 43  38  38  ARG ARG A . n 
A 1 44  HIS 44  39  39  HIS HIS A . n 
A 1 45  SER 45  40  40  SER SER A . n 
A 1 46  GLY 46  41  41  GLY GLY A . n 
A 1 47  GLN 47  42  42  GLN GLN A . n 
A 1 48  ALA 48  43  43  ALA ALA A . n 
A 1 49  GLU 49  44  44  GLU GLU A . n 
A 1 50  GLY 50  45  45  GLY GLY A . n 
A 1 51  TYR 51  46  46  TYR TYR A . n 
A 1 52  SER 52  47  47  SER SER A . n 
A 1 53  TYR 53  48  48  TYR TYR A . n 
A 1 54  THR 54  49  49  THR THR A . n 
A 1 55  ASP 55  50  50  ASP ASP A . n 
A 1 56  ALA 56  51  51  ALA ALA A . n 
A 1 57  ASN 57  52  52  ASN ASN A . n 
A 1 58  ILE 58  53  53  ILE ILE A . n 
A 1 59  LYS 59  54  54  LYS LYS A . n 
A 1 60  LYS 60  55  55  LYS LYS A . n 
A 1 61  ASN 61  56  56  ASN ASN A . n 
A 1 62  VAL 62  57  57  VAL VAL A . n 
A 1 63  LEU 63  58  58  LEU LEU A . n 
A 1 64  TRP 64  59  59  TRP TRP A . n 
A 1 65  ASP 65  60  60  ASP ASP A . n 
A 1 66  GLU 66  61  61  GLU GLU A . n 
A 1 67  ASN 67  62  62  ASN ASN A . n 
A 1 68  ASN 68  63  63  ASN ASN A . n 
A 1 69  MET 69  64  64  MET MET A . n 
A 1 70  SER 70  65  65  SER SER A . n 
A 1 71  GLU 71  66  66  GLU GLU A . n 
A 1 72  TYR 72  67  67  TYR TYR A . n 
A 1 73  LEU 73  68  68  LEU LEU A . n 
A 1 74  THR 74  69  69  THR THR A . n 
A 1 75  ASN 75  70  70  ASN ASN A . n 
A 1 76  PRO 76  71  71  PRO PRO A . n 
A 1 77  LYS 77  72  72  LYS LYS A . n 
A 1 78  LYS 78  73  73  LYS LYS A . n 
A 1 79  TYR 79  74  74  TYR TYR A . n 
A 1 80  ILE 80  75  75  ILE ILE A . n 
A 1 81  PRO 81  76  76  PRO PRO A . n 
A 1 82  GLY 82  77  77  GLY GLY A . n 
A 1 83  THR 83  78  78  THR THR A . n 
A 1 84  LYS 84  79  79  LYS LYS A . n 
A 1 85  MET 85  80  80  MET MET A . n 
A 1 86  ALA 86  81  81  ALA ALA A . n 
A 1 87  PHE 87  82  82  PHE PHE A . n 
A 1 88  GLY 88  83  83  GLY GLY A . n 
A 1 89  GLY 89  84  84  GLY GLY A . n 
A 1 90  LEU 90  85  85  LEU LEU A . n 
A 1 91  LYS 91  86  86  LYS LYS A . n 
A 1 92  LYS 92  87  87  LYS LYS A . n 
A 1 93  GLU 93  88  88  GLU GLU A . n 
A 1 94  LYS 94  89  89  LYS LYS A . n 
A 1 95  ASP 95  90  90  ASP ASP A . n 
A 1 96  ARG 96  91  91  ARG ARG A . n 
A 1 97  ASN 97  92  92  ASN ASN A . n 
A 1 98  ASP 98  93  93  ASP ASP A . n 
A 1 99  LEU 99  94  94  LEU LEU A . n 
A 1 100 ILE 100 95  95  ILE ILE A . n 
A 1 101 THR 101 96  96  THR THR A . n 
A 1 102 TYR 102 97  97  TYR TYR A . n 
A 1 103 LEU 103 98  98  LEU LEU A . n 
A 1 104 LYS 104 99  99  LYS LYS A . n 
A 1 105 LYS 105 100 100 LYS LYS A . n 
A 1 106 ALA 106 101 101 ALA ALA A . n 
A 1 107 THR 107 102 102 THR THR A . n 
A 1 108 GLU 108 103 103 GLU GLU A . n 
# 
loop_
_pdbx_entity_instance_feature.ordinal 
_pdbx_entity_instance_feature.comp_id 
_pdbx_entity_instance_feature.asym_id 
_pdbx_entity_instance_feature.seq_num 
_pdbx_entity_instance_feature.auth_comp_id 
_pdbx_entity_instance_feature.auth_asym_id 
_pdbx_entity_instance_feature.auth_seq_num 
_pdbx_entity_instance_feature.feature_type 
_pdbx_entity_instance_feature.details 
1 EVB ? ? EVB ? ? 'SUBJECT OF INVESTIGATION' ? 
2 SPM ? ? SPM ? ? 'SUBJECT OF INVESTIGATION' ? 
# 
loop_
_pdbx_nonpoly_scheme.asym_id 
_pdbx_nonpoly_scheme.entity_id 
_pdbx_nonpoly_scheme.mon_id 
_pdbx_nonpoly_scheme.ndb_seq_num 
_pdbx_nonpoly_scheme.pdb_seq_num 
_pdbx_nonpoly_scheme.auth_seq_num 
_pdbx_nonpoly_scheme.pdb_mon_id 
_pdbx_nonpoly_scheme.auth_mon_id 
_pdbx_nonpoly_scheme.pdb_strand_id 
_pdbx_nonpoly_scheme.pdb_ins_code 
B 2 HEC 1 201 118 HEC HEM A . 
C 3 EVB 1 202 1   EVB SC8 A . 
D 3 EVB 1 203 2   EVB SC8 A . 
E 3 EVB 1 204 3   EVB SC8 A . 
F 4 SO4 1 205 1   SO4 SO4 A . 
G 4 SO4 1 206 2   SO4 SO4 A . 
H 4 SO4 1 207 3   SO4 SO4 A . 
I 4 SO4 1 208 4   SO4 SO4 A . 
J 4 SO4 1 209 5   SO4 SO4 A . 
K 4 SO4 1 210 6   SO4 SO4 A . 
L 4 SO4 1 211 7   SO4 SO4 A . 
M 4 SO4 1 212 8   SO4 SO4 A . 
N 4 SO4 1 213 9   SO4 SO4 A . 
O 5 SPM 1 214 1   SPM SPM A . 
P 5 SPM 1 215 2   SPM SPM A . 
Q 6 HOH 1 301 3   HOH HOH A . 
Q 6 HOH 2 302 8   HOH HOH A . 
Q 6 HOH 3 303 4   HOH HOH A . 
Q 6 HOH 4 304 9   HOH HOH A . 
Q 6 HOH 5 305 5   HOH HOH A . 
Q 6 HOH 6 306 1   HOH HOH A . 
Q 6 HOH 7 307 2   HOH HOH A . 
Q 6 HOH 8 308 6   HOH HOH A . 
Q 6 HOH 9 309 7   HOH HOH A . 
# 
loop_
_software.citation_id 
_software.classification 
_software.compiler_name 
_software.compiler_version 
_software.contact_author 
_software.contact_author_email 
_software.date 
_software.description 
_software.dependencies 
_software.hardware 
_software.language 
_software.location 
_software.mods 
_software.name 
_software.os 
_software.os_version 
_software.type 
_software.version 
_software.pdbx_ordinal 
? refinement        ? ? ?                    ?                           ?              ? ? ? ?   ? ? REFMAC      ? ? ?       .    
1 
? 'data reduction'  ? ? 'Andrew G.W. Leslie' andrew@mrc-lmb.cam.ac.uk    ?              ? ? ? ?   
http://www.mrc-lmb.cam.ac.uk/harry/mosflm/          ? MOSFLM      ? ? package .    2 
? 'data scaling'    ? ? 'Phil Evans'         ?                           ?              ? ? ? ?   
http://www.mrc-lmb.cam.ac.uk/harry/pre/aimless.html ? Aimless     ? ? program .    3 
? phasing           ? ? 'Randy J. Read'      cimr-phaser@lists.cam.ac.uk ?              ? ? ? ?   
http://www-structmed.cimr.cam.ac.uk/phaser/         ? PHASER      ? ? program .    4 
? 'data extraction' ? ? PDB                  deposit@deposit.rcsb.org    'Sep. 1, 2017' ? ? ? C++ 
http://sw-tools.pdb.org/apps/PDB_EXTRACT/           ? PDB_EXTRACT ? ? package 3.24 5 
# 
_cell.angle_alpha                  90.000 
_cell.angle_alpha_esd              ? 
_cell.angle_beta                   90.000 
_cell.angle_beta_esd               ? 
_cell.angle_gamma                  90.000 
_cell.angle_gamma_esd              ? 
_cell.entry_id                     6GDA 
_cell.details                      ? 
_cell.formula_units_Z              ? 
_cell.length_a                     101.252 
_cell.length_a_esd                 ? 
_cell.length_b                     101.252 
_cell.length_b_esd                 ? 
_cell.length_c                     85.310 
_cell.length_c_esd                 ? 
_cell.volume                       ? 
_cell.volume_esd                   ? 
_cell.Z_PDB                        8 
_cell.reciprocal_angle_alpha       ? 
_cell.reciprocal_angle_beta        ? 
_cell.reciprocal_angle_gamma       ? 
_cell.reciprocal_angle_alpha_esd   ? 
_cell.reciprocal_angle_beta_esd    ? 
_cell.reciprocal_angle_gamma_esd   ? 
_cell.reciprocal_length_a          ? 
_cell.reciprocal_length_b          ? 
_cell.reciprocal_length_c          ? 
_cell.reciprocal_length_a_esd      ? 
_cell.reciprocal_length_b_esd      ? 
_cell.reciprocal_length_c_esd      ? 
_cell.pdbx_unique_axis             ? 
# 
_symmetry.entry_id                         6GDA 
_symmetry.cell_setting                     ? 
_symmetry.Int_Tables_number                96 
_symmetry.space_group_name_Hall            ? 
_symmetry.space_group_name_H-M             'P 43 21 2' 
_symmetry.pdbx_full_space_group_name_H-M   ? 
# 
_exptl.absorpt_coefficient_mu     ? 
_exptl.absorpt_correction_T_max   ? 
_exptl.absorpt_correction_T_min   ? 
_exptl.absorpt_correction_type    ? 
_exptl.absorpt_process_details    ? 
_exptl.entry_id                   6GDA 
_exptl.crystals_number            1 
_exptl.details                    ? 
_exptl.method                     'X-RAY DIFFRACTION' 
_exptl.method_details             ? 
# 
_exptl_crystal.colour                      ? 
_exptl_crystal.density_diffrn              ? 
_exptl_crystal.density_Matthews            ? 
_exptl_crystal.density_method              ? 
_exptl_crystal.density_percent_sol         ? 
_exptl_crystal.description                 ? 
_exptl_crystal.F_000                       ? 
_exptl_crystal.id                          1 
_exptl_crystal.preparation                 ? 
_exptl_crystal.size_max                    ? 
_exptl_crystal.size_mid                    ? 
_exptl_crystal.size_min                    ? 
_exptl_crystal.size_rad                    ? 
_exptl_crystal.colour_lustre               ? 
_exptl_crystal.colour_modifier             ? 
_exptl_crystal.colour_primary              ? 
_exptl_crystal.density_meas                ? 
_exptl_crystal.density_meas_esd            ? 
_exptl_crystal.density_meas_gt             ? 
_exptl_crystal.density_meas_lt             ? 
_exptl_crystal.density_meas_temp           ? 
_exptl_crystal.density_meas_temp_esd       ? 
_exptl_crystal.density_meas_temp_gt        ? 
_exptl_crystal.density_meas_temp_lt        ? 
_exptl_crystal.pdbx_crystal_image_url      ? 
_exptl_crystal.pdbx_crystal_image_format   ? 
_exptl_crystal.pdbx_mosaicity              ? 
_exptl_crystal.pdbx_mosaicity_esd          ? 
# 
_exptl_crystal_grow.apparatus       ? 
_exptl_crystal_grow.atmosphere      ? 
_exptl_crystal_grow.crystal_id      1 
_exptl_crystal_grow.details         ? 
_exptl_crystal_grow.method          'VAPOR DIFFUSION, HANGING DROP' 
_exptl_crystal_grow.method_ref      ? 
_exptl_crystal_grow.pH              ? 
_exptl_crystal_grow.pressure        ? 
_exptl_crystal_grow.pressure_esd    ? 
_exptl_crystal_grow.seeding         ? 
_exptl_crystal_grow.seeding_ref     ? 
_exptl_crystal_grow.temp            293 
_exptl_crystal_grow.temp_details    ? 
_exptl_crystal_grow.temp_esd        ? 
_exptl_crystal_grow.time            ? 
_exptl_crystal_grow.pdbx_details    
;2.1 M ammonium sulfate
0.1 M MES pH 6.5
;
_exptl_crystal_grow.pdbx_pH_range   ? 
# 
_diffrn.ambient_environment    ? 
_diffrn.ambient_temp           100 
_diffrn.ambient_temp_details   ? 
_diffrn.ambient_temp_esd       ? 
_diffrn.crystal_id             1 
_diffrn.crystal_support        ? 
_diffrn.crystal_treatment      ? 
_diffrn.details                ? 
_diffrn.id                     1 
_diffrn.ambient_pressure       ? 
_diffrn.ambient_pressure_esd   ? 
_diffrn.ambient_pressure_gt    ? 
_diffrn.ambient_pressure_lt    ? 
_diffrn.ambient_temp_gt        ? 
_diffrn.ambient_temp_lt        ? 
# 
_diffrn_detector.details                      ? 
_diffrn_detector.detector                     PIXEL 
_diffrn_detector.diffrn_id                    1 
_diffrn_detector.type                         'DECTRIS EIGER X 9M' 
_diffrn_detector.area_resol_mean              ? 
_diffrn_detector.dtime                        ? 
_diffrn_detector.pdbx_frames_total            ? 
_diffrn_detector.pdbx_collection_time_total   ? 
_diffrn_detector.pdbx_collection_date         2017-09-09 
# 
_diffrn_radiation.collimation                      ? 
_diffrn_radiation.diffrn_id                        1 
_diffrn_radiation.filter_edge                      ? 
_diffrn_radiation.inhomogeneity                    ? 
_diffrn_radiation.monochromator                    ? 
_diffrn_radiation.polarisn_norm                    ? 
_diffrn_radiation.polarisn_ratio                   ? 
_diffrn_radiation.probe                            ? 
_diffrn_radiation.type                             ? 
_diffrn_radiation.xray_symbol                      ? 
_diffrn_radiation.wavelength_id                    1 
_diffrn_radiation.pdbx_monochromatic_or_laue_m_l   M 
_diffrn_radiation.pdbx_wavelength_list             ? 
_diffrn_radiation.pdbx_wavelength                  ? 
_diffrn_radiation.pdbx_diffrn_protocol             'SINGLE WAVELENGTH' 
_diffrn_radiation.pdbx_analyzer                    ? 
_diffrn_radiation.pdbx_scattering_type             x-ray 
# 
_diffrn_radiation_wavelength.id           1 
_diffrn_radiation_wavelength.wavelength   0.980 
_diffrn_radiation_wavelength.wt           1.0 
# 
_diffrn_source.current                     ? 
_diffrn_source.details                     ? 
_diffrn_source.diffrn_id                   1 
_diffrn_source.power                       ? 
_diffrn_source.size                        ? 
_diffrn_source.source                      SYNCHROTRON 
_diffrn_source.target                      ? 
_diffrn_source.type                        'SOLEIL BEAMLINE PROXIMA 2' 
_diffrn_source.voltage                     ? 
_diffrn_source.take-off_angle              ? 
_diffrn_source.pdbx_wavelength_list        0.980 
_diffrn_source.pdbx_wavelength             ? 
_diffrn_source.pdbx_synchrotron_beamline   'PROXIMA 2' 
_diffrn_source.pdbx_synchrotron_site       SOLEIL 
# 
_reflns.B_iso_Wilson_estimate            ? 
_reflns.entry_id                         6GDA 
_reflns.data_reduction_details           ? 
_reflns.data_reduction_method            ? 
_reflns.d_resolution_high                2.800 
_reflns.d_resolution_low                 85.310 
_reflns.details                          ? 
_reflns.limit_h_max                      ? 
_reflns.limit_h_min                      ? 
_reflns.limit_k_max                      ? 
_reflns.limit_k_min                      ? 
_reflns.limit_l_max                      ? 
_reflns.limit_l_min                      ? 
_reflns.number_all                       ? 
_reflns.number_obs                       11454 
_reflns.observed_criterion               ? 
_reflns.observed_criterion_F_max         ? 
_reflns.observed_criterion_F_min         ? 
_reflns.observed_criterion_I_max         ? 
_reflns.observed_criterion_I_min         ? 
_reflns.observed_criterion_sigma_F       ? 
_reflns.observed_criterion_sigma_I       ? 
_reflns.percent_possible_obs             100.000 
_reflns.R_free_details                   ? 
_reflns.Rmerge_F_all                     ? 
_reflns.Rmerge_F_obs                     ? 
_reflns.Friedel_coverage                 ? 
_reflns.number_gt                        ? 
_reflns.threshold_expression             ? 
_reflns.pdbx_redundancy                  8.200 
_reflns.pdbx_Rmerge_I_obs                0.123 
_reflns.pdbx_Rmerge_I_all                ? 
_reflns.pdbx_Rsym_value                  ? 
_reflns.pdbx_netI_over_av_sigmaI         ? 
_reflns.pdbx_netI_over_sigmaI            12.100 
_reflns.pdbx_res_netI_over_av_sigmaI_2   ? 
_reflns.pdbx_res_netI_over_sigmaI_2      ? 
_reflns.pdbx_chi_squared                 ? 
_reflns.pdbx_scaling_rejects             ? 
_reflns.pdbx_d_res_high_opt              ? 
_reflns.pdbx_d_res_low_opt               ? 
_reflns.pdbx_d_res_opt_method            ? 
_reflns.phase_calculation_details        ? 
_reflns.pdbx_Rrim_I_all                  0.131 
_reflns.pdbx_Rpim_I_all                  0.045 
_reflns.pdbx_d_opt                       ? 
_reflns.pdbx_number_measured_all         ? 
_reflns.pdbx_diffrn_id                   1 
_reflns.pdbx_ordinal                     1 
_reflns.pdbx_CC_half                     0.997 
_reflns.pdbx_R_split                     ? 
# 
loop_
_reflns_shell.d_res_high 
_reflns_shell.d_res_low 
_reflns_shell.meanI_over_sigI_all 
_reflns_shell.meanI_over_sigI_obs 
_reflns_shell.number_measured_all 
_reflns_shell.number_measured_obs 
_reflns_shell.number_possible 
_reflns_shell.number_unique_all 
_reflns_shell.number_unique_obs 
_reflns_shell.percent_possible_all 
_reflns_shell.percent_possible_obs 
_reflns_shell.Rmerge_F_all 
_reflns_shell.Rmerge_F_obs 
_reflns_shell.Rmerge_I_all 
_reflns_shell.Rmerge_I_obs 
_reflns_shell.meanI_over_sigI_gt 
_reflns_shell.meanI_over_uI_all 
_reflns_shell.meanI_over_uI_gt 
_reflns_shell.number_measured_gt 
_reflns_shell.number_unique_gt 
_reflns_shell.percent_possible_gt 
_reflns_shell.Rmerge_F_gt 
_reflns_shell.Rmerge_I_gt 
_reflns_shell.pdbx_redundancy 
_reflns_shell.pdbx_Rsym_value 
_reflns_shell.pdbx_chi_squared 
_reflns_shell.pdbx_netI_over_sigmaI_all 
_reflns_shell.pdbx_netI_over_sigmaI_obs 
_reflns_shell.pdbx_Rrim_I_all 
_reflns_shell.pdbx_Rpim_I_all 
_reflns_shell.pdbx_rejects 
_reflns_shell.pdbx_ordinal 
_reflns_shell.pdbx_diffrn_id 
_reflns_shell.pdbx_CC_half 
_reflns_shell.pdbx_R_split 
2.800 2.950  ? ? ? ? ? ? 1632 100.000 ? ? ? ? 0.666 ? ? ? ? ? ? ? ? 8.500 ? ? ? ? 0.710 0.243 ? 1 1 0.473 ? 
8.850 85.310 ? ? ? ? ? ? 437  100.000 ? ? ? ? 0.034 ? ? ? ? ? ? ? ? 7.300 ? ? ? ? 0.037 0.013 ? 2 1 0.999 ? 
# 
_refine.aniso_B[1][1]                            -1.4700 
_refine.aniso_B[1][2]                            0.0000 
_refine.aniso_B[1][3]                            0.0000 
_refine.aniso_B[2][2]                            -1.4700 
_refine.aniso_B[2][3]                            0.0000 
_refine.aniso_B[3][3]                            2.9400 
_refine.B_iso_max                                175.250 
_refine.B_iso_mean                               68.5160 
_refine.B_iso_min                                31.390 
_refine.correlation_coeff_Fo_to_Fc               0.9230 
_refine.correlation_coeff_Fo_to_Fc_free          0.9060 
_refine.details                                  
'HYDROGENS HAVE BEEN ADDED IN THE RIDING POSITIONS U VALUES      : REFINED INDIVIDUALLY' 
_refine.diff_density_max                         ? 
_refine.diff_density_max_esd                     ? 
_refine.diff_density_min                         ? 
_refine.diff_density_min_esd                     ? 
_refine.diff_density_rms                         ? 
_refine.diff_density_rms_esd                     ? 
_refine.entry_id                                 6GDA 
_refine.pdbx_refine_id                           'X-RAY DIFFRACTION' 
_refine.ls_abs_structure_details                 ? 
_refine.ls_abs_structure_Flack                   ? 
_refine.ls_abs_structure_Flack_esd               ? 
_refine.ls_abs_structure_Rogers                  ? 
_refine.ls_abs_structure_Rogers_esd              ? 
_refine.ls_d_res_high                            2.8000 
_refine.ls_d_res_low                             71.7000 
_refine.ls_extinction_coef                       ? 
_refine.ls_extinction_coef_esd                   ? 
_refine.ls_extinction_expression                 ? 
_refine.ls_extinction_method                     ? 
_refine.ls_goodness_of_fit_all                   ? 
_refine.ls_goodness_of_fit_all_esd               ? 
_refine.ls_goodness_of_fit_obs                   ? 
_refine.ls_goodness_of_fit_obs_esd               ? 
_refine.ls_hydrogen_treatment                    ? 
_refine.ls_matrix_type                           ? 
_refine.ls_number_constraints                    ? 
_refine.ls_number_parameters                     ? 
_refine.ls_number_reflns_all                     ? 
_refine.ls_number_reflns_obs                     10844 
_refine.ls_number_reflns_R_free                  570 
_refine.ls_number_reflns_R_work                  ? 
_refine.ls_number_restraints                     ? 
_refine.ls_percent_reflns_obs                    100.0000 
_refine.ls_percent_reflns_R_free                 5.0000 
_refine.ls_R_factor_all                          ? 
_refine.ls_R_factor_obs                          0.2230 
_refine.ls_R_factor_R_free                       0.2430 
_refine.ls_R_factor_R_free_error                 ? 
_refine.ls_R_factor_R_free_error_details         ? 
_refine.ls_R_factor_R_work                       0.2219 
_refine.ls_R_Fsqd_factor_obs                     ? 
_refine.ls_R_I_factor_obs                        ? 
_refine.ls_redundancy_reflns_all                 ? 
_refine.ls_redundancy_reflns_obs                 ? 
_refine.ls_restrained_S_all                      ? 
_refine.ls_restrained_S_obs                      ? 
_refine.ls_shift_over_esd_max                    ? 
_refine.ls_shift_over_esd_mean                   ? 
_refine.ls_structure_factor_coef                 ? 
_refine.ls_weighting_details                     ? 
_refine.ls_weighting_scheme                      ? 
_refine.ls_wR_factor_all                         ? 
_refine.ls_wR_factor_obs                         ? 
_refine.ls_wR_factor_R_free                      ? 
_refine.ls_wR_factor_R_work                      ? 
_refine.occupancy_max                            ? 
_refine.occupancy_min                            ? 
_refine.solvent_model_details                    ? 
_refine.solvent_model_param_bsol                 ? 
_refine.solvent_model_param_ksol                 ? 
_refine.ls_R_factor_gt                           ? 
_refine.ls_goodness_of_fit_gt                    ? 
_refine.ls_goodness_of_fit_ref                   ? 
_refine.ls_shift_over_su_max                     ? 
_refine.ls_shift_over_su_max_lt                  ? 
_refine.ls_shift_over_su_mean                    ? 
_refine.ls_shift_over_su_mean_lt                 ? 
_refine.pdbx_ls_sigma_I                          ? 
_refine.pdbx_ls_sigma_F                          0.000 
_refine.pdbx_ls_sigma_Fsqd                       ? 
_refine.pdbx_data_cutoff_high_absF               ? 
_refine.pdbx_data_cutoff_high_rms_absF           ? 
_refine.pdbx_data_cutoff_low_absF                ? 
_refine.pdbx_isotropic_thermal_model             ? 
_refine.pdbx_ls_cross_valid_method               THROUGHOUT 
_refine.pdbx_method_to_determine_struct          'MOLECULAR REPLACEMENT' 
_refine.pdbx_starting_model                      1YCC 
_refine.pdbx_stereochemistry_target_values       ? 
_refine.pdbx_R_Free_selection_details            RANDOM 
_refine.pdbx_stereochem_target_val_spec_case     ? 
_refine.pdbx_overall_ESU_R                       0.2940 
_refine.pdbx_overall_ESU_R_Free                  0.2360 
_refine.pdbx_solvent_vdw_probe_radii             1.2000 
_refine.pdbx_solvent_ion_probe_radii             0.8000 
_refine.pdbx_solvent_shrinkage_radii             0.8000 
_refine.pdbx_real_space_R                        ? 
_refine.pdbx_density_correlation                 ? 
_refine.pdbx_pd_number_of_powder_patterns        ? 
_refine.pdbx_pd_number_of_points                 ? 
_refine.pdbx_pd_meas_number_of_points            ? 
_refine.pdbx_pd_proc_ls_prof_R_factor            ? 
_refine.pdbx_pd_proc_ls_prof_wR_factor           ? 
_refine.pdbx_pd_Marquardt_correlation_coeff      ? 
_refine.pdbx_pd_Fsqrd_R_factor                   ? 
_refine.pdbx_pd_ls_matrix_band_width             ? 
_refine.pdbx_overall_phase_error                 ? 
_refine.pdbx_overall_SU_R_free_Cruickshank_DPI   ? 
_refine.pdbx_overall_SU_R_free_Blow_DPI          ? 
_refine.pdbx_overall_SU_R_Blow_DPI               ? 
_refine.pdbx_TLS_residual_ADP_flag               ? 
_refine.pdbx_diffrn_id                           1 
_refine.overall_SU_B                             10.1260 
_refine.overall_SU_ML                            0.1910 
_refine.overall_SU_R_Cruickshank_DPI             0.2942 
_refine.overall_SU_R_free                        ? 
_refine.overall_FOM_free_R_set                   ? 
_refine.overall_FOM_work_R_set                   ? 
_refine.pdbx_average_fsc_overall                 ? 
_refine.pdbx_average_fsc_work                    ? 
_refine.pdbx_average_fsc_free                    ? 
# 
_refine_hist.cycle_id                         final 
_refine_hist.pdbx_refine_id                   'X-RAY DIFFRACTION' 
_refine_hist.d_res_high                       2.8000 
_refine_hist.d_res_low                        71.7000 
_refine_hist.pdbx_number_atoms_ligand         404 
_refine_hist.number_atoms_solvent             9 
_refine_hist.number_atoms_total               1259 
_refine_hist.pdbx_number_residues_total       108 
_refine_hist.pdbx_B_iso_mean_ligand           90.23 
_refine_hist.pdbx_B_iso_mean_solvent          48.69 
_refine_hist.pdbx_number_atoms_protein        846 
_refine_hist.pdbx_number_atoms_nucleic_acid   0 
# 
loop_
_refine_ls_restr.pdbx_refine_id 
_refine_ls_restr.criterion 
_refine_ls_restr.dev_ideal 
_refine_ls_restr.dev_ideal_target 
_refine_ls_restr.number 
_refine_ls_restr.rejects 
_refine_ls_restr.type 
_refine_ls_restr.weight 
_refine_ls_restr.pdbx_restraint_function 
'X-RAY DIFFRACTION' ? 0.005  0.020  1290 ? r_bond_refined_d       ? ? 
'X-RAY DIFFRACTION' ? 0.002  0.020  990  ? r_bond_other_d         ? ? 
'X-RAY DIFFRACTION' ? 1.192  2.340  1821 ? r_angle_refined_deg    ? ? 
'X-RAY DIFFRACTION' ? 0.714  3.002  2295 ? r_angle_other_deg      ? ? 
'X-RAY DIFFRACTION' ? 5.189  5.000  107  ? r_dihedral_angle_1_deg ? ? 
'X-RAY DIFFRACTION' ? 29.912 24.595 37   ? r_dihedral_angle_2_deg ? ? 
'X-RAY DIFFRACTION' ? 13.424 15.000 163  ? r_dihedral_angle_3_deg ? ? 
'X-RAY DIFFRACTION' ? 10.923 15.000 3    ? r_dihedral_angle_4_deg ? ? 
'X-RAY DIFFRACTION' ? 0.065  0.200  154  ? r_chiral_restr         ? ? 
'X-RAY DIFFRACTION' ? 0.005  0.020  1258 ? r_gen_planes_refined   ? ? 
'X-RAY DIFFRACTION' ? 0.003  0.020  237  ? r_gen_planes_other     ? ? 
# 
_refine_ls_shell.pdbx_refine_id                   'X-RAY DIFFRACTION' 
_refine_ls_shell.d_res_high                       2.8000 
_refine_ls_shell.d_res_low                        2.8730 
_refine_ls_shell.number_reflns_all                828 
_refine_ls_shell.number_reflns_obs                ? 
_refine_ls_shell.number_reflns_R_free             37 
_refine_ls_shell.number_reflns_R_work             791 
_refine_ls_shell.percent_reflns_obs               100.0000 
_refine_ls_shell.percent_reflns_R_free            ? 
_refine_ls_shell.R_factor_all                     ? 
_refine_ls_shell.R_factor_obs                     ? 
_refine_ls_shell.R_factor_R_free                  0.3280 
_refine_ls_shell.R_factor_R_free_error            0.0000 
_refine_ls_shell.R_factor_R_work                  0.3620 
_refine_ls_shell.redundancy_reflns_all            ? 
_refine_ls_shell.redundancy_reflns_obs            ? 
_refine_ls_shell.wR_factor_all                    ? 
_refine_ls_shell.wR_factor_obs                    ? 
_refine_ls_shell.wR_factor_R_free                 ? 
_refine_ls_shell.wR_factor_R_work                 ? 
_refine_ls_shell.pdbx_total_number_of_bins_used   20 
_refine_ls_shell.pdbx_phase_error                 ? 
_refine_ls_shell.pdbx_fsc_work                    ? 
_refine_ls_shell.pdbx_fsc_free                    ? 
# 
_struct.entry_id                     6GDA 
_struct.title                        'Cytochrome c in complex with Sulfonato-calix[8]arene, P43212 form soaked with Spermine' 
_struct.pdbx_model_details           ? 
_struct.pdbx_formula_weight          ? 
_struct.pdbx_formula_weight_method   ? 
_struct.pdbx_model_type_details      ? 
_struct.pdbx_CASP_flag               N 
# 
_struct_keywords.entry_id        6GDA 
_struct_keywords.text            'calixarene, scaffold, supramolecular, assembly, OXIDOREDUCTASE' 
_struct_keywords.pdbx_keywords   OXIDOREDUCTASE 
# 
loop_
_struct_asym.id 
_struct_asym.pdbx_blank_PDB_chainid_flag 
_struct_asym.pdbx_modified 
_struct_asym.entity_id 
_struct_asym.details 
A N N 1 ? 
B N N 2 ? 
C N N 3 ? 
D N N 3 ? 
E N N 3 ? 
F N N 4 ? 
G N N 4 ? 
H N N 4 ? 
I N N 4 ? 
J N N 4 ? 
K N N 4 ? 
L N N 4 ? 
M N N 4 ? 
N N N 4 ? 
O N N 5 ? 
P N N 5 ? 
Q N N 6 ? 
# 
_struct_ref.id                         1 
_struct_ref.db_name                    UNP 
_struct_ref.db_code                    CYC1_YEAST 
_struct_ref.pdbx_db_accession          P00044 
_struct_ref.pdbx_db_isoform            ? 
_struct_ref.entity_id                  1 
_struct_ref.pdbx_seq_one_letter_code   
;EFKAGSAKKGATLFKTRCLQCHTVEKGGPHKVGPNLHGIFGRHSGQAEGYSYTDANIKKNVLWDENNMSEYLTNPKKYIP
GTKMAFGGLKKEKDRNDLITYLKKACE
;
_struct_ref.pdbx_align_begin           3 
# 
_struct_ref_seq.align_id                      1 
_struct_ref_seq.ref_id                        1 
_struct_ref_seq.pdbx_PDB_id_code              6GDA 
_struct_ref_seq.pdbx_strand_id                A 
_struct_ref_seq.seq_align_beg                 2 
_struct_ref_seq.pdbx_seq_align_beg_ins_code   ? 
_struct_ref_seq.seq_align_end                 108 
_struct_ref_seq.pdbx_seq_align_end_ins_code   ? 
_struct_ref_seq.pdbx_db_accession             P00044 
_struct_ref_seq.db_align_beg                  3 
_struct_ref_seq.pdbx_db_align_beg_ins_code    ? 
_struct_ref_seq.db_align_end                  109 
_struct_ref_seq.pdbx_db_align_end_ins_code    ? 
_struct_ref_seq.pdbx_auth_seq_align_beg       -4 
_struct_ref_seq.pdbx_auth_seq_align_end       103 
# 
loop_
_struct_ref_seq_dif.align_id 
_struct_ref_seq_dif.pdbx_pdb_id_code 
_struct_ref_seq_dif.mon_id 
_struct_ref_seq_dif.pdbx_pdb_strand_id 
_struct_ref_seq_dif.seq_num 
_struct_ref_seq_dif.pdbx_pdb_ins_code 
_struct_ref_seq_dif.pdbx_seq_db_name 
_struct_ref_seq_dif.pdbx_seq_db_accession_code 
_struct_ref_seq_dif.db_mon_id 
_struct_ref_seq_dif.pdbx_seq_db_seq_num 
_struct_ref_seq_dif.details 
_struct_ref_seq_dif.pdbx_auth_seq_num 
_struct_ref_seq_dif.pdbx_ordinal 
1 6GDA ALA A 1   ? UNP P00044 ?   ?   'expression tag'      -5  1 
1 6GDA THR A 107 ? UNP P00044 CYS 108 'engineered mutation' 102 2 
# 
_pdbx_struct_assembly.id                   1 
_pdbx_struct_assembly.details              author_and_software_defined_assembly 
_pdbx_struct_assembly.method_details       PISA 
_pdbx_struct_assembly.oligomeric_details   monomeric 
_pdbx_struct_assembly.oligomeric_count     1 
# 
loop_
_pdbx_struct_assembly_prop.biol_id 
_pdbx_struct_assembly_prop.type 
_pdbx_struct_assembly_prop.value 
_pdbx_struct_assembly_prop.details 
1 'ABSA (A^2)' 3320 ? 
1 MORE         -108 ? 
1 'SSA (A^2)'  8230 ? 
# 
_pdbx_struct_assembly_gen.assembly_id       1 
_pdbx_struct_assembly_gen.oper_expression   1 
_pdbx_struct_assembly_gen.asym_id_list      A,B,C,D,E,F,G,H,I,J,K,L,M,N,O,P,Q 
# 
_pdbx_struct_assembly_auth_evidence.id                     1 
_pdbx_struct_assembly_auth_evidence.assembly_id            1 
_pdbx_struct_assembly_auth_evidence.experimental_support   none 
_pdbx_struct_assembly_auth_evidence.details                ? 
# 
_pdbx_struct_oper_list.id                   1 
_pdbx_struct_oper_list.type                 'identity operation' 
_pdbx_struct_oper_list.name                 1_555 
_pdbx_struct_oper_list.symmetry_operation   x,y,z 
_pdbx_struct_oper_list.matrix[1][1]         1.0000000000 
_pdbx_struct_oper_list.matrix[1][2]         0.0000000000 
_pdbx_struct_oper_list.matrix[1][3]         0.0000000000 
_pdbx_struct_oper_list.vector[1]            0.0000000000 
_pdbx_struct_oper_list.matrix[2][1]         0.0000000000 
_pdbx_struct_oper_list.matrix[2][2]         1.0000000000 
_pdbx_struct_oper_list.matrix[2][3]         0.0000000000 
_pdbx_struct_oper_list.vector[2]            0.0000000000 
_pdbx_struct_oper_list.matrix[3][1]         0.0000000000 
_pdbx_struct_oper_list.matrix[3][2]         0.0000000000 
_pdbx_struct_oper_list.matrix[3][3]         1.0000000000 
_pdbx_struct_oper_list.vector[3]            0.0000000000 
# 
loop_
_struct_conf.conf_type_id 
_struct_conf.id 
_struct_conf.pdbx_PDB_helix_id 
_struct_conf.beg_label_comp_id 
_struct_conf.beg_label_asym_id 
_struct_conf.beg_label_seq_id 
_struct_conf.pdbx_beg_PDB_ins_code 
_struct_conf.end_label_comp_id 
_struct_conf.end_label_asym_id 
_struct_conf.end_label_seq_id 
_struct_conf.pdbx_end_PDB_ins_code 
_struct_conf.beg_auth_comp_id 
_struct_conf.beg_auth_asym_id 
_struct_conf.beg_auth_seq_id 
_struct_conf.end_auth_comp_id 
_struct_conf.end_auth_asym_id 
_struct_conf.end_auth_seq_id 
_struct_conf.pdbx_PDB_helix_class 
_struct_conf.details 
_struct_conf.pdbx_PDB_helix_length 
HELX_P HELX_P1 AA1 SER A 7  ? CYS A 19  ? SER A 2  CYS A 14  1 ? 13 
HELX_P HELX_P2 AA2 THR A 54 ? ASN A 61  ? THR A 49 ASN A 56  1 ? 8  
HELX_P HELX_P3 AA3 ASP A 65 ? ASN A 75  ? ASP A 60 ASN A 70  1 ? 11 
HELX_P HELX_P4 AA4 ASN A 75 ? ILE A 80  ? ASN A 70 ILE A 75  1 ? 6  
HELX_P HELX_P5 AA5 LYS A 92 ? THR A 107 ? LYS A 87 THR A 102 1 ? 16 
# 
_struct_conf_type.id          HELX_P 
_struct_conf_type.criteria    ? 
_struct_conf_type.reference   ? 
# 
loop_
_struct_conn.id 
_struct_conn.conn_type_id 
_struct_conn.pdbx_leaving_atom_flag 
_struct_conn.pdbx_PDB_id 
_struct_conn.ptnr1_label_asym_id 
_struct_conn.ptnr1_label_comp_id 
_struct_conn.ptnr1_label_seq_id 
_struct_conn.ptnr1_label_atom_id 
_struct_conn.pdbx_ptnr1_label_alt_id 
_struct_conn.pdbx_ptnr1_PDB_ins_code 
_struct_conn.pdbx_ptnr1_standard_comp_id 
_struct_conn.ptnr1_symmetry 
_struct_conn.ptnr2_label_asym_id 
_struct_conn.ptnr2_label_comp_id 
_struct_conn.ptnr2_label_seq_id 
_struct_conn.ptnr2_label_atom_id 
_struct_conn.pdbx_ptnr2_label_alt_id 
_struct_conn.pdbx_ptnr2_PDB_ins_code 
_struct_conn.ptnr1_auth_asym_id 
_struct_conn.ptnr1_auth_comp_id 
_struct_conn.ptnr1_auth_seq_id 
_struct_conn.ptnr2_auth_asym_id 
_struct_conn.ptnr2_auth_comp_id 
_struct_conn.ptnr2_auth_seq_id 
_struct_conn.ptnr2_symmetry 
_struct_conn.pdbx_ptnr3_label_atom_id 
_struct_conn.pdbx_ptnr3_label_seq_id 
_struct_conn.pdbx_ptnr3_label_comp_id 
_struct_conn.pdbx_ptnr3_label_asym_id 
_struct_conn.pdbx_ptnr3_label_alt_id 
_struct_conn.pdbx_ptnr3_PDB_ins_code 
_struct_conn.details 
_struct_conn.pdbx_dist_value 
_struct_conn.pdbx_value_order 
_struct_conn.pdbx_role 
covale1 covale none ? A CYS 19 SG  ? ? ? 1_555 B HEC . CAB ? ? A CYS 14 A HEC 201 1_555 ? ? ? ? ? ? ? 1.712 ? ? 
covale2 covale none ? A CYS 22 SG  ? ? ? 1_555 B HEC . CAC ? ? A CYS 17 A HEC 201 1_555 ? ? ? ? ? ? ? 1.731 ? ? 
metalc1 metalc ?    ? A HIS 23 NE2 ? ? ? 1_555 B HEC . FE  ? ? A HIS 18 A HEC 201 1_555 ? ? ? ? ? ? ? 2.157 ? ? 
metalc2 metalc ?    ? A MET 85 SD  ? ? ? 1_555 B HEC . FE  ? ? A MET 80 A HEC 201 1_555 ? ? ? ? ? ? ? 2.381 ? ? 
# 
loop_
_struct_conn_type.id 
_struct_conn_type.criteria 
_struct_conn_type.reference 
covale ? ? 
metalc ? ? 
# 
loop_
_pdbx_struct_conn_angle.id 
_pdbx_struct_conn_angle.ptnr1_label_atom_id 
_pdbx_struct_conn_angle.ptnr1_label_alt_id 
_pdbx_struct_conn_angle.ptnr1_label_asym_id 
_pdbx_struct_conn_angle.ptnr1_label_comp_id 
_pdbx_struct_conn_angle.ptnr1_label_seq_id 
_pdbx_struct_conn_angle.ptnr1_auth_atom_id 
_pdbx_struct_conn_angle.ptnr1_auth_asym_id 
_pdbx_struct_conn_angle.ptnr1_auth_comp_id 
_pdbx_struct_conn_angle.ptnr1_auth_seq_id 
_pdbx_struct_conn_angle.ptnr1_PDB_ins_code 
_pdbx_struct_conn_angle.ptnr1_symmetry 
_pdbx_struct_conn_angle.ptnr2_label_atom_id 
_pdbx_struct_conn_angle.ptnr2_label_alt_id 
_pdbx_struct_conn_angle.ptnr2_label_asym_id 
_pdbx_struct_conn_angle.ptnr2_label_comp_id 
_pdbx_struct_conn_angle.ptnr2_label_seq_id 
_pdbx_struct_conn_angle.ptnr2_auth_atom_id 
_pdbx_struct_conn_angle.ptnr2_auth_asym_id 
_pdbx_struct_conn_angle.ptnr2_auth_comp_id 
_pdbx_struct_conn_angle.ptnr2_auth_seq_id 
_pdbx_struct_conn_angle.ptnr2_PDB_ins_code 
_pdbx_struct_conn_angle.ptnr2_symmetry 
_pdbx_struct_conn_angle.ptnr3_label_atom_id 
_pdbx_struct_conn_angle.ptnr3_label_alt_id 
_pdbx_struct_conn_angle.ptnr3_label_asym_id 
_pdbx_struct_conn_angle.ptnr3_label_comp_id 
_pdbx_struct_conn_angle.ptnr3_label_seq_id 
_pdbx_struct_conn_angle.ptnr3_auth_atom_id 
_pdbx_struct_conn_angle.ptnr3_auth_asym_id 
_pdbx_struct_conn_angle.ptnr3_auth_comp_id 
_pdbx_struct_conn_angle.ptnr3_auth_seq_id 
_pdbx_struct_conn_angle.ptnr3_PDB_ins_code 
_pdbx_struct_conn_angle.ptnr3_symmetry 
_pdbx_struct_conn_angle.value 
_pdbx_struct_conn_angle.value_esd 
1  NE2 ? A HIS 23 ? A HIS 18  ? 1_555 FE ? B HEC . ? A HEC 201 ? 1_555 NA ? B HEC .  ? A HEC 201 ? 1_555 89.9  ? 
2  NE2 ? A HIS 23 ? A HIS 18  ? 1_555 FE ? B HEC . ? A HEC 201 ? 1_555 NB ? B HEC .  ? A HEC 201 ? 1_555 93.4  ? 
3  NA  ? B HEC .  ? A HEC 201 ? 1_555 FE ? B HEC . ? A HEC 201 ? 1_555 NB ? B HEC .  ? A HEC 201 ? 1_555 88.2  ? 
4  NE2 ? A HIS 23 ? A HIS 18  ? 1_555 FE ? B HEC . ? A HEC 201 ? 1_555 NC ? B HEC .  ? A HEC 201 ? 1_555 87.3  ? 
5  NA  ? B HEC .  ? A HEC 201 ? 1_555 FE ? B HEC . ? A HEC 201 ? 1_555 NC ? B HEC .  ? A HEC 201 ? 1_555 174.0 ? 
6  NB  ? B HEC .  ? A HEC 201 ? 1_555 FE ? B HEC . ? A HEC 201 ? 1_555 NC ? B HEC .  ? A HEC 201 ? 1_555 86.7  ? 
7  NE2 ? A HIS 23 ? A HIS 18  ? 1_555 FE ? B HEC . ? A HEC 201 ? 1_555 ND ? B HEC .  ? A HEC 201 ? 1_555 84.7  ? 
8  NA  ? B HEC .  ? A HEC 201 ? 1_555 FE ? B HEC . ? A HEC 201 ? 1_555 ND ? B HEC .  ? A HEC 201 ? 1_555 93.3  ? 
9  NB  ? B HEC .  ? A HEC 201 ? 1_555 FE ? B HEC . ? A HEC 201 ? 1_555 ND ? B HEC .  ? A HEC 201 ? 1_555 177.6 ? 
10 NC  ? B HEC .  ? A HEC 201 ? 1_555 FE ? B HEC . ? A HEC 201 ? 1_555 ND ? B HEC .  ? A HEC 201 ? 1_555 91.7  ? 
11 NE2 ? A HIS 23 ? A HIS 18  ? 1_555 FE ? B HEC . ? A HEC 201 ? 1_555 SD ? A MET 85 ? A MET 80  ? 1_555 165.8 ? 
12 NA  ? B HEC .  ? A HEC 201 ? 1_555 FE ? B HEC . ? A HEC 201 ? 1_555 SD ? A MET 85 ? A MET 80  ? 1_555 88.6  ? 
13 NB  ? B HEC .  ? A HEC 201 ? 1_555 FE ? B HEC . ? A HEC 201 ? 1_555 SD ? A MET 85 ? A MET 80  ? 1_555 100.6 ? 
14 NC  ? B HEC .  ? A HEC 201 ? 1_555 FE ? B HEC . ? A HEC 201 ? 1_555 SD ? A MET 85 ? A MET 80  ? 1_555 95.4  ? 
15 ND  ? B HEC .  ? A HEC 201 ? 1_555 FE ? B HEC . ? A HEC 201 ? 1_555 SD ? A MET 85 ? A MET 80  ? 1_555 81.3  ? 
# 
loop_
_pdbx_modification_feature.ordinal 
_pdbx_modification_feature.label_comp_id 
_pdbx_modification_feature.label_asym_id 
_pdbx_modification_feature.label_seq_id 
_pdbx_modification_feature.label_alt_id 
_pdbx_modification_feature.modified_residue_label_comp_id 
_pdbx_modification_feature.modified_residue_label_asym_id 
_pdbx_modification_feature.modified_residue_label_seq_id 
_pdbx_modification_feature.modified_residue_label_alt_id 
_pdbx_modification_feature.auth_comp_id 
_pdbx_modification_feature.auth_asym_id 
_pdbx_modification_feature.auth_seq_id 
_pdbx_modification_feature.PDB_ins_code 
_pdbx_modification_feature.symmetry 
_pdbx_modification_feature.modified_residue_auth_comp_id 
_pdbx_modification_feature.modified_residue_auth_asym_id 
_pdbx_modification_feature.modified_residue_auth_seq_id 
_pdbx_modification_feature.modified_residue_PDB_ins_code 
_pdbx_modification_feature.modified_residue_symmetry 
_pdbx_modification_feature.comp_id_linking_atom 
_pdbx_modification_feature.modified_residue_id_linking_atom 
_pdbx_modification_feature.modified_residue_id 
_pdbx_modification_feature.ref_pcm_id 
_pdbx_modification_feature.ref_comp_id 
_pdbx_modification_feature.type 
_pdbx_modification_feature.category 
1 HEC B . ? CYS A 19 ? HEC A 201 ? 1_555 CYS A 14 ? 1_555 CAB SG CYS 2 HEC None Heme/heme-like 
2 HEC B . ? CYS A 22 ? HEC A 201 ? 1_555 CYS A 17 ? 1_555 CAC SG CYS 3 HEC None Heme/heme-like 
# 
loop_
_struct_site.id 
_struct_site.pdbx_evidence_code 
_struct_site.pdbx_auth_asym_id 
_struct_site.pdbx_auth_comp_id 
_struct_site.pdbx_auth_seq_id 
_struct_site.pdbx_auth_ins_code 
_struct_site.pdbx_num_residues 
_struct_site.details 
AC1 Software A HEC 201 ? 21 'binding site for residue HEC A 201' 
AC2 Software A EVB 202 ? 17 'binding site for residue EVB A 202' 
AC3 Software A EVB 203 ? 12 'binding site for residue EVB A 203' 
AC4 Software A EVB 204 ? 10 'binding site for residue EVB A 204' 
AC5 Software A SO4 205 ? 3  'binding site for residue SO4 A 205' 
AC6 Software A SO4 206 ? 2  'binding site for residue SO4 A 206' 
AC7 Software A SO4 207 ? 1  'binding site for residue SO4 A 207' 
AC8 Software A SO4 208 ? 2  'binding site for residue SO4 A 208' 
AC9 Software A SO4 209 ? 4  'binding site for residue SO4 A 209' 
AD1 Software A SO4 210 ? 1  'binding site for residue SO4 A 210' 
AD2 Software A SO4 211 ? 5  'binding site for residue SO4 A 211' 
AD3 Software A SO4 212 ? 1  'binding site for residue SO4 A 212' 
AD4 Software A SO4 213 ? 1  'binding site for residue SO4 A 213' 
AD5 Software A SPM 214 ? 2  'binding site for residue SPM A 214' 
AD6 Software A SPM 215 ? 2  'binding site for residue SPM A 215' 
# 
loop_
_struct_site_gen.id 
_struct_site_gen.site_id 
_struct_site_gen.pdbx_num_res 
_struct_site_gen.label_comp_id 
_struct_site_gen.label_asym_id 
_struct_site_gen.label_seq_id 
_struct_site_gen.pdbx_auth_ins_code 
_struct_site_gen.auth_comp_id 
_struct_site_gen.auth_asym_id 
_struct_site_gen.auth_seq_id 
_struct_site_gen.label_atom_id 
_struct_site_gen.label_alt_id 
_struct_site_gen.symmetry 
_struct_site_gen.details 
1  AC1 21 ARG A 18  ? ARG A 13  . ? 1_555 ? 
2  AC1 21 CYS A 19  ? CYS A 14  . ? 1_555 ? 
3  AC1 21 CYS A 22  ? CYS A 17  . ? 1_555 ? 
4  AC1 21 HIS A 23  ? HIS A 18  . ? 1_555 ? 
5  AC1 21 GLY A 34  ? GLY A 29  . ? 1_555 ? 
6  AC1 21 ILE A 40  ? ILE A 35  . ? 1_555 ? 
7  AC1 21 SER A 45  ? SER A 40  . ? 1_555 ? 
8  AC1 21 GLY A 46  ? GLY A 41  . ? 1_555 ? 
9  AC1 21 TYR A 51  ? TYR A 46  . ? 1_555 ? 
10 AC1 21 TYR A 53  ? TYR A 48  . ? 1_555 ? 
11 AC1 21 THR A 54  ? THR A 49  . ? 1_555 ? 
12 AC1 21 ASN A 57  ? ASN A 52  . ? 1_555 ? 
13 AC1 21 TRP A 64  ? TRP A 59  . ? 1_555 ? 
14 AC1 21 MET A 69  ? MET A 64  . ? 1_555 ? 
15 AC1 21 TYR A 72  ? TYR A 67  . ? 1_555 ? 
16 AC1 21 LEU A 73  ? LEU A 68  . ? 1_555 ? 
17 AC1 21 THR A 83  ? THR A 78  . ? 1_555 ? 
18 AC1 21 LYS A 84  ? LYS A 79  . ? 1_555 ? 
19 AC1 21 MET A 85  ? MET A 80  . ? 1_555 ? 
20 AC1 21 PHE A 87  ? PHE A 82  . ? 1_555 ? 
21 AC1 21 HOH Q .   ? HOH A 303 . ? 1_555 ? 
22 AC2 17 LYS A 16  ? LYS A 11  . ? 1_555 ? 
23 AC2 17 THR A 17  ? THR A 12  . ? 1_555 ? 
24 AC2 17 LEU A 20  ? LEU A 15  . ? 1_555 ? 
25 AC2 17 GLN A 21  ? GLN A 16  . ? 1_555 ? 
26 AC2 17 THR A 24  ? THR A 19  . ? 1_555 ? 
27 AC2 17 GLU A 26  ? GLU A 21  . ? 1_555 ? 
28 AC2 17 PRO A 30  ? PRO A 25  . ? 1_555 ? 
29 AC2 17 HIS A 31  ? HIS A 26  . ? 1_555 ? 
30 AC2 17 LYS A 32  ? LYS A 27  . ? 1_555 ? 
31 AC2 17 HIS A 44  ? HIS A 39  . ? 4_445 ? 
32 AC2 17 GLY A 46  ? GLY A 41  . ? 4_445 ? 
33 AC2 17 GLN A 47  ? GLN A 42  . ? 4_445 ? 
34 AC2 17 TYR A 51  ? TYR A 46  . ? 4_445 ? 
35 AC2 17 TYR A 53  ? TYR A 48  . ? 4_445 ? 
36 AC2 17 ILE A 58  ? ILE A 53  . ? 4_445 ? 
37 AC2 17 LYS A 59  ? LYS A 54  . ? 4_445 ? 
38 AC2 17 ASN A 61  ? ASN A 56  . ? 4_445 ? 
39 AC3 12 ALA A 5   ? ALA A -1  . ? 1_555 ? 
40 AC3 12 ALA A 8   ? ALA A 3   . ? 1_555 ? 
41 AC3 12 LYS A 9   ? LYS A 4   . ? 7_555 ? 
42 AC3 12 LYS A 9   ? LYS A 4   . ? 1_555 ? 
43 AC3 12 LYS A 10  ? LYS A 5   . ? 7_555 ? 
44 AC3 12 ALA A 12  ? ALA A 7   . ? 1_555 ? 
45 AC3 12 THR A 13  ? THR A 8   . ? 7_555 ? 
46 AC3 12 THR A 101 ? THR A 96  . ? 1_555 ? 
47 AC3 12 TYR A 102 ? TYR A 97  . ? 1_555 ? 
48 AC3 12 LYS A 105 ? LYS A 100 . ? 1_555 ? 
49 AC3 12 SPM O .   ? SPM A 214 . ? 1_555 ? 
50 AC3 12 SPM P .   ? SPM A 215 . ? 1_555 ? 
51 AC4 10 ARG A 18  ? ARG A 13  . ? 1_555 ? 
52 AC4 10 ASN A 75  ? ASN A 70  . ? 1_555 ? 
53 AC4 10 LYS A 77  ? LYS A 72  . ? 1_555 ? 
54 AC4 10 LYS A 78  ? LYS A 73  . ? 1_555 ? 
55 AC4 10 PRO A 81  ? PRO A 76  . ? 1_555 ? 
56 AC4 10 PHE A 87  ? PHE A 82  . ? 1_555 ? 
57 AC4 10 GLY A 88  ? GLY A 83  . ? 1_555 ? 
58 AC4 10 GLY A 89  ? GLY A 84  . ? 1_555 ? 
59 AC4 10 LEU A 90  ? LEU A 85  . ? 1_555 ? 
60 AC4 10 LYS A 91  ? LYS A 86  . ? 1_555 ? 
61 AC5 3  THR A 54  ? THR A 49  . ? 1_555 ? 
62 AC5 3  ASP A 55  ? ASP A 50  . ? 1_555 ? 
63 AC5 3  HOH Q .   ? HOH A 304 . ? 1_555 ? 
64 AC6 2  LYS A 27  ? LYS A 22  . ? 1_555 ? 
65 AC6 2  HIS A 38  ? HIS A 33  . ? 1_555 ? 
66 AC7 1  ARG A 43  ? ARG A 38  . ? 1_555 ? 
67 AC8 2  GLU A 49  ? GLU A 44  . ? 1_555 ? 
68 AC8 2  GLY A 50  ? GLY A 45  . ? 1_555 ? 
69 AC9 4  LYS A 91  ? LYS A 86  . ? 1_555 ? 
70 AC9 4  LYS A 92  ? LYS A 87  . ? 1_555 ? 
71 AC9 4  GLU A 93  ? GLU A 88  . ? 1_555 ? 
72 AC9 4  SO4 L .   ? SO4 A 211 . ? 1_555 ? 
73 AD1 1  LYS A 60  ? LYS A 55  . ? 1_555 ? 
74 AD2 5  GLU A 2   ? GLU A -4  . ? 1_555 ? 
75 AD2 5  ALA A 1   ? ALA A -5  . ? 1_555 ? 
76 AD2 5  GLU A 93  ? GLU A 88  . ? 1_555 ? 
77 AD2 5  ARG A 96  ? ARG A 91  . ? 1_555 ? 
78 AD2 5  SO4 J .   ? SO4 A 209 . ? 1_555 ? 
79 AD3 1  SPM O .   ? SPM A 214 . ? 1_555 ? 
80 AD4 1  SPM P .   ? SPM A 215 . ? 1_555 ? 
81 AD5 2  EVB D .   ? EVB A 203 . ? 1_555 ? 
82 AD5 2  SO4 M .   ? SO4 A 212 . ? 1_555 ? 
83 AD6 2  EVB D .   ? EVB A 203 . ? 1_555 ? 
84 AD6 2  SO4 N .   ? SO4 A 213 . ? 1_555 ? 
# 
_pdbx_entry_details.entry_id                   6GDA 
_pdbx_entry_details.compound_details           ? 
_pdbx_entry_details.source_details             ? 
_pdbx_entry_details.nonpolymer_details         ? 
_pdbx_entry_details.sequence_details           ? 
_pdbx_entry_details.has_ligand_of_interest     ? 
_pdbx_entry_details.has_protein_modification   Y 
# 
loop_
_pdbx_validate_close_contact.id 
_pdbx_validate_close_contact.PDB_model_num 
_pdbx_validate_close_contact.auth_atom_id_1 
_pdbx_validate_close_contact.auth_asym_id_1 
_pdbx_validate_close_contact.auth_comp_id_1 
_pdbx_validate_close_contact.auth_seq_id_1 
_pdbx_validate_close_contact.PDB_ins_code_1 
_pdbx_validate_close_contact.label_alt_id_1 
_pdbx_validate_close_contact.auth_atom_id_2 
_pdbx_validate_close_contact.auth_asym_id_2 
_pdbx_validate_close_contact.auth_comp_id_2 
_pdbx_validate_close_contact.auth_seq_id_2 
_pdbx_validate_close_contact.PDB_ins_code_2 
_pdbx_validate_close_contact.label_alt_id_2 
_pdbx_validate_close_contact.dist 
1 1 SG A CYS 14 ? ? CBB A HEC 201 ? ? 1.94 
2 1 SG A CYS 17 ? ? CBC A HEC 201 ? ? 2.13 
# 
loop_
_pdbx_validate_torsion.id 
_pdbx_validate_torsion.PDB_model_num 
_pdbx_validate_torsion.auth_comp_id 
_pdbx_validate_torsion.auth_asym_id 
_pdbx_validate_torsion.auth_seq_id 
_pdbx_validate_torsion.PDB_ins_code 
_pdbx_validate_torsion.label_alt_id 
_pdbx_validate_torsion.phi 
_pdbx_validate_torsion.psi 
1 1 GLU A -4 ? ? -151.35 60.01   
2 1 LYS A 27 ? ? -108.44 -131.50 
3 1 MET A 80 ? ? -69.98  93.83   
# 
_phasing.method   MR 
# 
loop_
_chem_comp_atom.comp_id 
_chem_comp_atom.atom_id 
_chem_comp_atom.type_symbol 
_chem_comp_atom.pdbx_aromatic_flag 
_chem_comp_atom.pdbx_stereo_config 
_chem_comp_atom.pdbx_ordinal 
ALA N    N  N N 1   
ALA CA   C  N S 2   
ALA C    C  N N 3   
ALA O    O  N N 4   
ALA CB   C  N N 5   
ALA OXT  O  N N 6   
ALA H    H  N N 7   
ALA H2   H  N N 8   
ALA HA   H  N N 9   
ALA HB1  H  N N 10  
ALA HB2  H  N N 11  
ALA HB3  H  N N 12  
ALA HXT  H  N N 13  
ARG N    N  N N 14  
ARG CA   C  N S 15  
ARG C    C  N N 16  
ARG O    O  N N 17  
ARG CB   C  N N 18  
ARG CG   C  N N 19  
ARG CD   C  N N 20  
ARG NE   N  N N 21  
ARG CZ   C  N N 22  
ARG NH1  N  N N 23  
ARG NH2  N  N N 24  
ARG OXT  O  N N 25  
ARG H    H  N N 26  
ARG H2   H  N N 27  
ARG HA   H  N N 28  
ARG HB2  H  N N 29  
ARG HB3  H  N N 30  
ARG HG2  H  N N 31  
ARG HG3  H  N N 32  
ARG HD2  H  N N 33  
ARG HD3  H  N N 34  
ARG HE   H  N N 35  
ARG HH11 H  N N 36  
ARG HH12 H  N N 37  
ARG HH21 H  N N 38  
ARG HH22 H  N N 39  
ARG HXT  H  N N 40  
ASN N    N  N N 41  
ASN CA   C  N S 42  
ASN C    C  N N 43  
ASN O    O  N N 44  
ASN CB   C  N N 45  
ASN CG   C  N N 46  
ASN OD1  O  N N 47  
ASN ND2  N  N N 48  
ASN OXT  O  N N 49  
ASN H    H  N N 50  
ASN H2   H  N N 51  
ASN HA   H  N N 52  
ASN HB2  H  N N 53  
ASN HB3  H  N N 54  
ASN HD21 H  N N 55  
ASN HD22 H  N N 56  
ASN HXT  H  N N 57  
ASP N    N  N N 58  
ASP CA   C  N S 59  
ASP C    C  N N 60  
ASP O    O  N N 61  
ASP CB   C  N N 62  
ASP CG   C  N N 63  
ASP OD1  O  N N 64  
ASP OD2  O  N N 65  
ASP OXT  O  N N 66  
ASP H    H  N N 67  
ASP H2   H  N N 68  
ASP HA   H  N N 69  
ASP HB2  H  N N 70  
ASP HB3  H  N N 71  
ASP HD2  H  N N 72  
ASP HXT  H  N N 73  
CYS N    N  N N 74  
CYS CA   C  N R 75  
CYS C    C  N N 76  
CYS O    O  N N 77  
CYS CB   C  N N 78  
CYS SG   S  N N 79  
CYS OXT  O  N N 80  
CYS H    H  N N 81  
CYS H2   H  N N 82  
CYS HA   H  N N 83  
CYS HB2  H  N N 84  
CYS HB3  H  N N 85  
CYS HG   H  N N 86  
CYS HXT  H  N N 87  
EVB C11  C  Y N 88  
EVB C12  C  Y N 89  
EVB C13  C  Y N 90  
EVB C14  C  N N 91  
EVB C15  C  N N 92  
EVB C17  C  Y N 93  
EVB C18  C  Y N 94  
EVB C19  C  Y N 95  
EVB C20  C  Y N 96  
EVB C21  C  Y N 97  
EVB C22  C  Y N 98  
EVB C23  C  Y N 99  
EVB C1   C  Y N 100 
EVB C2   C  Y N 101 
EVB C3   C  Y N 102 
EVB C4   C  Y N 103 
EVB C5   C  Y N 104 
EVB C6   C  Y N 105 
EVB C7   C  N N 106 
EVB C8   C  Y N 107 
EVB C9   C  Y N 108 
EVB C10  C  Y N 109 
EVB C16  C  Y N 110 
EVB C24  C  Y N 111 
EVB C25  C  Y N 112 
EVB C26  C  Y N 113 
EVB C27  C  Y N 114 
EVB C28  C  N N 115 
EVB C29  C  N N 116 
EVB C30  C  Y N 117 
EVB C31  C  Y N 118 
EVB C32  C  Y N 119 
EVB C33  C  Y N 120 
EVB C34  C  Y N 121 
EVB C35  C  Y N 122 
EVB C36  C  Y N 123 
EVB C37  C  Y N 124 
EVB C38  C  Y N 125 
EVB C39  C  Y N 126 
EVB C40  C  Y N 127 
EVB C41  C  Y N 128 
EVB C42  C  N N 129 
EVB C43  C  N N 130 
EVB C44  C  Y N 131 
EVB C45  C  Y N 132 
EVB C46  C  Y N 133 
EVB C47  C  Y N 134 
EVB C48  C  Y N 135 
EVB C49  C  Y N 136 
EVB C50  C  Y N 137 
EVB C51  C  Y N 138 
EVB C52  C  Y N 139 
EVB C53  C  Y N 140 
EVB C54  C  Y N 141 
EVB C55  C  Y N 142 
EVB O1   O  N N 143 
EVB O2   O  N N 144 
EVB O3   O  N N 145 
EVB O4   O  N N 146 
EVB O5   O  N N 147 
EVB O6   O  N N 148 
EVB O7   O  N N 149 
EVB O8   O  N N 150 
EVB S64  S  N N 151 
EVB S65  S  N N 152 
EVB S66  S  N N 153 
EVB S67  S  N N 154 
EVB S68  S  N N 155 
EVB S69  S  N N 156 
EVB S70  S  N N 157 
EVB S71  S  N N 158 
EVB C72  C  N N 159 
EVB O9   O  N N 160 
EVB O10  O  N N 161 
EVB O11  O  N N 162 
EVB O12  O  N N 163 
EVB O13  O  N N 164 
EVB O14  O  N N 165 
EVB O15  O  N N 166 
EVB O16  O  N N 167 
EVB O17  O  N N 168 
EVB O18  O  N N 169 
EVB O19  O  N N 170 
EVB O20  O  N N 171 
EVB O21  O  N N 172 
EVB O22  O  N N 173 
EVB O23  O  N N 174 
EVB O24  O  N N 175 
EVB O25  O  N N 176 
EVB O26  O  N N 177 
EVB O27  O  N N 178 
EVB O28  O  N N 179 
EVB O29  O  N N 180 
EVB O30  O  N N 181 
EVB O31  O  N N 182 
EVB O32  O  N N 183 
EVB H1   H  N N 184 
EVB H2   H  N N 185 
EVB H3   H  N N 186 
EVB H4   H  N N 187 
EVB H5   H  N N 188 
EVB H6   H  N N 189 
EVB H7   H  N N 190 
EVB H8   H  N N 191 
EVB H9   H  N N 192 
EVB H10  H  N N 193 
EVB H11  H  N N 194 
EVB H12  H  N N 195 
EVB H13  H  N N 196 
EVB H14  H  N N 197 
EVB H15  H  N N 198 
EVB H16  H  N N 199 
EVB H17  H  N N 200 
EVB H18  H  N N 201 
EVB H19  H  N N 202 
EVB H20  H  N N 203 
EVB H21  H  N N 204 
EVB H22  H  N N 205 
EVB H23  H  N N 206 
EVB H24  H  N N 207 
EVB H25  H  N N 208 
EVB H26  H  N N 209 
EVB H27  H  N N 210 
EVB H28  H  N N 211 
EVB H29  H  N N 212 
EVB H30  H  N N 213 
EVB H31  H  N N 214 
EVB H32  H  N N 215 
EVB H33  H  N N 216 
EVB H34  H  N N 217 
EVB H35  H  N N 218 
EVB H36  H  N N 219 
EVB H37  H  N N 220 
EVB H38  H  N N 221 
EVB H39  H  N N 222 
EVB H40  H  N N 223 
EVB H41  H  N N 224 
EVB H42  H  N N 225 
EVB H43  H  N N 226 
EVB H44  H  N N 227 
EVB H45  H  N N 228 
EVB H46  H  N N 229 
EVB H47  H  N N 230 
EVB H48  H  N N 231 
GLN N    N  N N 232 
GLN CA   C  N S 233 
GLN C    C  N N 234 
GLN O    O  N N 235 
GLN CB   C  N N 236 
GLN CG   C  N N 237 
GLN CD   C  N N 238 
GLN OE1  O  N N 239 
GLN NE2  N  N N 240 
GLN OXT  O  N N 241 
GLN H    H  N N 242 
GLN H2   H  N N 243 
GLN HA   H  N N 244 
GLN HB2  H  N N 245 
GLN HB3  H  N N 246 
GLN HG2  H  N N 247 
GLN HG3  H  N N 248 
GLN HE21 H  N N 249 
GLN HE22 H  N N 250 
GLN HXT  H  N N 251 
GLU N    N  N N 252 
GLU CA   C  N S 253 
GLU C    C  N N 254 
GLU O    O  N N 255 
GLU CB   C  N N 256 
GLU CG   C  N N 257 
GLU CD   C  N N 258 
GLU OE1  O  N N 259 
GLU OE2  O  N N 260 
GLU OXT  O  N N 261 
GLU H    H  N N 262 
GLU H2   H  N N 263 
GLU HA   H  N N 264 
GLU HB2  H  N N 265 
GLU HB3  H  N N 266 
GLU HG2  H  N N 267 
GLU HG3  H  N N 268 
GLU HE2  H  N N 269 
GLU HXT  H  N N 270 
GLY N    N  N N 271 
GLY CA   C  N N 272 
GLY C    C  N N 273 
GLY O    O  N N 274 
GLY OXT  O  N N 275 
GLY H    H  N N 276 
GLY H2   H  N N 277 
GLY HA2  H  N N 278 
GLY HA3  H  N N 279 
GLY HXT  H  N N 280 
HEC FE   FE N N 281 
HEC CHA  C  N N 282 
HEC CHB  C  N N 283 
HEC CHC  C  N N 284 
HEC CHD  C  N N 285 
HEC NA   N  Y N 286 
HEC C1A  C  Y N 287 
HEC C2A  C  Y N 288 
HEC C3A  C  Y N 289 
HEC C4A  C  Y N 290 
HEC CMA  C  N N 291 
HEC CAA  C  N N 292 
HEC CBA  C  N N 293 
HEC CGA  C  N N 294 
HEC O1A  O  N N 295 
HEC O2A  O  N N 296 
HEC NB   N  Y N 297 
HEC C1B  C  Y N 298 
HEC C2B  C  Y N 299 
HEC C3B  C  Y N 300 
HEC C4B  C  Y N 301 
HEC CMB  C  N N 302 
HEC CAB  C  N N 303 
HEC CBB  C  N N 304 
HEC NC   N  Y N 305 
HEC C1C  C  Y N 306 
HEC C2C  C  Y N 307 
HEC C3C  C  Y N 308 
HEC C4C  C  Y N 309 
HEC CMC  C  N N 310 
HEC CAC  C  N N 311 
HEC CBC  C  N N 312 
HEC ND   N  Y N 313 
HEC C1D  C  Y N 314 
HEC C2D  C  Y N 315 
HEC C3D  C  Y N 316 
HEC C4D  C  Y N 317 
HEC CMD  C  N N 318 
HEC CAD  C  N N 319 
HEC CBD  C  N N 320 
HEC CGD  C  N N 321 
HEC O1D  O  N N 322 
HEC O2D  O  N N 323 
HEC HHA  H  N N 324 
HEC HHB  H  N N 325 
HEC HHC  H  N N 326 
HEC HHD  H  N N 327 
HEC HMA1 H  N N 328 
HEC HMA2 H  N N 329 
HEC HMA3 H  N N 330 
HEC HAA1 H  N N 331 
HEC HAA2 H  N N 332 
HEC HBA1 H  N N 333 
HEC HBA2 H  N N 334 
HEC H2A  H  N N 335 
HEC HMB1 H  N N 336 
HEC HMB2 H  N N 337 
HEC HMB3 H  N N 338 
HEC HAB  H  N N 339 
HEC HBB1 H  N N 340 
HEC HBB2 H  N N 341 
HEC HBB3 H  N N 342 
HEC HMC1 H  N N 343 
HEC HMC2 H  N N 344 
HEC HMC3 H  N N 345 
HEC HAC  H  N N 346 
HEC HBC1 H  N N 347 
HEC HBC2 H  N N 348 
HEC HBC3 H  N N 349 
HEC HMD1 H  N N 350 
HEC HMD2 H  N N 351 
HEC HMD3 H  N N 352 
HEC HAD1 H  N N 353 
HEC HAD2 H  N N 354 
HEC HBD1 H  N N 355 
HEC HBD2 H  N N 356 
HEC H2D  H  N N 357 
HIS N    N  N N 358 
HIS CA   C  N S 359 
HIS C    C  N N 360 
HIS O    O  N N 361 
HIS CB   C  N N 362 
HIS CG   C  Y N 363 
HIS ND1  N  Y N 364 
HIS CD2  C  Y N 365 
HIS CE1  C  Y N 366 
HIS NE2  N  Y N 367 
HIS OXT  O  N N 368 
HIS H    H  N N 369 
HIS H2   H  N N 370 
HIS HA   H  N N 371 
HIS HB2  H  N N 372 
HIS HB3  H  N N 373 
HIS HD1  H  N N 374 
HIS HD2  H  N N 375 
HIS HE1  H  N N 376 
HIS HE2  H  N N 377 
HIS HXT  H  N N 378 
HOH O    O  N N 379 
HOH H1   H  N N 380 
HOH H2   H  N N 381 
ILE N    N  N N 382 
ILE CA   C  N S 383 
ILE C    C  N N 384 
ILE O    O  N N 385 
ILE CB   C  N S 386 
ILE CG1  C  N N 387 
ILE CG2  C  N N 388 
ILE CD1  C  N N 389 
ILE OXT  O  N N 390 
ILE H    H  N N 391 
ILE H2   H  N N 392 
ILE HA   H  N N 393 
ILE HB   H  N N 394 
ILE HG12 H  N N 395 
ILE HG13 H  N N 396 
ILE HG21 H  N N 397 
ILE HG22 H  N N 398 
ILE HG23 H  N N 399 
ILE HD11 H  N N 400 
ILE HD12 H  N N 401 
ILE HD13 H  N N 402 
ILE HXT  H  N N 403 
LEU N    N  N N 404 
LEU CA   C  N S 405 
LEU C    C  N N 406 
LEU O    O  N N 407 
LEU CB   C  N N 408 
LEU CG   C  N N 409 
LEU CD1  C  N N 410 
LEU CD2  C  N N 411 
LEU OXT  O  N N 412 
LEU H    H  N N 413 
LEU H2   H  N N 414 
LEU HA   H  N N 415 
LEU HB2  H  N N 416 
LEU HB3  H  N N 417 
LEU HG   H  N N 418 
LEU HD11 H  N N 419 
LEU HD12 H  N N 420 
LEU HD13 H  N N 421 
LEU HD21 H  N N 422 
LEU HD22 H  N N 423 
LEU HD23 H  N N 424 
LEU HXT  H  N N 425 
LYS N    N  N N 426 
LYS CA   C  N S 427 
LYS C    C  N N 428 
LYS O    O  N N 429 
LYS CB   C  N N 430 
LYS CG   C  N N 431 
LYS CD   C  N N 432 
LYS CE   C  N N 433 
LYS NZ   N  N N 434 
LYS OXT  O  N N 435 
LYS H    H  N N 436 
LYS H2   H  N N 437 
LYS HA   H  N N 438 
LYS HB2  H  N N 439 
LYS HB3  H  N N 440 
LYS HG2  H  N N 441 
LYS HG3  H  N N 442 
LYS HD2  H  N N 443 
LYS HD3  H  N N 444 
LYS HE2  H  N N 445 
LYS HE3  H  N N 446 
LYS HZ1  H  N N 447 
LYS HZ2  H  N N 448 
LYS HZ3  H  N N 449 
LYS HXT  H  N N 450 
MET N    N  N N 451 
MET CA   C  N S 452 
MET C    C  N N 453 
MET O    O  N N 454 
MET CB   C  N N 455 
MET CG   C  N N 456 
MET SD   S  N N 457 
MET CE   C  N N 458 
MET OXT  O  N N 459 
MET H    H  N N 460 
MET H2   H  N N 461 
MET HA   H  N N 462 
MET HB2  H  N N 463 
MET HB3  H  N N 464 
MET HG2  H  N N 465 
MET HG3  H  N N 466 
MET HE1  H  N N 467 
MET HE2  H  N N 468 
MET HE3  H  N N 469 
MET HXT  H  N N 470 
PHE N    N  N N 471 
PHE CA   C  N S 472 
PHE C    C  N N 473 
PHE O    O  N N 474 
PHE CB   C  N N 475 
PHE CG   C  Y N 476 
PHE CD1  C  Y N 477 
PHE CD2  C  Y N 478 
PHE CE1  C  Y N 479 
PHE CE2  C  Y N 480 
PHE CZ   C  Y N 481 
PHE OXT  O  N N 482 
PHE H    H  N N 483 
PHE H2   H  N N 484 
PHE HA   H  N N 485 
PHE HB2  H  N N 486 
PHE HB3  H  N N 487 
PHE HD1  H  N N 488 
PHE HD2  H  N N 489 
PHE HE1  H  N N 490 
PHE HE2  H  N N 491 
PHE HZ   H  N N 492 
PHE HXT  H  N N 493 
PRO N    N  N N 494 
PRO CA   C  N S 495 
PRO C    C  N N 496 
PRO O    O  N N 497 
PRO CB   C  N N 498 
PRO CG   C  N N 499 
PRO CD   C  N N 500 
PRO OXT  O  N N 501 
PRO H    H  N N 502 
PRO HA   H  N N 503 
PRO HB2  H  N N 504 
PRO HB3  H  N N 505 
PRO HG2  H  N N 506 
PRO HG3  H  N N 507 
PRO HD2  H  N N 508 
PRO HD3  H  N N 509 
PRO HXT  H  N N 510 
SER N    N  N N 511 
SER CA   C  N S 512 
SER C    C  N N 513 
SER O    O  N N 514 
SER CB   C  N N 515 
SER OG   O  N N 516 
SER OXT  O  N N 517 
SER H    H  N N 518 
SER H2   H  N N 519 
SER HA   H  N N 520 
SER HB2  H  N N 521 
SER HB3  H  N N 522 
SER HG   H  N N 523 
SER HXT  H  N N 524 
SO4 S    S  N N 525 
SO4 O1   O  N N 526 
SO4 O2   O  N N 527 
SO4 O3   O  N N 528 
SO4 O4   O  N N 529 
SPM N1   N  N N 530 
SPM C2   C  N N 531 
SPM C3   C  N N 532 
SPM C4   C  N N 533 
SPM N5   N  N N 534 
SPM C6   C  N N 535 
SPM C7   C  N N 536 
SPM C8   C  N N 537 
SPM C9   C  N N 538 
SPM N10  N  N N 539 
SPM C11  C  N N 540 
SPM C12  C  N N 541 
SPM C13  C  N N 542 
SPM N14  N  N N 543 
SPM HN11 H  N N 544 
SPM HN12 H  N N 545 
SPM H21  H  N N 546 
SPM H22  H  N N 547 
SPM H31  H  N N 548 
SPM H32  H  N N 549 
SPM H41  H  N N 550 
SPM H42  H  N N 551 
SPM HN5  H  N N 552 
SPM H61  H  N N 553 
SPM H62  H  N N 554 
SPM H71  H  N N 555 
SPM H72  H  N N 556 
SPM H81  H  N N 557 
SPM H82  H  N N 558 
SPM H91  H  N N 559 
SPM H92  H  N N 560 
SPM HN0  H  N N 561 
SPM H111 H  N N 562 
SPM H112 H  N N 563 
SPM H121 H  N N 564 
SPM H122 H  N N 565 
SPM H131 H  N N 566 
SPM H132 H  N N 567 
SPM HN41 H  N N 568 
SPM HN42 H  N N 569 
THR N    N  N N 570 
THR CA   C  N S 571 
THR C    C  N N 572 
THR O    O  N N 573 
THR CB   C  N R 574 
THR OG1  O  N N 575 
THR CG2  C  N N 576 
THR OXT  O  N N 577 
THR H    H  N N 578 
THR H2   H  N N 579 
THR HA   H  N N 580 
THR HB   H  N N 581 
THR HG1  H  N N 582 
THR HG21 H  N N 583 
THR HG22 H  N N 584 
THR HG23 H  N N 585 
THR HXT  H  N N 586 
TRP N    N  N N 587 
TRP CA   C  N S 588 
TRP C    C  N N 589 
TRP O    O  N N 590 
TRP CB   C  N N 591 
TRP CG   C  Y N 592 
TRP CD1  C  Y N 593 
TRP CD2  C  Y N 594 
TRP NE1  N  Y N 595 
TRP CE2  C  Y N 596 
TRP CE3  C  Y N 597 
TRP CZ2  C  Y N 598 
TRP CZ3  C  Y N 599 
TRP CH2  C  Y N 600 
TRP OXT  O  N N 601 
TRP H    H  N N 602 
TRP H2   H  N N 603 
TRP HA   H  N N 604 
TRP HB2  H  N N 605 
TRP HB3  H  N N 606 
TRP HD1  H  N N 607 
TRP HE1  H  N N 608 
TRP HE3  H  N N 609 
TRP HZ2  H  N N 610 
TRP HZ3  H  N N 611 
TRP HH2  H  N N 612 
TRP HXT  H  N N 613 
TYR N    N  N N 614 
TYR CA   C  N S 615 
TYR C    C  N N 616 
TYR O    O  N N 617 
TYR CB   C  N N 618 
TYR CG   C  Y N 619 
TYR CD1  C  Y N 620 
TYR CD2  C  Y N 621 
TYR CE1  C  Y N 622 
TYR CE2  C  Y N 623 
TYR CZ   C  Y N 624 
TYR OH   O  N N 625 
TYR OXT  O  N N 626 
TYR H    H  N N 627 
TYR H2   H  N N 628 
TYR HA   H  N N 629 
TYR HB2  H  N N 630 
TYR HB3  H  N N 631 
TYR HD1  H  N N 632 
TYR HD2  H  N N 633 
TYR HE1  H  N N 634 
TYR HE2  H  N N 635 
TYR HH   H  N N 636 
TYR HXT  H  N N 637 
VAL N    N  N N 638 
VAL CA   C  N S 639 
VAL C    C  N N 640 
VAL O    O  N N 641 
VAL CB   C  N N 642 
VAL CG1  C  N N 643 
VAL CG2  C  N N 644 
VAL OXT  O  N N 645 
VAL H    H  N N 646 
VAL H2   H  N N 647 
VAL HA   H  N N 648 
VAL HB   H  N N 649 
VAL HG11 H  N N 650 
VAL HG12 H  N N 651 
VAL HG13 H  N N 652 
VAL HG21 H  N N 653 
VAL HG22 H  N N 654 
VAL HG23 H  N N 655 
VAL HXT  H  N N 656 
# 
loop_
_chem_comp_bond.comp_id 
_chem_comp_bond.atom_id_1 
_chem_comp_bond.atom_id_2 
_chem_comp_bond.value_order 
_chem_comp_bond.pdbx_aromatic_flag 
_chem_comp_bond.pdbx_stereo_config 
_chem_comp_bond.pdbx_ordinal 
ALA N   CA   sing N N 1   
ALA N   H    sing N N 2   
ALA N   H2   sing N N 3   
ALA CA  C    sing N N 4   
ALA CA  CB   sing N N 5   
ALA CA  HA   sing N N 6   
ALA C   O    doub N N 7   
ALA C   OXT  sing N N 8   
ALA CB  HB1  sing N N 9   
ALA CB  HB2  sing N N 10  
ALA CB  HB3  sing N N 11  
ALA OXT HXT  sing N N 12  
ARG N   CA   sing N N 13  
ARG N   H    sing N N 14  
ARG N   H2   sing N N 15  
ARG CA  C    sing N N 16  
ARG CA  CB   sing N N 17  
ARG CA  HA   sing N N 18  
ARG C   O    doub N N 19  
ARG C   OXT  sing N N 20  
ARG CB  CG   sing N N 21  
ARG CB  HB2  sing N N 22  
ARG CB  HB3  sing N N 23  
ARG CG  CD   sing N N 24  
ARG CG  HG2  sing N N 25  
ARG CG  HG3  sing N N 26  
ARG CD  NE   sing N N 27  
ARG CD  HD2  sing N N 28  
ARG CD  HD3  sing N N 29  
ARG NE  CZ   sing N N 30  
ARG NE  HE   sing N N 31  
ARG CZ  NH1  sing N N 32  
ARG CZ  NH2  doub N N 33  
ARG NH1 HH11 sing N N 34  
ARG NH1 HH12 sing N N 35  
ARG NH2 HH21 sing N N 36  
ARG NH2 HH22 sing N N 37  
ARG OXT HXT  sing N N 38  
ASN N   CA   sing N N 39  
ASN N   H    sing N N 40  
ASN N   H2   sing N N 41  
ASN CA  C    sing N N 42  
ASN CA  CB   sing N N 43  
ASN CA  HA   sing N N 44  
ASN C   O    doub N N 45  
ASN C   OXT  sing N N 46  
ASN CB  CG   sing N N 47  
ASN CB  HB2  sing N N 48  
ASN CB  HB3  sing N N 49  
ASN CG  OD1  doub N N 50  
ASN CG  ND2  sing N N 51  
ASN ND2 HD21 sing N N 52  
ASN ND2 HD22 sing N N 53  
ASN OXT HXT  sing N N 54  
ASP N   CA   sing N N 55  
ASP N   H    sing N N 56  
ASP N   H2   sing N N 57  
ASP CA  C    sing N N 58  
ASP CA  CB   sing N N 59  
ASP CA  HA   sing N N 60  
ASP C   O    doub N N 61  
ASP C   OXT  sing N N 62  
ASP CB  CG   sing N N 63  
ASP CB  HB2  sing N N 64  
ASP CB  HB3  sing N N 65  
ASP CG  OD1  doub N N 66  
ASP CG  OD2  sing N N 67  
ASP OD2 HD2  sing N N 68  
ASP OXT HXT  sing N N 69  
CYS N   CA   sing N N 70  
CYS N   H    sing N N 71  
CYS N   H2   sing N N 72  
CYS CA  C    sing N N 73  
CYS CA  CB   sing N N 74  
CYS CA  HA   sing N N 75  
CYS C   O    doub N N 76  
CYS C   OXT  sing N N 77  
CYS CB  SG   sing N N 78  
CYS CB  HB2  sing N N 79  
CYS CB  HB3  sing N N 80  
CYS SG  HG   sing N N 81  
CYS OXT HXT  sing N N 82  
EVB O11 S64  doub N N 83  
EVB O9  S64  doub N N 84  
EVB S64 O10  sing N N 85  
EVB S64 C48  sing N N 86  
EVB O12 S65  doub N N 87  
EVB O13 S65  doub N N 88  
EVB C49 C48  doub Y N 89  
EVB C49 C44  sing Y N 90  
EVB C48 C47  sing Y N 91  
EVB C42 C44  sing N N 92  
EVB C42 C32  sing N N 93  
EVB S65 C34  sing N N 94  
EVB S65 O14  sing N N 95  
EVB C33 C34  doub Y N 96  
EVB C33 C32  sing Y N 97  
EVB C44 C45  doub Y N 98  
EVB C34 C35  sing Y N 99  
EVB C32 C31  doub Y N 100 
EVB O15 S66  doub N N 101 
EVB C47 C46  doub Y N 102 
EVB O17 S66  doub N N 103 
EVB C45 C46  sing Y N 104 
EVB C45 O1   sing N N 105 
EVB C35 C30  doub Y N 106 
EVB C31 O2   sing N N 107 
EVB C31 C30  sing Y N 108 
EVB S66 C26  sing N N 109 
EVB S66 O16  sing N N 110 
EVB C46 C72  sing N N 111 
EVB O32 S71  doub N N 112 
EVB C27 C26  doub Y N 113 
EVB C27 C22  sing Y N 114 
EVB C14 C22  sing N N 115 
EVB C14 C12  sing N N 116 
EVB C26 C25  sing Y N 117 
EVB C22 C23  doub Y N 118 
EVB C30 C28  sing N N 119 
EVB O30 S71  doub N N 120 
EVB C25 C24  doub Y N 121 
EVB C23 C24  sing Y N 122 
EVB C23 O3   sing N N 123 
EVB C24 C28  sing N N 124 
EVB S71 C52  sing N N 125 
EVB S71 O31  sing N N 126 
EVB C53 C52  doub Y N 127 
EVB C53 C54  sing Y N 128 
EVB C12 C11  doub Y N 129 
EVB C12 C13  sing Y N 130 
EVB C52 C51  sing Y N 131 
EVB C72 C54  sing N N 132 
EVB O19 S67  doub N N 133 
EVB C54 C55  doub Y N 134 
EVB C11 C10  sing Y N 135 
EVB C51 C50  doub Y N 136 
EVB C55 C50  sing Y N 137 
EVB C55 O8   sing N N 138 
EVB C50 C43  sing N N 139 
EVB O4  C13  sing N N 140 
EVB O23 S68  doub N N 141 
EVB C43 C40  sing N N 142 
EVB C13 C8   doub Y N 143 
EVB C15 C4   sing N N 144 
EVB C15 C16  sing N N 145 
EVB C10 S67  sing N N 146 
EVB C10 C9   doub Y N 147 
EVB S67 O18  doub N N 148 
EVB S67 O20  sing N N 149 
EVB C4  C5   doub Y N 150 
EVB C4  C3   sing Y N 151 
EVB C5  C6   sing Y N 152 
EVB O5  C3   sing N N 153 
EVB O7  C41  sing N N 154 
EVB C3  C2   doub Y N 155 
EVB C8  C9   sing Y N 156 
EVB C8  C7   sing N N 157 
EVB C16 C17  doub Y N 158 
EVB C16 C21  sing Y N 159 
EVB C6  S68  sing N N 160 
EVB C6  C1   doub Y N 161 
EVB S68 O22  doub N N 162 
EVB S68 O21  sing N N 163 
EVB O6  C21  sing N N 164 
EVB C40 C41  doub Y N 165 
EVB C40 C39  sing Y N 166 
EVB C2  C1   sing Y N 167 
EVB C2  C7   sing N N 168 
EVB C17 C18  sing Y N 169 
EVB C21 C20  doub Y N 170 
EVB C41 C36  sing Y N 171 
EVB O26 S69  doub N N 172 
EVB C39 C38  doub Y N 173 
EVB C18 S69  sing N N 174 
EVB C18 C19  doub Y N 175 
EVB C20 C19  sing Y N 176 
EVB C20 C29  sing N N 177 
EVB S69 O24  doub N N 178 
EVB S69 O25  sing N N 179 
EVB C36 C29  sing N N 180 
EVB C36 C37  doub Y N 181 
EVB C38 C37  sing Y N 182 
EVB C38 S70  sing N N 183 
EVB O29 S70  doub N N 184 
EVB S70 O27  doub N N 185 
EVB S70 O28  sing N N 186 
EVB C11 H1   sing N N 187 
EVB C14 H2   sing N N 188 
EVB C14 H3   sing N N 189 
EVB C15 H4   sing N N 190 
EVB C15 H5   sing N N 191 
EVB C17 H6   sing N N 192 
EVB C19 H7   sing N N 193 
EVB C1  H8   sing N N 194 
EVB C5  H9   sing N N 195 
EVB C7  H10  sing N N 196 
EVB C7  H11  sing N N 197 
EVB C9  H12  sing N N 198 
EVB C25 H13  sing N N 199 
EVB C27 H14  sing N N 200 
EVB C28 H15  sing N N 201 
EVB C28 H16  sing N N 202 
EVB C29 H17  sing N N 203 
EVB C29 H18  sing N N 204 
EVB C33 H19  sing N N 205 
EVB C35 H20  sing N N 206 
EVB C37 H21  sing N N 207 
EVB C39 H22  sing N N 208 
EVB C42 H23  sing N N 209 
EVB C42 H24  sing N N 210 
EVB C43 H25  sing N N 211 
EVB C43 H26  sing N N 212 
EVB C47 H27  sing N N 213 
EVB C49 H28  sing N N 214 
EVB C51 H29  sing N N 215 
EVB C53 H30  sing N N 216 
EVB O1  H31  sing N N 217 
EVB O2  H32  sing N N 218 
EVB O3  H33  sing N N 219 
EVB O4  H34  sing N N 220 
EVB O5  H35  sing N N 221 
EVB O6  H36  sing N N 222 
EVB O7  H37  sing N N 223 
EVB O8  H38  sing N N 224 
EVB C72 H39  sing N N 225 
EVB C72 H40  sing N N 226 
EVB O14 H41  sing N N 227 
EVB O16 H42  sing N N 228 
EVB O20 H43  sing N N 229 
EVB O21 H44  sing N N 230 
EVB O10 H45  sing N N 231 
EVB O31 H46  sing N N 232 
EVB O28 H47  sing N N 233 
EVB O25 H48  sing N N 234 
GLN N   CA   sing N N 235 
GLN N   H    sing N N 236 
GLN N   H2   sing N N 237 
GLN CA  C    sing N N 238 
GLN CA  CB   sing N N 239 
GLN CA  HA   sing N N 240 
GLN C   O    doub N N 241 
GLN C   OXT  sing N N 242 
GLN CB  CG   sing N N 243 
GLN CB  HB2  sing N N 244 
GLN CB  HB3  sing N N 245 
GLN CG  CD   sing N N 246 
GLN CG  HG2  sing N N 247 
GLN CG  HG3  sing N N 248 
GLN CD  OE1  doub N N 249 
GLN CD  NE2  sing N N 250 
GLN NE2 HE21 sing N N 251 
GLN NE2 HE22 sing N N 252 
GLN OXT HXT  sing N N 253 
GLU N   CA   sing N N 254 
GLU N   H    sing N N 255 
GLU N   H2   sing N N 256 
GLU CA  C    sing N N 257 
GLU CA  CB   sing N N 258 
GLU CA  HA   sing N N 259 
GLU C   O    doub N N 260 
GLU C   OXT  sing N N 261 
GLU CB  CG   sing N N 262 
GLU CB  HB2  sing N N 263 
GLU CB  HB3  sing N N 264 
GLU CG  CD   sing N N 265 
GLU CG  HG2  sing N N 266 
GLU CG  HG3  sing N N 267 
GLU CD  OE1  doub N N 268 
GLU CD  OE2  sing N N 269 
GLU OE2 HE2  sing N N 270 
GLU OXT HXT  sing N N 271 
GLY N   CA   sing N N 272 
GLY N   H    sing N N 273 
GLY N   H2   sing N N 274 
GLY CA  C    sing N N 275 
GLY CA  HA2  sing N N 276 
GLY CA  HA3  sing N N 277 
GLY C   O    doub N N 278 
GLY C   OXT  sing N N 279 
GLY OXT HXT  sing N N 280 
HEC FE  NA   sing N N 281 
HEC FE  NB   sing N N 282 
HEC FE  NC   sing N N 283 
HEC FE  ND   sing N N 284 
HEC CHA C1A  doub N N 285 
HEC CHA C4D  sing N N 286 
HEC CHA HHA  sing N N 287 
HEC CHB C4A  doub N N 288 
HEC CHB C1B  sing N N 289 
HEC CHB HHB  sing N N 290 
HEC CHC C4B  doub N N 291 
HEC CHC C1C  sing N N 292 
HEC CHC HHC  sing N N 293 
HEC CHD C4C  doub N N 294 
HEC CHD C1D  sing N N 295 
HEC CHD HHD  sing N N 296 
HEC NA  C1A  sing Y N 297 
HEC NA  C4A  sing Y N 298 
HEC C1A C2A  sing Y N 299 
HEC C2A C3A  doub Y N 300 
HEC C2A CAA  sing N N 301 
HEC C3A C4A  sing Y N 302 
HEC C3A CMA  sing N N 303 
HEC CMA HMA1 sing N N 304 
HEC CMA HMA2 sing N N 305 
HEC CMA HMA3 sing N N 306 
HEC CAA CBA  sing N N 307 
HEC CAA HAA1 sing N N 308 
HEC CAA HAA2 sing N N 309 
HEC CBA CGA  sing N N 310 
HEC CBA HBA1 sing N N 311 
HEC CBA HBA2 sing N N 312 
HEC CGA O1A  doub N N 313 
HEC CGA O2A  sing N N 314 
HEC O2A H2A  sing N N 315 
HEC NB  C1B  sing Y N 316 
HEC NB  C4B  sing Y N 317 
HEC C1B C2B  doub Y N 318 
HEC C2B C3B  sing Y N 319 
HEC C2B CMB  sing N N 320 
HEC C3B C4B  sing Y N 321 
HEC C3B CAB  doub N E 322 
HEC CMB HMB1 sing N N 323 
HEC CMB HMB2 sing N N 324 
HEC CMB HMB3 sing N N 325 
HEC CAB CBB  sing N N 326 
HEC CAB HAB  sing N N 327 
HEC CBB HBB1 sing N N 328 
HEC CBB HBB2 sing N N 329 
HEC CBB HBB3 sing N N 330 
HEC NC  C1C  sing Y N 331 
HEC NC  C4C  sing Y N 332 
HEC C1C C2C  doub Y N 333 
HEC C2C C3C  sing Y N 334 
HEC C2C CMC  sing N N 335 
HEC C3C C4C  sing Y N 336 
HEC C3C CAC  doub N E 337 
HEC CMC HMC1 sing N N 338 
HEC CMC HMC2 sing N N 339 
HEC CMC HMC3 sing N N 340 
HEC CAC CBC  sing N N 341 
HEC CAC HAC  sing N N 342 
HEC CBC HBC1 sing N N 343 
HEC CBC HBC2 sing N N 344 
HEC CBC HBC3 sing N N 345 
HEC ND  C1D  sing Y N 346 
HEC ND  C4D  sing Y N 347 
HEC C1D C2D  doub Y N 348 
HEC C2D C3D  sing Y N 349 
HEC C2D CMD  sing N N 350 
HEC C3D C4D  doub Y N 351 
HEC C3D CAD  sing N N 352 
HEC CMD HMD1 sing N N 353 
HEC CMD HMD2 sing N N 354 
HEC CMD HMD3 sing N N 355 
HEC CAD CBD  sing N N 356 
HEC CAD HAD1 sing N N 357 
HEC CAD HAD2 sing N N 358 
HEC CBD CGD  sing N N 359 
HEC CBD HBD1 sing N N 360 
HEC CBD HBD2 sing N N 361 
HEC CGD O1D  doub N N 362 
HEC CGD O2D  sing N N 363 
HEC O2D H2D  sing N N 364 
HIS N   CA   sing N N 365 
HIS N   H    sing N N 366 
HIS N   H2   sing N N 367 
HIS CA  C    sing N N 368 
HIS CA  CB   sing N N 369 
HIS CA  HA   sing N N 370 
HIS C   O    doub N N 371 
HIS C   OXT  sing N N 372 
HIS CB  CG   sing N N 373 
HIS CB  HB2  sing N N 374 
HIS CB  HB3  sing N N 375 
HIS CG  ND1  sing Y N 376 
HIS CG  CD2  doub Y N 377 
HIS ND1 CE1  doub Y N 378 
HIS ND1 HD1  sing N N 379 
HIS CD2 NE2  sing Y N 380 
HIS CD2 HD2  sing N N 381 
HIS CE1 NE2  sing Y N 382 
HIS CE1 HE1  sing N N 383 
HIS NE2 HE2  sing N N 384 
HIS OXT HXT  sing N N 385 
HOH O   H1   sing N N 386 
HOH O   H2   sing N N 387 
ILE N   CA   sing N N 388 
ILE N   H    sing N N 389 
ILE N   H2   sing N N 390 
ILE CA  C    sing N N 391 
ILE CA  CB   sing N N 392 
ILE CA  HA   sing N N 393 
ILE C   O    doub N N 394 
ILE C   OXT  sing N N 395 
ILE CB  CG1  sing N N 396 
ILE CB  CG2  sing N N 397 
ILE CB  HB   sing N N 398 
ILE CG1 CD1  sing N N 399 
ILE CG1 HG12 sing N N 400 
ILE CG1 HG13 sing N N 401 
ILE CG2 HG21 sing N N 402 
ILE CG2 HG22 sing N N 403 
ILE CG2 HG23 sing N N 404 
ILE CD1 HD11 sing N N 405 
ILE CD1 HD12 sing N N 406 
ILE CD1 HD13 sing N N 407 
ILE OXT HXT  sing N N 408 
LEU N   CA   sing N N 409 
LEU N   H    sing N N 410 
LEU N   H2   sing N N 411 
LEU CA  C    sing N N 412 
LEU CA  CB   sing N N 413 
LEU CA  HA   sing N N 414 
LEU C   O    doub N N 415 
LEU C   OXT  sing N N 416 
LEU CB  CG   sing N N 417 
LEU CB  HB2  sing N N 418 
LEU CB  HB3  sing N N 419 
LEU CG  CD1  sing N N 420 
LEU CG  CD2  sing N N 421 
LEU CG  HG   sing N N 422 
LEU CD1 HD11 sing N N 423 
LEU CD1 HD12 sing N N 424 
LEU CD1 HD13 sing N N 425 
LEU CD2 HD21 sing N N 426 
LEU CD2 HD22 sing N N 427 
LEU CD2 HD23 sing N N 428 
LEU OXT HXT  sing N N 429 
LYS N   CA   sing N N 430 
LYS N   H    sing N N 431 
LYS N   H2   sing N N 432 
LYS CA  C    sing N N 433 
LYS CA  CB   sing N N 434 
LYS CA  HA   sing N N 435 
LYS C   O    doub N N 436 
LYS C   OXT  sing N N 437 
LYS CB  CG   sing N N 438 
LYS CB  HB2  sing N N 439 
LYS CB  HB3  sing N N 440 
LYS CG  CD   sing N N 441 
LYS CG  HG2  sing N N 442 
LYS CG  HG3  sing N N 443 
LYS CD  CE   sing N N 444 
LYS CD  HD2  sing N N 445 
LYS CD  HD3  sing N N 446 
LYS CE  NZ   sing N N 447 
LYS CE  HE2  sing N N 448 
LYS CE  HE3  sing N N 449 
LYS NZ  HZ1  sing N N 450 
LYS NZ  HZ2  sing N N 451 
LYS NZ  HZ3  sing N N 452 
LYS OXT HXT  sing N N 453 
MET N   CA   sing N N 454 
MET N   H    sing N N 455 
MET N   H2   sing N N 456 
MET CA  C    sing N N 457 
MET CA  CB   sing N N 458 
MET CA  HA   sing N N 459 
MET C   O    doub N N 460 
MET C   OXT  sing N N 461 
MET CB  CG   sing N N 462 
MET CB  HB2  sing N N 463 
MET CB  HB3  sing N N 464 
MET CG  SD   sing N N 465 
MET CG  HG2  sing N N 466 
MET CG  HG3  sing N N 467 
MET SD  CE   sing N N 468 
MET CE  HE1  sing N N 469 
MET CE  HE2  sing N N 470 
MET CE  HE3  sing N N 471 
MET OXT HXT  sing N N 472 
PHE N   CA   sing N N 473 
PHE N   H    sing N N 474 
PHE N   H2   sing N N 475 
PHE CA  C    sing N N 476 
PHE CA  CB   sing N N 477 
PHE CA  HA   sing N N 478 
PHE C   O    doub N N 479 
PHE C   OXT  sing N N 480 
PHE CB  CG   sing N N 481 
PHE CB  HB2  sing N N 482 
PHE CB  HB3  sing N N 483 
PHE CG  CD1  doub Y N 484 
PHE CG  CD2  sing Y N 485 
PHE CD1 CE1  sing Y N 486 
PHE CD1 HD1  sing N N 487 
PHE CD2 CE2  doub Y N 488 
PHE CD2 HD2  sing N N 489 
PHE CE1 CZ   doub Y N 490 
PHE CE1 HE1  sing N N 491 
PHE CE2 CZ   sing Y N 492 
PHE CE2 HE2  sing N N 493 
PHE CZ  HZ   sing N N 494 
PHE OXT HXT  sing N N 495 
PRO N   CA   sing N N 496 
PRO N   CD   sing N N 497 
PRO N   H    sing N N 498 
PRO CA  C    sing N N 499 
PRO CA  CB   sing N N 500 
PRO CA  HA   sing N N 501 
PRO C   O    doub N N 502 
PRO C   OXT  sing N N 503 
PRO CB  CG   sing N N 504 
PRO CB  HB2  sing N N 505 
PRO CB  HB3  sing N N 506 
PRO CG  CD   sing N N 507 
PRO CG  HG2  sing N N 508 
PRO CG  HG3  sing N N 509 
PRO CD  HD2  sing N N 510 
PRO CD  HD3  sing N N 511 
PRO OXT HXT  sing N N 512 
SER N   CA   sing N N 513 
SER N   H    sing N N 514 
SER N   H2   sing N N 515 
SER CA  C    sing N N 516 
SER CA  CB   sing N N 517 
SER CA  HA   sing N N 518 
SER C   O    doub N N 519 
SER C   OXT  sing N N 520 
SER CB  OG   sing N N 521 
SER CB  HB2  sing N N 522 
SER CB  HB3  sing N N 523 
SER OG  HG   sing N N 524 
SER OXT HXT  sing N N 525 
SO4 S   O1   doub N N 526 
SO4 S   O2   doub N N 527 
SO4 S   O3   sing N N 528 
SO4 S   O4   sing N N 529 
SPM N1  C2   sing N N 530 
SPM N1  HN11 sing N N 531 
SPM N1  HN12 sing N N 532 
SPM C2  C3   sing N N 533 
SPM C2  H21  sing N N 534 
SPM C2  H22  sing N N 535 
SPM C3  C4   sing N N 536 
SPM C3  H31  sing N N 537 
SPM C3  H32  sing N N 538 
SPM C4  N5   sing N N 539 
SPM C4  H41  sing N N 540 
SPM C4  H42  sing N N 541 
SPM N5  C6   sing N N 542 
SPM N5  HN5  sing N N 543 
SPM C6  C7   sing N N 544 
SPM C6  H61  sing N N 545 
SPM C6  H62  sing N N 546 
SPM C7  C8   sing N N 547 
SPM C7  H71  sing N N 548 
SPM C7  H72  sing N N 549 
SPM C8  C9   sing N N 550 
SPM C8  H81  sing N N 551 
SPM C8  H82  sing N N 552 
SPM C9  N10  sing N N 553 
SPM C9  H91  sing N N 554 
SPM C9  H92  sing N N 555 
SPM N10 C11  sing N N 556 
SPM N10 HN0  sing N N 557 
SPM C11 C12  sing N N 558 
SPM C11 H111 sing N N 559 
SPM C11 H112 sing N N 560 
SPM C12 C13  sing N N 561 
SPM C12 H121 sing N N 562 
SPM C12 H122 sing N N 563 
SPM C13 N14  sing N N 564 
SPM C13 H131 sing N N 565 
SPM C13 H132 sing N N 566 
SPM N14 HN41 sing N N 567 
SPM N14 HN42 sing N N 568 
THR N   CA   sing N N 569 
THR N   H    sing N N 570 
THR N   H2   sing N N 571 
THR CA  C    sing N N 572 
THR CA  CB   sing N N 573 
THR CA  HA   sing N N 574 
THR C   O    doub N N 575 
THR C   OXT  sing N N 576 
THR CB  OG1  sing N N 577 
THR CB  CG2  sing N N 578 
THR CB  HB   sing N N 579 
THR OG1 HG1  sing N N 580 
THR CG2 HG21 sing N N 581 
THR CG2 HG22 sing N N 582 
THR CG2 HG23 sing N N 583 
THR OXT HXT  sing N N 584 
TRP N   CA   sing N N 585 
TRP N   H    sing N N 586 
TRP N   H2   sing N N 587 
TRP CA  C    sing N N 588 
TRP CA  CB   sing N N 589 
TRP CA  HA   sing N N 590 
TRP C   O    doub N N 591 
TRP C   OXT  sing N N 592 
TRP CB  CG   sing N N 593 
TRP CB  HB2  sing N N 594 
TRP CB  HB3  sing N N 595 
TRP CG  CD1  doub Y N 596 
TRP CG  CD2  sing Y N 597 
TRP CD1 NE1  sing Y N 598 
TRP CD1 HD1  sing N N 599 
TRP CD2 CE2  doub Y N 600 
TRP CD2 CE3  sing Y N 601 
TRP NE1 CE2  sing Y N 602 
TRP NE1 HE1  sing N N 603 
TRP CE2 CZ2  sing Y N 604 
TRP CE3 CZ3  doub Y N 605 
TRP CE3 HE3  sing N N 606 
TRP CZ2 CH2  doub Y N 607 
TRP CZ2 HZ2  sing N N 608 
TRP CZ3 CH2  sing Y N 609 
TRP CZ3 HZ3  sing N N 610 
TRP CH2 HH2  sing N N 611 
TRP OXT HXT  sing N N 612 
TYR N   CA   sing N N 613 
TYR N   H    sing N N 614 
TYR N   H2   sing N N 615 
TYR CA  C    sing N N 616 
TYR CA  CB   sing N N 617 
TYR CA  HA   sing N N 618 
TYR C   O    doub N N 619 
TYR C   OXT  sing N N 620 
TYR CB  CG   sing N N 621 
TYR CB  HB2  sing N N 622 
TYR CB  HB3  sing N N 623 
TYR CG  CD1  doub Y N 624 
TYR CG  CD2  sing Y N 625 
TYR CD1 CE1  sing Y N 626 
TYR CD1 HD1  sing N N 627 
TYR CD2 CE2  doub Y N 628 
TYR CD2 HD2  sing N N 629 
TYR CE1 CZ   doub Y N 630 
TYR CE1 HE1  sing N N 631 
TYR CE2 CZ   sing Y N 632 
TYR CE2 HE2  sing N N 633 
TYR CZ  OH   sing N N 634 
TYR OH  HH   sing N N 635 
TYR OXT HXT  sing N N 636 
VAL N   CA   sing N N 637 
VAL N   H    sing N N 638 
VAL N   H2   sing N N 639 
VAL CA  C    sing N N 640 
VAL CA  CB   sing N N 641 
VAL CA  HA   sing N N 642 
VAL C   O    doub N N 643 
VAL C   OXT  sing N N 644 
VAL CB  CG1  sing N N 645 
VAL CB  CG2  sing N N 646 
VAL CB  HB   sing N N 647 
VAL CG1 HG11 sing N N 648 
VAL CG1 HG12 sing N N 649 
VAL CG1 HG13 sing N N 650 
VAL CG2 HG21 sing N N 651 
VAL CG2 HG22 sing N N 652 
VAL CG2 HG23 sing N N 653 
VAL OXT HXT  sing N N 654 
# 
_pdbx_audit_support.funding_organization   'Science Foundation Ireland' 
_pdbx_audit_support.country                Ireland 
_pdbx_audit_support.grant_number           '13/ERC/B2912 and 13/CDA/2168' 
_pdbx_audit_support.ordinal                1 
# 
_pdbx_initial_refinement_model.id               1 
_pdbx_initial_refinement_model.entity_id_list   ? 
_pdbx_initial_refinement_model.type             'experimental model' 
_pdbx_initial_refinement_model.source_name      PDB 
_pdbx_initial_refinement_model.accession_code   1YCC 
_pdbx_initial_refinement_model.details          ? 
# 
_atom_sites.entry_id                    6GDA 
_atom_sites.fract_transf_matrix[1][1]   0.00746391 
_atom_sites.fract_transf_matrix[1][2]   0.00637747 
_atom_sites.fract_transf_matrix[1][3]   -0.00107394 
_atom_sites.fract_transf_matrix[2][1]   -0.00461441 
_atom_sites.fract_transf_matrix[2][2]   0.00410251 
_atom_sites.fract_transf_matrix[2][3]   -0.00770792 
_atom_sites.fract_transf_matrix[3][1]   -0.00537829 
_atom_sites.fract_transf_matrix[3][2]   0.00750979 
_atom_sites.fract_transf_matrix[3][3]   0.00721681 
_atom_sites.fract_transf_vector[1]      -0.310327 
_atom_sites.fract_transf_vector[2]      -0.046037 
_atom_sites.fract_transf_vector[3]      -0.018787 
# 
loop_
_atom_type.symbol 
C  
FE 
N  
O  
S  
# 
loop_
_atom_site.group_PDB 
_atom_site.id 
_atom_site.type_symbol 
_atom_site.label_atom_id 
_atom_site.label_alt_id 
_atom_site.label_comp_id 
_atom_site.label_asym_id 
_atom_site.label_entity_id 
_atom_site.label_seq_id 
_atom_site.pdbx_PDB_ins_code 
_atom_site.Cartn_x 
_atom_site.Cartn_y 
_atom_site.Cartn_z 
_atom_site.occupancy 
_atom_site.B_iso_or_equiv 
_atom_site.pdbx_formal_charge 
_atom_site.auth_seq_id 
_atom_site.auth_comp_id 
_atom_site.auth_asym_id 
_atom_site.auth_atom_id 
_atom_site.pdbx_PDB_model_num 
ATOM   1    N  N   . ALA A 1 1   ? 9.748   7.617   -5.522  1.00 96.79  ? -5  ALA A N   1 
ATOM   2    C  CA  . ALA A 1 1   ? 10.116  6.620   -6.577  1.00 98.17  ? -5  ALA A CA  1 
ATOM   3    C  C   . ALA A 1 1   ? 11.614  6.273   -6.573  1.00 98.38  ? -5  ALA A C   1 
ATOM   4    O  O   . ALA A 1 1   ? 12.188  5.955   -7.617  1.00 97.84  ? -5  ALA A O   1 
ATOM   5    C  CB  . ALA A 1 1   ? 9.688   7.128   -7.949  1.00 97.93  ? -5  ALA A CB  1 
ATOM   6    N  N   . GLU A 1 2   ? 12.232  6.324   -5.394  1.00 99.00  ? -4  GLU A N   1 
ATOM   7    C  CA  . GLU A 1 2   ? 13.658  6.031   -5.227  1.00 98.19  ? -4  GLU A CA  1 
ATOM   8    C  C   . GLU A 1 2   ? 13.890  5.484   -3.815  1.00 93.21  ? -4  GLU A C   1 
ATOM   9    O  O   . GLU A 1 2   ? 14.639  6.050   -3.016  1.00 96.34  ? -4  GLU A O   1 
ATOM   10   C  CB  . GLU A 1 2   ? 14.517  7.277   -5.513  1.00 102.95 ? -4  GLU A CB  1 
ATOM   11   C  CG  . GLU A 1 2   ? 13.893  8.614   -5.106  1.00 106.91 ? -4  GLU A CG  1 
ATOM   12   C  CD  . GLU A 1 2   ? 13.157  9.314   -6.245  1.00 108.64 ? -4  GLU A CD  1 
ATOM   13   O  OE1 . GLU A 1 2   ? 13.767  9.531   -7.317  1.00 108.62 ? -4  GLU A OE1 1 
ATOM   14   O  OE2 . GLU A 1 2   ? 11.972  9.666   -6.067  1.00 109.25 ? -4  GLU A OE2 1 
ATOM   15   N  N   . PHE A 1 3   ? 13.225  4.366   -3.535  1.00 85.40  ? -3  PHE A N   1 
ATOM   16   C  CA  . PHE A 1 3   ? 13.177  3.752   -2.202  1.00 79.64  ? -3  PHE A CA  1 
ATOM   17   C  C   . PHE A 1 3   ? 14.538  3.257   -1.710  1.00 78.39  ? -3  PHE A C   1 
ATOM   18   O  O   . PHE A 1 3   ? 15.307  2.672   -2.470  1.00 77.41  ? -3  PHE A O   1 
ATOM   19   C  CB  . PHE A 1 3   ? 12.161  2.595   -2.217  1.00 76.78  ? -3  PHE A CB  1 
ATOM   20   C  CG  . PHE A 1 3   ? 12.319  1.607   -1.091  1.00 73.14  ? -3  PHE A CG  1 
ATOM   21   C  CD1 . PHE A 1 3   ? 11.584  1.739   0.080   1.00 71.95  ? -3  PHE A CD1 1 
ATOM   22   C  CD2 . PHE A 1 3   ? 13.178  0.521   -1.220  1.00 70.56  ? -3  PHE A CD2 1 
ATOM   23   C  CE1 . PHE A 1 3   ? 11.720  0.822   1.111   1.00 71.03  ? -3  PHE A CE1 1 
ATOM   24   C  CE2 . PHE A 1 3   ? 13.319  -0.398  -0.195  1.00 70.14  ? -3  PHE A CE2 1 
ATOM   25   C  CZ  . PHE A 1 3   ? 12.590  -0.249  0.972   1.00 70.40  ? -3  PHE A CZ  1 
ATOM   26   N  N   . LYS A 1 4   ? 14.811  3.504   -0.430  1.00 78.57  ? -2  LYS A N   1 
ATOM   27   C  CA  . LYS A 1 4   ? 15.992  2.982   0.262   1.00 78.14  ? -2  LYS A CA  1 
ATOM   28   C  C   . LYS A 1 4   ? 15.533  2.365   1.581   1.00 74.60  ? -2  LYS A C   1 
ATOM   29   O  O   . LYS A 1 4   ? 14.703  2.948   2.277   1.00 72.93  ? -2  LYS A O   1 
ATOM   30   C  CB  . LYS A 1 4   ? 16.997  4.102   0.552   1.00 82.17  ? -2  LYS A CB  1 
ATOM   31   C  CG  . LYS A 1 4   ? 17.376  4.959   -0.651  1.00 85.72  ? -2  LYS A CG  1 
ATOM   32   C  CD  . LYS A 1 4   ? 18.231  6.157   -0.249  1.00 87.54  ? -2  LYS A CD  1 
ATOM   33   C  CE  . LYS A 1 4   ? 19.637  5.746   0.174   1.00 88.38  ? -2  LYS A CE  1 
ATOM   34   N  NZ  . LYS A 1 4   ? 20.493  6.915   0.522   1.00 87.54  ? -2  LYS A NZ  1 
ATOM   35   N  N   . ALA A 1 5   ? 16.077  1.200   1.927   1.00 72.10  ? -1  ALA A N   1 
ATOM   36   C  CA  . ALA A 1 5   ? 15.662  0.470   3.134   1.00 71.82  ? -1  ALA A CA  1 
ATOM   37   C  C   . ALA A 1 5   ? 15.777  1.328   4.393   1.00 72.15  ? -1  ALA A C   1 
ATOM   38   O  O   . ALA A 1 5   ? 16.710  2.116   4.527   1.00 75.59  ? -1  ALA A O   1 
ATOM   39   C  CB  . ALA A 1 5   ? 16.481  -0.802  3.293   1.00 71.92  ? -1  ALA A CB  1 
ATOM   40   N  N   . GLY A 1 6   ? 14.828  1.162   5.314   1.00 71.13  ? 1   GLY A N   1 
ATOM   41   C  CA  . GLY A 1 6   ? 14.747  2.005   6.509   1.00 69.52  ? 1   GLY A CA  1 
ATOM   42   C  C   . GLY A 1 6   ? 14.475  1.237   7.789   1.00 67.83  ? 1   GLY A C   1 
ATOM   43   O  O   . GLY A 1 6   ? 15.053  0.173   8.018   1.00 68.77  ? 1   GLY A O   1 
ATOM   44   N  N   . SER A 1 7   ? 13.594  1.788   8.624   1.00 65.41  ? 2   SER A N   1 
ATOM   45   C  CA  . SER A 1 7   ? 13.298  1.240   9.947   1.00 64.68  ? 2   SER A CA  1 
ATOM   46   C  C   . SER A 1 7   ? 11.929  0.567   9.979   1.00 64.27  ? 2   SER A C   1 
ATOM   47   O  O   . SER A 1 7   ? 10.896  1.240   9.964   1.00 65.16  ? 2   SER A O   1 
ATOM   48   C  CB  . SER A 1 7   ? 13.341  2.356   10.994  1.00 64.11  ? 2   SER A CB  1 
ATOM   49   O  OG  . SER A 1 7   ? 12.971  1.871   12.274  1.00 63.32  ? 2   SER A OG  1 
ATOM   50   N  N   . ALA A 1 8   ? 11.928  -0.762  10.039  1.00 63.07  ? 3   ALA A N   1 
ATOM   51   C  CA  . ALA A 1 8   ? 10.685  -1.530  10.084  1.00 63.12  ? 3   ALA A CA  1 
ATOM   52   C  C   . ALA A 1 8   ? 9.892   -1.278  11.371  1.00 62.09  ? 3   ALA A C   1 
ATOM   53   O  O   . ALA A 1 8   ? 8.661   -1.296  11.355  1.00 61.91  ? 3   ALA A O   1 
ATOM   54   C  CB  . ALA A 1 8   ? 10.973  -3.016  9.917   1.00 63.54  ? 3   ALA A CB  1 
ATOM   55   N  N   . LYS A 1 9   ? 10.598  -1.038  12.475  1.00 62.12  ? 4   LYS A N   1 
ATOM   56   C  CA  . LYS A 1 9   ? 9.959   -0.715  13.755  1.00 62.04  ? 4   LYS A CA  1 
ATOM   57   C  C   . LYS A 1 9   ? 9.142   0.579   13.656  1.00 60.79  ? 4   LYS A C   1 
ATOM   58   O  O   . LYS A 1 9   ? 8.030   0.661   14.183  1.00 59.68  ? 4   LYS A O   1 
ATOM   59   C  CB  . LYS A 1 9   ? 11.016  -0.595  14.857  1.00 62.57  ? 4   LYS A CB  1 
ATOM   60   C  CG  . LYS A 1 9   ? 10.464  -0.313  16.248  1.00 63.35  ? 4   LYS A CG  1 
ATOM   61   C  CD  . LYS A 1 9   ? 9.795   -1.531  16.858  1.00 64.17  ? 4   LYS A CD  1 
ATOM   62   C  CE  . LYS A 1 9   ? 9.234   -1.203  18.231  1.00 64.90  ? 4   LYS A CE  1 
ATOM   63   N  NZ  . LYS A 1 9   ? 8.911   -2.425  19.012  1.00 65.56  ? 4   LYS A NZ  1 
ATOM   64   N  N   . LYS A 1 10  ? 9.705   1.585   12.990  1.00 59.84  ? 5   LYS A N   1 
ATOM   65   C  CA  . LYS A 1 10  ? 8.990   2.826   12.719  1.00 60.04  ? 5   LYS A CA  1 
ATOM   66   C  C   . LYS A 1 10  ? 7.874   2.569   11.714  1.00 60.13  ? 5   LYS A C   1 
ATOM   67   O  O   . LYS A 1 10  ? 6.768   3.081   11.865  1.00 60.14  ? 5   LYS A O   1 
ATOM   68   C  CB  . LYS A 1 10  ? 9.950   3.895   12.181  1.00 60.56  ? 5   LYS A CB  1 
ATOM   69   C  CG  . LYS A 1 10  ? 9.315   5.244   11.855  1.00 60.54  ? 5   LYS A CG  1 
ATOM   70   C  CD  . LYS A 1 10  ? 8.739   5.922   13.090  1.00 61.90  ? 5   LYS A CD  1 
ATOM   71   C  CE  . LYS A 1 10  ? 8.135   7.281   12.766  1.00 62.49  ? 5   LYS A CE  1 
ATOM   72   N  NZ  . LYS A 1 10  ? 9.142   8.246   12.243  1.00 62.77  ? 5   LYS A NZ  1 
ATOM   73   N  N   . GLY A 1 11  ? 8.181   1.773   10.691  1.00 60.35  ? 6   GLY A N   1 
ATOM   74   C  CA  . GLY A 1 11  ? 7.219   1.433   9.645   1.00 60.52  ? 6   GLY A CA  1 
ATOM   75   C  C   . GLY A 1 11  ? 5.956   0.767   10.158  1.00 60.57  ? 6   GLY A C   1 
ATOM   76   O  O   . GLY A 1 11  ? 4.864   1.025   9.648   1.00 61.00  ? 6   GLY A O   1 
ATOM   77   N  N   . ALA A 1 12  ? 6.109   -0.092  11.163  1.00 59.59  ? 7   ALA A N   1 
ATOM   78   C  CA  . ALA A 1 12  ? 4.973   -0.773  11.779  1.00 58.93  ? 7   ALA A CA  1 
ATOM   79   C  C   . ALA A 1 12  ? 4.073   0.215   12.521  1.00 59.30  ? 7   ALA A C   1 
ATOM   80   O  O   . ALA A 1 12  ? 2.848   0.140   12.418  1.00 61.19  ? 7   ALA A O   1 
ATOM   81   C  CB  . ALA A 1 12  ? 5.456   -1.865  12.722  1.00 58.56  ? 7   ALA A CB  1 
ATOM   82   N  N   . THR A 1 13  ? 4.683   1.138   13.264  1.00 58.53  ? 8   THR A N   1 
ATOM   83   C  CA  . THR A 1 13  ? 3.937   2.182   13.972  1.00 57.15  ? 8   THR A CA  1 
ATOM   84   C  C   . THR A 1 13  ? 3.219   3.090   12.979  1.00 57.07  ? 8   THR A C   1 
ATOM   85   O  O   . THR A 1 13  ? 2.085   3.505   13.222  1.00 57.30  ? 8   THR A O   1 
ATOM   86   C  CB  . THR A 1 13  ? 4.861   3.017   14.884  1.00 56.42  ? 8   THR A CB  1 
ATOM   87   O  OG1 . THR A 1 13  ? 5.307   2.205   15.977  1.00 55.80  ? 8   THR A OG1 1 
ATOM   88   C  CG2 . THR A 1 13  ? 4.142   4.241   15.443  1.00 56.26  ? 8   THR A CG2 1 
ATOM   89   N  N   . LEU A 1 14  ? 3.884   3.392   11.865  1.00 57.48  ? 9   LEU A N   1 
ATOM   90   C  CA  . LEU A 1 14  ? 3.281   4.183   10.794  1.00 57.54  ? 9   LEU A CA  1 
ATOM   91   C  C   . LEU A 1 14  ? 2.077   3.472   10.189  1.00 58.03  ? 9   LEU A C   1 
ATOM   92   O  O   . LEU A 1 14  ? 1.071   4.110   9.880   1.00 58.34  ? 9   LEU A O   1 
ATOM   93   C  CB  . LEU A 1 14  ? 4.303   4.487   9.695   1.00 57.32  ? 9   LEU A CB  1 
ATOM   94   C  CG  . LEU A 1 14  ? 5.387   5.512   10.034  1.00 57.11  ? 9   LEU A CG  1 
ATOM   95   C  CD1 . LEU A 1 14  ? 6.477   5.488   8.974   1.00 57.34  ? 9   LEU A CD1 1 
ATOM   96   C  CD2 . LEU A 1 14  ? 4.797   6.907   10.172  1.00 57.15  ? 9   LEU A CD2 1 
ATOM   97   N  N   . PHE A 1 15  ? 2.178   2.156   10.024  1.00 58.92  ? 10  PHE A N   1 
ATOM   98   C  CA  . PHE A 1 15  ? 1.072   1.378   9.474   1.00 60.55  ? 10  PHE A CA  1 
ATOM   99   C  C   . PHE A 1 15  ? -0.161  1.426   10.370  1.00 61.55  ? 10  PHE A C   1 
ATOM   100  O  O   . PHE A 1 15  ? -1.281  1.535   9.874   1.00 62.59  ? 10  PHE A O   1 
ATOM   101  C  CB  . PHE A 1 15  ? 1.474   -0.078  9.239   1.00 60.53  ? 10  PHE A CB  1 
ATOM   102  C  CG  . PHE A 1 15  ? 0.469   -0.849  8.432   1.00 61.42  ? 10  PHE A CG  1 
ATOM   103  C  CD1 . PHE A 1 15  ? 0.509   -0.821  7.044   1.00 61.72  ? 10  PHE A CD1 1 
ATOM   104  C  CD2 . PHE A 1 15  ? -0.528  -1.587  9.056   1.00 61.70  ? 10  PHE A CD2 1 
ATOM   105  C  CE1 . PHE A 1 15  ? -0.419  -1.524  6.294   1.00 61.79  ? 10  PHE A CE1 1 
ATOM   106  C  CE2 . PHE A 1 15  ? -1.460  -2.291  8.310   1.00 61.72  ? 10  PHE A CE2 1 
ATOM   107  C  CZ  . PHE A 1 15  ? -1.405  -2.259  6.928   1.00 61.61  ? 10  PHE A CZ  1 
ATOM   108  N  N   . LYS A 1 16  ? 0.044   1.340   11.681  1.00 63.01  ? 11  LYS A N   1 
ATOM   109  C  CA  . LYS A 1 16  ? -1.068  1.373   12.629  1.00 64.44  ? 11  LYS A CA  1 
ATOM   110  C  C   . LYS A 1 16  ? -1.761  2.734   12.633  1.00 63.61  ? 11  LYS A C   1 
ATOM   111  O  O   . LYS A 1 16  ? -2.989  2.810   12.635  1.00 63.91  ? 11  LYS A O   1 
ATOM   112  C  CB  . LYS A 1 16  ? -0.591  1.031   14.043  1.00 66.42  ? 11  LYS A CB  1 
ATOM   113  C  CG  . LYS A 1 16  ? -0.077  -0.389  14.210  1.00 68.16  ? 11  LYS A CG  1 
ATOM   114  C  CD  . LYS A 1 16  ? 0.206   -0.708  15.673  1.00 71.08  ? 11  LYS A CD  1 
ATOM   115  C  CE  . LYS A 1 16  ? 1.439   -1.590  15.839  1.00 73.11  ? 11  LYS A CE  1 
ATOM   116  N  NZ  . LYS A 1 16  ? 1.377   -2.841  15.032  1.00 73.68  ? 11  LYS A NZ  1 
ATOM   117  N  N   . THR A 1 17  ? -0.968  3.803   12.625  1.00 62.94  ? 12  THR A N   1 
ATOM   118  C  CA  . THR A 1 17  ? -1.498  5.163   12.708  1.00 62.83  ? 12  THR A CA  1 
ATOM   119  C  C   . THR A 1 17  ? -2.055  5.687   11.380  1.00 61.46  ? 12  THR A C   1 
ATOM   120  O  O   . THR A 1 17  ? -2.912  6.571   11.386  1.00 60.72  ? 12  THR A O   1 
ATOM   121  C  CB  . THR A 1 17  ? -0.429  6.154   13.228  1.00 63.75  ? 12  THR A CB  1 
ATOM   122  O  OG1 . THR A 1 17  ? 0.760   6.057   12.434  1.00 64.52  ? 12  THR A OG1 1 
ATOM   123  C  CG2 . THR A 1 17  ? -0.085  5.860   14.678  1.00 63.80  ? 12  THR A CG2 1 
ATOM   124  N  N   . ARG A 1 18  ? -1.578  5.148   10.256  1.00 60.86  ? 13  ARG A N   1 
ATOM   125  C  CA  . ARG A 1 18  ? -1.942  5.673   8.932   1.00 60.29  ? 13  ARG A CA  1 
ATOM   126  C  C   . ARG A 1 18  ? -2.662  4.704   7.984   1.00 58.85  ? 13  ARG A C   1 
ATOM   127  O  O   . ARG A 1 18  ? -3.311  5.156   7.046   1.00 57.99  ? 13  ARG A O   1 
ATOM   128  C  CB  . ARG A 1 18  ? -0.696  6.200   8.218   1.00 61.21  ? 13  ARG A CB  1 
ATOM   129  C  CG  . ARG A 1 18  ? 0.078   7.265   8.978   1.00 62.35  ? 13  ARG A CG  1 
ATOM   130  C  CD  . ARG A 1 18  ? -0.726  8.543   9.180   1.00 63.51  ? 13  ARG A CD  1 
ATOM   131  N  NE  . ARG A 1 18  ? 0.073   9.724   8.845   1.00 64.60  ? 13  ARG A NE  1 
ATOM   132  C  CZ  . ARG A 1 18  ? 0.038   10.374  7.681   1.00 65.57  ? 13  ARG A CZ  1 
ATOM   133  N  NH1 . ARG A 1 18  ? 0.825   11.428  7.496   1.00 66.50  ? 13  ARG A NH1 1 
ATOM   134  N  NH2 . ARG A 1 18  ? -0.779  9.995   6.699   1.00 65.52  ? 13  ARG A NH2 1 
ATOM   135  N  N   . CYS A 1 19  ? -2.549  3.396   8.212   1.00 57.94  ? 14  CYS A N   1 
ATOM   136  C  CA  . CYS A 1 19  ? -3.093  2.394   7.282   1.00 57.23  ? 14  CYS A CA  1 
ATOM   137  C  C   . CYS A 1 19  ? -4.117  1.433   7.880   1.00 55.71  ? 14  CYS A C   1 
ATOM   138  O  O   . CYS A 1 19  ? -5.138  1.149   7.253   1.00 54.65  ? 14  CYS A O   1 
ATOM   139  C  CB  . CYS A 1 19  ? -1.956  1.561   6.701   1.00 58.11  ? 14  CYS A CB  1 
ATOM   140  S  SG  . CYS A 1 19  ? -0.757  2.520   5.766   1.00 59.60  ? 14  CYS A SG  1 
ATOM   141  N  N   . LEU A 1 20  ? -3.832  0.927   9.080   1.00 53.71  ? 15  LEU A N   1 
ATOM   142  C  CA  . LEU A 1 20  ? -4.597  -0.170  9.690   1.00 51.76  ? 15  LEU A CA  1 
ATOM   143  C  C   . LEU A 1 20  ? -6.106  0.097   9.803   1.00 51.39  ? 15  LEU A C   1 
ATOM   144  O  O   . LEU A 1 20  ? -6.894  -0.839  9.921   1.00 50.62  ? 15  LEU A O   1 
ATOM   145  C  CB  . LEU A 1 20  ? -4.004  -0.507  11.065  1.00 51.03  ? 15  LEU A CB  1 
ATOM   146  C  CG  . LEU A 1 20  ? -4.531  -1.715  11.845  1.00 50.33  ? 15  LEU A CG  1 
ATOM   147  C  CD1 . LEU A 1 20  ? -4.470  -2.993  11.024  1.00 50.38  ? 15  LEU A CD1 1 
ATOM   148  C  CD2 . LEU A 1 20  ? -3.743  -1.875  13.135  1.00 49.67  ? 15  LEU A CD2 1 
ATOM   149  N  N   . GLN A 1 21  ? -6.502  1.368   9.763   1.00 51.79  ? 16  GLN A N   1 
ATOM   150  C  CA  . GLN A 1 21  ? -7.914  1.744   9.697   1.00 51.97  ? 16  GLN A CA  1 
ATOM   151  C  C   . GLN A 1 21  ? -8.626  1.137   8.485   1.00 52.68  ? 16  GLN A C   1 
ATOM   152  O  O   . GLN A 1 21  ? -9.804  0.788   8.570   1.00 54.25  ? 16  GLN A O   1 
ATOM   153  C  CB  . GLN A 1 21  ? -8.050  3.272   9.666   1.00 52.61  ? 16  GLN A CB  1 
ATOM   154  C  CG  . GLN A 1 21  ? -9.485  3.785   9.631   1.00 53.36  ? 16  GLN A CG  1 
ATOM   155  C  CD  . GLN A 1 21  ? -9.579  5.303   9.666   1.00 53.86  ? 16  GLN A CD  1 
ATOM   156  O  OE1 . GLN A 1 21  ? -8.729  5.984   10.246  1.00 54.90  ? 16  GLN A OE1 1 
ATOM   157  N  NE2 . GLN A 1 21  ? -10.627 5.841   9.052   1.00 52.81  ? 16  GLN A NE2 1 
ATOM   158  N  N   . CYS A 1 22  ? -7.911  1.020   7.365   1.00 53.26  ? 17  CYS A N   1 
ATOM   159  C  CA  . CYS A 1 22  ? -8.487  0.535   6.108   1.00 52.78  ? 17  CYS A CA  1 
ATOM   160  C  C   . CYS A 1 22  ? -7.888  -0.781  5.589   1.00 52.40  ? 17  CYS A C   1 
ATOM   161  O  O   . CYS A 1 22  ? -8.339  -1.288  4.564   1.00 53.64  ? 17  CYS A O   1 
ATOM   162  C  CB  . CYS A 1 22  ? -8.295  1.593   5.021   1.00 52.98  ? 17  CYS A CB  1 
ATOM   163  S  SG  . CYS A 1 22  ? -8.980  3.238   5.357   1.00 55.02  ? 17  CYS A SG  1 
ATOM   164  N  N   . HIS A 1 23  ? -6.887  -1.336  6.272   1.00 52.38  ? 18  HIS A N   1 
ATOM   165  C  CA  . HIS A 1 23  ? -6.115  -2.458  5.719   1.00 52.43  ? 18  HIS A CA  1 
ATOM   166  C  C   . HIS A 1 23  ? -5.634  -3.464  6.757   1.00 53.21  ? 18  HIS A C   1 
ATOM   167  O  O   . HIS A 1 23  ? -5.501  -3.148  7.935   1.00 53.75  ? 18  HIS A O   1 
ATOM   168  C  CB  . HIS A 1 23  ? -4.880  -1.928  4.989   1.00 52.21  ? 18  HIS A CB  1 
ATOM   169  C  CG  . HIS A 1 23  ? -5.187  -1.207  3.716   1.00 52.00  ? 18  HIS A CG  1 
ATOM   170  N  ND1 . HIS A 1 23  ? -5.390  -1.862  2.522   1.00 52.15  ? 18  HIS A ND1 1 
ATOM   171  C  CD2 . HIS A 1 23  ? -5.302  0.113   3.445   1.00 51.99  ? 18  HIS A CD2 1 
ATOM   172  C  CE1 . HIS A 1 23  ? -5.626  -0.976  1.572   1.00 51.48  ? 18  HIS A CE1 1 
ATOM   173  N  NE2 . HIS A 1 23  ? -5.577  0.230   2.106   1.00 51.01  ? 18  HIS A NE2 1 
ATOM   174  N  N   . THR A 1 24  ? -5.350  -4.675  6.285   1.00 54.84  ? 19  THR A N   1 
ATOM   175  C  CA  . THR A 1 24  ? -4.718  -5.720  7.089   1.00 56.17  ? 19  THR A CA  1 
ATOM   176  C  C   . THR A 1 24  ? -3.593  -6.354  6.272   1.00 57.98  ? 19  THR A C   1 
ATOM   177  O  O   . THR A 1 24  ? -3.596  -6.280  5.042   1.00 57.74  ? 19  THR A O   1 
ATOM   178  C  CB  . THR A 1 24  ? -5.729  -6.804  7.513   1.00 56.38  ? 19  THR A CB  1 
ATOM   179  O  OG1 . THR A 1 24  ? -6.317  -7.402  6.352   1.00 55.41  ? 19  THR A OG1 1 
ATOM   180  C  CG2 . THR A 1 24  ? -6.833  -6.205  8.379   1.00 56.21  ? 19  THR A CG2 1 
ATOM   181  N  N   . VAL A 1 25  ? -2.637  -6.972  6.960   1.00 60.10  ? 20  VAL A N   1 
ATOM   182  C  CA  . VAL A 1 25  ? -1.432  -7.509  6.309   1.00 60.86  ? 20  VAL A CA  1 
ATOM   183  C  C   . VAL A 1 25  ? -1.302  -9.036  6.361   1.00 62.50  ? 20  VAL A C   1 
ATOM   184  O  O   . VAL A 1 25  ? -0.554  -9.614  5.569   1.00 62.33  ? 20  VAL A O   1 
ATOM   185  C  CB  . VAL A 1 25  ? -0.144  -6.881  6.895   1.00 60.23  ? 20  VAL A CB  1 
ATOM   186  C  CG1 . VAL A 1 25  ? -0.225  -5.361  6.849   1.00 59.28  ? 20  VAL A CG1 1 
ATOM   187  C  CG2 . VAL A 1 25  ? 0.118   -7.363  8.318   1.00 60.66  ? 20  VAL A CG2 1 
ATOM   188  N  N   . GLU A 1 26  ? -2.017  -9.684  7.278   1.00 64.79  ? 21  GLU A N   1 
ATOM   189  C  CA  . GLU A 1 26  ? -1.844  -11.121 7.508   1.00 67.62  ? 21  GLU A CA  1 
ATOM   190  C  C   . GLU A 1 26  ? -2.466  -11.941 6.384   1.00 66.86  ? 21  GLU A C   1 
ATOM   191  O  O   . GLU A 1 26  ? -3.364  -11.469 5.685   1.00 65.59  ? 21  GLU A O   1 
ATOM   192  C  CB  . GLU A 1 26  ? -2.465  -11.541 8.845   1.00 71.36  ? 21  GLU A CB  1 
ATOM   193  C  CG  . GLU A 1 26  ? -1.929  -10.814 10.074  1.00 75.58  ? 21  GLU A CG  1 
ATOM   194  C  CD  . GLU A 1 26  ? -0.445  -11.039 10.327  1.00 78.88  ? 21  GLU A CD  1 
ATOM   195  O  OE1 . GLU A 1 26  ? 0.160   -10.204 11.034  1.00 81.93  ? 21  GLU A OE1 1 
ATOM   196  O  OE2 . GLU A 1 26  ? 0.121   -12.040 9.829   1.00 80.35  ? 21  GLU A OE2 1 
ATOM   197  N  N   . LYS A 1 27  ? -1.977  -13.169 6.217   1.00 66.95  ? 22  LYS A N   1 
ATOM   198  C  CA  . LYS A 1 27  ? -2.538  -14.092 5.238   1.00 67.46  ? 22  LYS A CA  1 
ATOM   199  C  C   . LYS A 1 27  ? -3.929  -14.512 5.693   1.00 66.65  ? 22  LYS A C   1 
ATOM   200  O  O   . LYS A 1 27  ? -4.136  -14.832 6.863   1.00 66.74  ? 22  LYS A O   1 
ATOM   201  C  CB  . LYS A 1 27  ? -1.653  -15.328 5.077   1.00 69.56  ? 22  LYS A CB  1 
ATOM   202  C  CG  . LYS A 1 27  ? -2.042  -16.206 3.897   1.00 72.08  ? 22  LYS A CG  1 
ATOM   203  C  CD  . LYS A 1 27  ? -1.382  -17.574 3.964   1.00 75.12  ? 22  LYS A CD  1 
ATOM   204  C  CE  . LYS A 1 27  ? -1.855  -18.473 2.829   1.00 77.13  ? 22  LYS A CE  1 
ATOM   205  N  NZ  . LYS A 1 27  ? -1.443  -19.894 3.022   1.00 78.60  ? 22  LYS A NZ  1 
ATOM   206  N  N   . GLY A 1 28  ? -4.879  -14.501 4.763   1.00 66.34  ? 23  GLY A N   1 
ATOM   207  C  CA  . GLY A 1 28  ? -6.274  -14.798 5.078   1.00 65.28  ? 23  GLY A CA  1 
ATOM   208  C  C   . GLY A 1 28  ? -6.942  -13.738 5.939   1.00 63.32  ? 23  GLY A C   1 
ATOM   209  O  O   . GLY A 1 28  ? -7.965  -14.003 6.569   1.00 63.77  ? 23  GLY A O   1 
ATOM   210  N  N   . GLY A 1 29  ? -6.373  -12.534 5.954   1.00 61.49  ? 24  GLY A N   1 
ATOM   211  C  CA  . GLY A 1 29  ? -6.868  -11.455 6.797   1.00 59.81  ? 24  GLY A CA  1 
ATOM   212  C  C   . GLY A 1 29  ? -8.124  -10.829 6.224   1.00 58.38  ? 24  GLY A C   1 
ATOM   213  O  O   . GLY A 1 29  ? -8.384  -10.947 5.027   1.00 57.63  ? 24  GLY A O   1 
ATOM   214  N  N   . PRO A 1 30  ? -8.908  -10.149 7.075   1.00 57.93  ? 25  PRO A N   1 
ATOM   215  C  CA  . PRO A 1 30  ? -10.172 -9.560  6.652   1.00 57.59  ? 25  PRO A CA  1 
ATOM   216  C  C   . PRO A 1 30  ? -9.983  -8.301  5.822   1.00 57.05  ? 25  PRO A C   1 
ATOM   217  O  O   . PRO A 1 30  ? -8.991  -7.592  5.989   1.00 58.42  ? 25  PRO A O   1 
ATOM   218  C  CB  . PRO A 1 30  ? -10.843 -9.202  7.978   1.00 57.38  ? 25  PRO A CB  1 
ATOM   219  C  CG  . PRO A 1 30  ? -9.707  -8.901  8.888   1.00 57.58  ? 25  PRO A CG  1 
ATOM   220  C  CD  . PRO A 1 30  ? -8.605  -9.842  8.486   1.00 58.25  ? 25  PRO A CD  1 
ATOM   221  N  N   . HIS A 1 31  ? -10.935 -8.034  4.934   1.00 56.45  ? 26  HIS A N   1 
ATOM   222  C  CA  . HIS A 1 31  ? -10.999 -6.748  4.252   1.00 56.31  ? 26  HIS A CA  1 
ATOM   223  C  C   . HIS A 1 31  ? -11.681 -5.758  5.190   1.00 56.78  ? 26  HIS A C   1 
ATOM   224  O  O   . HIS A 1 31  ? -12.592 -6.128  5.934   1.00 58.36  ? 26  HIS A O   1 
ATOM   225  C  CB  . HIS A 1 31  ? -11.793 -6.852  2.945   1.00 55.51  ? 26  HIS A CB  1 
ATOM   226  C  CG  . HIS A 1 31  ? -11.249 -7.860  1.982   1.00 54.82  ? 26  HIS A CG  1 
ATOM   227  N  ND1 . HIS A 1 31  ? -9.963  -7.804  1.494   1.00 53.70  ? 26  HIS A ND1 1 
ATOM   228  C  CD2 . HIS A 1 31  ? -11.821 -8.946  1.409   1.00 55.10  ? 26  HIS A CD2 1 
ATOM   229  C  CE1 . HIS A 1 31  ? -9.762  -8.815  0.668   1.00 53.75  ? 26  HIS A CE1 1 
ATOM   230  N  NE2 . HIS A 1 31  ? -10.874 -9.522  0.597   1.00 54.26  ? 26  HIS A NE2 1 
ATOM   231  N  N   . LYS A 1 32  ? -11.226 -4.510  5.172   1.00 56.20  ? 27  LYS A N   1 
ATOM   232  C  CA  . LYS A 1 32  ? -11.934 -3.423  5.839   1.00 55.48  ? 27  LYS A CA  1 
ATOM   233  C  C   . LYS A 1 32  ? -12.539 -2.554  4.735   1.00 54.35  ? 27  LYS A C   1 
ATOM   234  O  O   . LYS A 1 32  ? -13.166 -3.092  3.822   1.00 54.77  ? 27  LYS A O   1 
ATOM   235  C  CB  . LYS A 1 32  ? -10.994 -2.646  6.761   1.00 56.10  ? 27  LYS A CB  1 
ATOM   236  C  CG  . LYS A 1 32  ? -10.296 -3.514  7.798   1.00 56.31  ? 27  LYS A CG  1 
ATOM   237  C  CD  . LYS A 1 32  ? -10.040 -2.732  9.077   1.00 55.97  ? 27  LYS A CD  1 
ATOM   238  C  CE  . LYS A 1 32  ? -9.002  -3.405  9.956   1.00 55.88  ? 27  LYS A CE  1 
ATOM   239  N  NZ  . LYS A 1 32  ? -8.725  -2.587  11.167  1.00 56.07  ? 27  LYS A NZ  1 
ATOM   240  N  N   . VAL A 1 33  ? -12.364 -1.236  4.792   1.00 53.71  ? 28  VAL A N   1 
ATOM   241  C  CA  . VAL A 1 33  ? -12.798 -0.380  3.688   1.00 53.81  ? 28  VAL A CA  1 
ATOM   242  C  C   . VAL A 1 33  ? -11.926 -0.699  2.480   1.00 53.52  ? 28  VAL A C   1 
ATOM   243  O  O   . VAL A 1 33  ? -12.423 -0.793  1.358   1.00 53.89  ? 28  VAL A O   1 
ATOM   244  C  CB  . VAL A 1 33  ? -12.690 1.125   4.015   1.00 54.48  ? 28  VAL A CB  1 
ATOM   245  C  CG1 . VAL A 1 33  ? -13.268 1.954   2.877   1.00 53.75  ? 28  VAL A CG1 1 
ATOM   246  C  CG2 . VAL A 1 33  ? -13.395 1.449   5.330   1.00 56.30  ? 28  VAL A CG2 1 
ATOM   247  N  N   . GLY A 1 34  ? -10.627 -0.866  2.727   1.00 52.71  ? 29  GLY A N   1 
ATOM   248  C  CA  . GLY A 1 34  ? -9.669  -1.258  1.697   1.00 51.99  ? 29  GLY A CA  1 
ATOM   249  C  C   . GLY A 1 34  ? -9.328  -2.732  1.795   1.00 51.34  ? 29  GLY A C   1 
ATOM   250  O  O   . GLY A 1 34  ? -9.687  -3.387  2.772   1.00 51.71  ? 29  GLY A O   1 
ATOM   251  N  N   . PRO A 1 35  ? -8.627  -3.265  0.782   1.00 51.16  ? 30  PRO A N   1 
ATOM   252  C  CA  . PRO A 1 35  ? -8.317  -4.689  0.709   1.00 51.26  ? 30  PRO A CA  1 
ATOM   253  C  C   . PRO A 1 35  ? -7.242  -5.143  1.684   1.00 51.82  ? 30  PRO A C   1 
ATOM   254  O  O   . PRO A 1 35  ? -6.502  -4.328  2.224   1.00 54.42  ? 30  PRO A O   1 
ATOM   255  C  CB  . PRO A 1 35  ? -7.800  -4.856  -0.719  1.00 51.51  ? 30  PRO A CB  1 
ATOM   256  C  CG  . PRO A 1 35  ? -7.223  -3.532  -1.060  1.00 51.95  ? 30  PRO A CG  1 
ATOM   257  C  CD  . PRO A 1 35  ? -8.145  -2.545  -0.410  1.00 52.41  ? 30  PRO A CD  1 
ATOM   258  N  N   . ASN A 1 36  ? -7.170  -6.455  1.883   1.00 51.77  ? 31  ASN A N   1 
ATOM   259  C  CA  . ASN A 1 36  ? -6.091  -7.084  2.624   1.00 51.29  ? 31  ASN A CA  1 
ATOM   260  C  C   . ASN A 1 36  ? -4.867  -7.051  1.719   1.00 51.93  ? 31  ASN A C   1 
ATOM   261  O  O   . ASN A 1 36  ? -4.978  -7.290  0.514   1.00 52.63  ? 31  ASN A O   1 
ATOM   262  C  CB  . ASN A 1 36  ? -6.467  -8.525  2.982   1.00 50.54  ? 31  ASN A CB  1 
ATOM   263  C  CG  . ASN A 1 36  ? -5.315  -9.298  3.591   1.00 50.50  ? 31  ASN A CG  1 
ATOM   264  O  OD1 . ASN A 1 36  ? -4.662  -10.087 2.911   1.00 50.53  ? 31  ASN A OD1 1 
ATOM   265  N  ND2 . ASN A 1 36  ? -5.056  -9.073  4.874   1.00 50.39  ? 31  ASN A ND2 1 
ATOM   266  N  N   . LEU A 1 37  ? -3.710  -6.753  2.300   1.00 52.42  ? 32  LEU A N   1 
ATOM   267  C  CA  . LEU A 1 37  ? -2.505  -6.473  1.522   1.00 52.51  ? 32  LEU A CA  1 
ATOM   268  C  C   . LEU A 1 37  ? -1.516  -7.636  1.443   1.00 51.52  ? 32  LEU A C   1 
ATOM   269  O  O   . LEU A 1 37  ? -0.420  -7.470  0.914   1.00 51.02  ? 32  LEU A O   1 
ATOM   270  C  CB  . LEU A 1 37  ? -1.808  -5.230  2.088   1.00 52.99  ? 32  LEU A CB  1 
ATOM   271  C  CG  . LEU A 1 37  ? -2.646  -3.946  2.030   1.00 53.64  ? 32  LEU A CG  1 
ATOM   272  C  CD1 . LEU A 1 37  ? -1.966  -2.817  2.789   1.00 53.54  ? 32  LEU A CD1 1 
ATOM   273  C  CD2 . LEU A 1 37  ? -2.915  -3.543  0.586   1.00 54.01  ? 32  LEU A CD2 1 
ATOM   274  N  N   . HIS A 1 38  ? -1.891  -8.811  1.940   1.00 51.58  ? 33  HIS A N   1 
ATOM   275  C  CA  . HIS A 1 38  ? -0.989  -9.956  1.872   1.00 53.71  ? 33  HIS A CA  1 
ATOM   276  C  C   . HIS A 1 38  ? -0.632  -10.272 0.424   1.00 53.10  ? 33  HIS A C   1 
ATOM   277  O  O   . HIS A 1 38  ? -1.508  -10.354 -0.432  1.00 54.11  ? 33  HIS A O   1 
ATOM   278  C  CB  . HIS A 1 38  ? -1.596  -11.195 2.525   1.00 55.42  ? 33  HIS A CB  1 
ATOM   279  C  CG  . HIS A 1 38  ? -0.719  -12.404 2.429   1.00 57.39  ? 33  HIS A CG  1 
ATOM   280  N  ND1 . HIS A 1 38  ? 0.291   -12.663 3.332   1.00 59.07  ? 33  HIS A ND1 1 
ATOM   281  C  CD2 . HIS A 1 38  ? -0.680  -13.407 1.521   1.00 58.45  ? 33  HIS A CD2 1 
ATOM   282  C  CE1 . HIS A 1 38  ? 0.905   -13.782 2.990   1.00 59.83  ? 33  HIS A CE1 1 
ATOM   283  N  NE2 . HIS A 1 38  ? 0.336   -14.254 1.895   1.00 59.36  ? 33  HIS A NE2 1 
ATOM   284  N  N   . GLY A 1 39  ? 0.660   -10.441 0.161   1.00 52.77  ? 34  GLY A N   1 
ATOM   285  C  CA  . GLY A 1 39  ? 1.153   -10.745 -1.178  1.00 52.81  ? 34  GLY A CA  1 
ATOM   286  C  C   . GLY A 1 39  ? 1.098   -9.591  -2.168  1.00 52.72  ? 34  GLY A C   1 
ATOM   287  O  O   . GLY A 1 39  ? 1.217   -9.810  -3.372  1.00 54.72  ? 34  GLY A O   1 
ATOM   288  N  N   . ILE A 1 40  ? 0.938   -8.365  -1.673  1.00 51.88  ? 35  ILE A N   1 
ATOM   289  C  CA  . ILE A 1 40  ? 0.777   -7.194  -2.546  1.00 51.81  ? 35  ILE A CA  1 
ATOM   290  C  C   . ILE A 1 40  ? 1.993   -6.936  -3.450  1.00 51.83  ? 35  ILE A C   1 
ATOM   291  O  O   . ILE A 1 40  ? 1.828   -6.535  -4.600  1.00 51.26  ? 35  ILE A O   1 
ATOM   292  C  CB  . ILE A 1 40  ? 0.420   -5.913  -1.740  1.00 51.20  ? 35  ILE A CB  1 
ATOM   293  C  CG1 . ILE A 1 40  ? 0.019   -4.757  -2.667  1.00 51.19  ? 35  ILE A CG1 1 
ATOM   294  C  CG2 . ILE A 1 40  ? 1.574   -5.471  -0.848  1.00 51.20  ? 35  ILE A CG2 1 
ATOM   295  C  CD1 . ILE A 1 40  ? -1.211  -5.028  -3.508  1.00 51.69  ? 35  ILE A CD1 1 
ATOM   296  N  N   . PHE A 1 41  ? 3.201   -7.169  -2.941  1.00 53.02  ? 36  PHE A N   1 
ATOM   297  C  CA  . PHE A 1 41  ? 4.419   -6.931  -3.727  1.00 54.16  ? 36  PHE A CA  1 
ATOM   298  C  C   . PHE A 1 41  ? 4.676   -8.067  -4.715  1.00 54.85  ? 36  PHE A C   1 
ATOM   299  O  O   . PHE A 1 41  ? 4.579   -9.242  -4.364  1.00 54.39  ? 36  PHE A O   1 
ATOM   300  C  CB  . PHE A 1 41  ? 5.631   -6.730  -2.815  1.00 53.48  ? 36  PHE A CB  1 
ATOM   301  C  CG  . PHE A 1 41  ? 5.617   -5.424  -2.076  1.00 52.76  ? 36  PHE A CG  1 
ATOM   302  C  CD1 . PHE A 1 41  ? 6.049   -4.258  -2.691  1.00 53.01  ? 36  PHE A CD1 1 
ATOM   303  C  CD2 . PHE A 1 41  ? 5.162   -5.357  -0.770  1.00 53.12  ? 36  PHE A CD2 1 
ATOM   304  C  CE1 . PHE A 1 41  ? 6.033   -3.049  -2.014  1.00 53.09  ? 36  PHE A CE1 1 
ATOM   305  C  CE2 . PHE A 1 41  ? 5.144   -4.154  -0.088  1.00 52.85  ? 36  PHE A CE2 1 
ATOM   306  C  CZ  . PHE A 1 41  ? 5.579   -2.997  -0.709  1.00 52.68  ? 36  PHE A CZ  1 
ATOM   307  N  N   . GLY A 1 42  ? 5.004   -7.703  -5.952  1.00 56.35  ? 37  GLY A N   1 
ATOM   308  C  CA  . GLY A 1 42  ? 5.183   -8.674  -7.028  1.00 57.68  ? 37  GLY A CA  1 
ATOM   309  C  C   . GLY A 1 42  ? 3.868   -9.153  -7.622  1.00 58.62  ? 37  GLY A C   1 
ATOM   310  O  O   . GLY A 1 42  ? 3.828   -10.176 -8.308  1.00 59.45  ? 37  GLY A O   1 
ATOM   311  N  N   . ARG A 1 43  ? 2.794   -8.409  -7.364  1.00 58.56  ? 38  ARG A N   1 
ATOM   312  C  CA  . ARG A 1 43  ? 1.470   -8.739  -7.871  1.00 58.69  ? 38  ARG A CA  1 
ATOM   313  C  C   . ARG A 1 43  ? 0.864   -7.495  -8.506  1.00 58.42  ? 38  ARG A C   1 
ATOM   314  O  O   . ARG A 1 43  ? 1.011   -6.389  -7.984  1.00 58.99  ? 38  ARG A O   1 
ATOM   315  C  CB  . ARG A 1 43  ? 0.578   -9.267  -6.737  1.00 60.02  ? 38  ARG A CB  1 
ATOM   316  C  CG  . ARG A 1 43  ? -0.916  -9.267  -7.046  1.00 61.57  ? 38  ARG A CG  1 
ATOM   317  C  CD  . ARG A 1 43  ? -1.667  -10.398 -6.352  1.00 62.92  ? 38  ARG A CD  1 
ATOM   318  N  NE  . ARG A 1 43  ? -1.657  -10.324 -4.888  1.00 63.89  ? 38  ARG A NE  1 
ATOM   319  C  CZ  . ARG A 1 43  ? -2.398  -9.494  -4.152  1.00 65.53  ? 38  ARG A CZ  1 
ATOM   320  N  NH1 . ARG A 1 43  ? -3.216  -8.614  -4.720  1.00 66.69  ? 38  ARG A NH1 1 
ATOM   321  N  NH2 . ARG A 1 43  ? -2.310  -9.533  -2.828  1.00 66.46  ? 38  ARG A NH2 1 
ATOM   322  N  N   . HIS A 1 44  ? 0.192   -7.680  -9.638  1.00 57.92  ? 39  HIS A N   1 
ATOM   323  C  CA  . HIS A 1 44  ? -0.478  -6.578  -10.321 1.00 57.17  ? 39  HIS A CA  1 
ATOM   324  C  C   . HIS A 1 44  ? -1.663  -6.084  -9.503  1.00 56.73  ? 39  HIS A C   1 
ATOM   325  O  O   . HIS A 1 44  ? -2.265  -6.849  -8.749  1.00 57.72  ? 39  HIS A O   1 
ATOM   326  C  CB  . HIS A 1 44  ? -0.934  -7.005  -11.713 1.00 57.23  ? 39  HIS A CB  1 
ATOM   327  C  CG  . HIS A 1 44  ? 0.189   -7.159  -12.688 1.00 57.65  ? 39  HIS A CG  1 
ATOM   328  N  ND1 . HIS A 1 44  ? 0.920   -8.321  -12.800 1.00 57.11  ? 39  HIS A ND1 1 
ATOM   329  C  CD2 . HIS A 1 44  ? 0.711   -6.294  -13.590 1.00 57.98  ? 39  HIS A CD2 1 
ATOM   330  C  CE1 . HIS A 1 44  ? 1.842   -8.166  -13.734 1.00 58.96  ? 39  HIS A CE1 1 
ATOM   331  N  NE2 . HIS A 1 44  ? 1.739   -6.945  -14.226 1.00 59.05  ? 39  HIS A NE2 1 
ATOM   332  N  N   . SER A 1 45  ? -1.990  -4.805  -9.655  1.00 56.06  ? 40  SER A N   1 
ATOM   333  C  CA  . SER A 1 45  ? -3.026  -4.169  -8.844  1.00 56.39  ? 40  SER A CA  1 
ATOM   334  C  C   . SER A 1 45  ? -4.413  -4.765  -9.081  1.00 56.74  ? 40  SER A C   1 
ATOM   335  O  O   . SER A 1 45  ? -4.694  -5.311  -10.148 1.00 56.21  ? 40  SER A O   1 
ATOM   336  C  CB  . SER A 1 45  ? -3.064  -2.663  -9.110  1.00 56.57  ? 40  SER A CB  1 
ATOM   337  O  OG  . SER A 1 45  ? -3.443  -2.381  -10.446 1.00 56.66  ? 40  SER A OG  1 
ATOM   338  N  N   . GLY A 1 46  ? -5.263  -4.665  -8.064  1.00 57.94  ? 41  GLY A N   1 
ATOM   339  C  CA  . GLY A 1 46  ? -6.657  -5.088  -8.158  1.00 58.57  ? 41  GLY A CA  1 
ATOM   340  C  C   . GLY A 1 46  ? -6.921  -6.563  -7.898  1.00 59.32  ? 41  GLY A C   1 
ATOM   341  O  O   . GLY A 1 46  ? -8.021  -7.048  -8.167  1.00 59.08  ? 41  GLY A O   1 
ATOM   342  N  N   . GLN A 1 47  ? -5.943  -7.276  -7.343  1.00 60.10  ? 42  GLN A N   1 
ATOM   343  C  CA  . GLN A 1 47  ? -6.010  -8.739  -7.293  1.00 60.85  ? 42  GLN A CA  1 
ATOM   344  C  C   . GLN A 1 47  ? -6.086  -9.346  -5.885  1.00 60.46  ? 42  GLN A C   1 
ATOM   345  O  O   . GLN A 1 47  ? -5.818  -10.537 -5.709  1.00 60.17  ? 42  GLN A O   1 
ATOM   346  C  CB  . GLN A 1 47  ? -4.835  -9.326  -8.082  1.00 61.37  ? 42  GLN A CB  1 
ATOM   347  C  CG  . GLN A 1 47  ? -4.930  -9.028  -9.569  1.00 62.03  ? 42  GLN A CG  1 
ATOM   348  C  CD  . GLN A 1 47  ? -3.774  -9.589  -10.372 1.00 63.26  ? 42  GLN A CD  1 
ATOM   349  O  OE1 . GLN A 1 47  ? -3.106  -10.539 -9.959  1.00 63.00  ? 42  GLN A OE1 1 
ATOM   350  N  NE2 . GLN A 1 47  ? -3.538  -9.001  -11.539 1.00 63.39  ? 42  GLN A NE2 1 
ATOM   351  N  N   . ALA A 1 48  ? -6.464  -8.544  -4.892  1.00 60.22  ? 43  ALA A N   1 
ATOM   352  C  CA  . ALA A 1 48  ? -6.772  -9.080  -3.567  1.00 60.98  ? 43  ALA A CA  1 
ATOM   353  C  C   . ALA A 1 48  ? -8.043  -9.915  -3.670  1.00 61.83  ? 43  ALA A C   1 
ATOM   354  O  O   . ALA A 1 48  ? -9.103  -9.393  -4.015  1.00 62.70  ? 43  ALA A O   1 
ATOM   355  C  CB  . ALA A 1 48  ? -6.956  -7.962  -2.553  1.00 60.39  ? 43  ALA A CB  1 
ATOM   356  N  N   . GLU A 1 49  ? -7.929  -11.209 -3.379  1.00 63.97  ? 44  GLU A N   1 
ATOM   357  C  CA  . GLU A 1 49  ? -9.044  -12.141 -3.545  1.00 65.23  ? 44  GLU A CA  1 
ATOM   358  C  C   . GLU A 1 49  ? -10.171 -11.800 -2.574  1.00 62.48  ? 44  GLU A C   1 
ATOM   359  O  O   . GLU A 1 49  ? -9.961  -11.758 -1.362  1.00 61.85  ? 44  GLU A O   1 
ATOM   360  C  CB  . GLU A 1 49  ? -8.567  -13.588 -3.339  1.00 69.52  ? 44  GLU A CB  1 
ATOM   361  C  CG  . GLU A 1 49  ? -9.460  -14.654 -3.964  1.00 74.20  ? 44  GLU A CG  1 
ATOM   362  C  CD  . GLU A 1 49  ? -10.508 -15.210 -3.009  1.00 79.50  ? 44  GLU A CD  1 
ATOM   363  O  OE1 . GLU A 1 49  ? -10.133 -15.675 -1.907  1.00 81.97  ? 44  GLU A OE1 1 
ATOM   364  O  OE2 . GLU A 1 49  ? -11.708 -15.200 -3.367  1.00 83.11  ? 44  GLU A OE2 1 
ATOM   365  N  N   . GLY A 1 50  ? -11.355 -11.530 -3.121  1.00 60.24  ? 45  GLY A N   1 
ATOM   366  C  CA  . GLY A 1 50  ? -12.538 -11.226 -2.316  1.00 59.25  ? 45  GLY A CA  1 
ATOM   367  C  C   . GLY A 1 50  ? -12.866 -9.750  -2.164  1.00 58.08  ? 45  GLY A C   1 
ATOM   368  O  O   . GLY A 1 50  ? -13.887 -9.407  -1.566  1.00 57.93  ? 45  GLY A O   1 
ATOM   369  N  N   . TYR A 1 51  ? -12.012 -8.875  -2.691  1.00 56.89  ? 46  TYR A N   1 
ATOM   370  C  CA  . TYR A 1 51  ? -12.244 -7.433  -2.626  1.00 55.44  ? 46  TYR A CA  1 
ATOM   371  C  C   . TYR A 1 51  ? -12.740 -6.919  -3.971  1.00 55.73  ? 46  TYR A C   1 
ATOM   372  O  O   . TYR A 1 51  ? -12.330 -7.416  -5.021  1.00 57.45  ? 46  TYR A O   1 
ATOM   373  C  CB  . TYR A 1 51  ? -10.968 -6.686  -2.221  1.00 54.28  ? 46  TYR A CB  1 
ATOM   374  C  CG  . TYR A 1 51  ? -11.205 -5.221  -1.926  1.00 53.21  ? 46  TYR A CG  1 
ATOM   375  C  CD1 . TYR A 1 51  ? -11.654 -4.807  -0.677  1.00 52.96  ? 46  TYR A CD1 1 
ATOM   376  C  CD2 . TYR A 1 51  ? -10.995 -4.251  -2.898  1.00 53.06  ? 46  TYR A CD2 1 
ATOM   377  C  CE1 . TYR A 1 51  ? -11.884 -3.469  -0.406  1.00 52.23  ? 46  TYR A CE1 1 
ATOM   378  C  CE2 . TYR A 1 51  ? -11.221 -2.912  -2.638  1.00 52.74  ? 46  TYR A CE2 1 
ATOM   379  C  CZ  . TYR A 1 51  ? -11.668 -2.527  -1.391  1.00 52.21  ? 46  TYR A CZ  1 
ATOM   380  O  OH  . TYR A 1 51  ? -11.890 -1.197  -1.135  1.00 52.03  ? 46  TYR A OH  1 
ATOM   381  N  N   . SER A 1 52  ? -13.617 -5.921  -3.926  1.00 55.93  ? 47  SER A N   1 
ATOM   382  C  CA  . SER A 1 52  ? -14.179 -5.314  -5.127  1.00 55.98  ? 47  SER A CA  1 
ATOM   383  C  C   . SER A 1 52  ? -13.555 -3.937  -5.355  1.00 55.27  ? 47  SER A C   1 
ATOM   384  O  O   . SER A 1 52  ? -13.857 -2.983  -4.641  1.00 55.64  ? 47  SER A O   1 
ATOM   385  C  CB  . SER A 1 52  ? -15.696 -5.199  -4.990  1.00 56.92  ? 47  SER A CB  1 
ATOM   386  O  OG  . SER A 1 52  ? -16.263 -4.586  -6.133  1.00 59.59  ? 47  SER A OG  1 
ATOM   387  N  N   . TYR A 1 53  ? -12.687 -3.845  -6.359  1.00 55.08  ? 48  TYR A N   1 
ATOM   388  C  CA  . TYR A 1 53  ? -11.938 -2.617  -6.643  1.00 54.67  ? 48  TYR A CA  1 
ATOM   389  C  C   . TYR A 1 53  ? -12.688 -1.664  -7.567  1.00 54.40  ? 48  TYR A C   1 
ATOM   390  O  O   . TYR A 1 53  ? -13.677 -2.037  -8.192  1.00 54.97  ? 48  TYR A O   1 
ATOM   391  C  CB  . TYR A 1 53  ? -10.603 -2.960  -7.307  1.00 53.69  ? 48  TYR A CB  1 
ATOM   392  C  CG  . TYR A 1 53  ? -9.580  -3.590  -6.399  1.00 52.51  ? 48  TYR A CG  1 
ATOM   393  C  CD1 . TYR A 1 53  ? -9.553  -4.965  -6.196  1.00 52.14  ? 48  TYR A CD1 1 
ATOM   394  C  CD2 . TYR A 1 53  ? -8.617  -2.813  -5.768  1.00 52.48  ? 48  TYR A CD2 1 
ATOM   395  C  CE1 . TYR A 1 53  ? -8.605  -5.547  -5.373  1.00 52.38  ? 48  TYR A CE1 1 
ATOM   396  C  CE2 . TYR A 1 53  ? -7.664  -3.383  -4.946  1.00 52.90  ? 48  TYR A CE2 1 
ATOM   397  C  CZ  . TYR A 1 53  ? -7.660  -4.750  -4.753  1.00 52.79  ? 48  TYR A CZ  1 
ATOM   398  O  OH  . TYR A 1 53  ? -6.707  -5.315  -3.942  1.00 52.95  ? 48  TYR A OH  1 
ATOM   399  N  N   . THR A 1 54  ? -12.188 -0.434  -7.659  1.00 54.53  ? 49  THR A N   1 
ATOM   400  C  CA  . THR A 1 54  ? -12.646 0.510   -8.670  1.00 55.17  ? 49  THR A CA  1 
ATOM   401  C  C   . THR A 1 54  ? -12.038 0.128   -10.010 1.00 56.21  ? 49  THR A C   1 
ATOM   402  O  O   . THR A 1 54  ? -11.063 -0.621  -10.068 1.00 56.08  ? 49  THR A O   1 
ATOM   403  C  CB  . THR A 1 54  ? -12.218 1.959   -8.363  1.00 55.34  ? 49  THR A CB  1 
ATOM   404  O  OG1 . THR A 1 54  ? -10.789 2.059   -8.375  1.00 56.18  ? 49  THR A OG1 1 
ATOM   405  C  CG2 . THR A 1 54  ? -12.753 2.415   -7.016  1.00 55.34  ? 49  THR A CG2 1 
ATOM   406  N  N   . ASP A 1 55  ? -12.612 0.661   -11.083 1.00 58.16  ? 50  ASP A N   1 
ATOM   407  C  CA  . ASP A 1 55  ? -12.072 0.458   -12.426 1.00 59.20  ? 50  ASP A CA  1 
ATOM   408  C  C   . ASP A 1 55  ? -10.707 1.133   -12.560 1.00 59.37  ? 50  ASP A C   1 
ATOM   409  O  O   . ASP A 1 55  ? -9.824  0.623   -13.250 1.00 60.51  ? 50  ASP A O   1 
ATOM   410  C  CB  . ASP A 1 55  ? -13.033 1.005   -13.486 1.00 60.09  ? 50  ASP A CB  1 
ATOM   411  C  CG  . ASP A 1 55  ? -14.363 0.266   -13.512 1.00 60.54  ? 50  ASP A CG  1 
ATOM   412  O  OD1 . ASP A 1 55  ? -14.598 -0.593  -12.635 1.00 61.99  ? 50  ASP A OD1 1 
ATOM   413  O  OD2 . ASP A 1 55  ? -15.177 0.546   -14.415 1.00 60.80  ? 50  ASP A OD2 1 
ATOM   414  N  N   . ALA A 1 56  ? -10.545 2.273   -11.891 1.00 58.23  ? 51  ALA A N   1 
ATOM   415  C  CA  . ALA A 1 56  ? -9.282  3.006   -11.886 1.00 57.59  ? 51  ALA A CA  1 
ATOM   416  C  C   . ALA A 1 56  ? -8.125  2.153   -11.374 1.00 57.52  ? 51  ALA A C   1 
ATOM   417  O  O   . ALA A 1 56  ? -7.051  2.134   -11.973 1.00 58.34  ? 51  ALA A O   1 
ATOM   418  C  CB  . ALA A 1 56  ? -9.414  4.264   -11.046 1.00 57.76  ? 51  ALA A CB  1 
ATOM   419  N  N   . ASN A 1 57  ? -8.352  1.453   -10.265 1.00 57.47  ? 52  ASN A N   1 
ATOM   420  C  CA  . ASN A 1 57  ? -7.331  0.595   -9.663  1.00 57.63  ? 52  ASN A CA  1 
ATOM   421  C  C   . ASN A 1 57  ? -7.018  -0.600  -10.561 1.00 58.03  ? 52  ASN A C   1 
ATOM   422  O  O   . ASN A 1 57  ? -5.858  -0.977  -10.720 1.00 58.91  ? 52  ASN A O   1 
ATOM   423  C  CB  . ASN A 1 57  ? -7.793  0.110   -8.287  1.00 58.29  ? 52  ASN A CB  1 
ATOM   424  C  CG  . ASN A 1 57  ? -6.659  -0.446  -7.444  1.00 59.35  ? 52  ASN A CG  1 
ATOM   425  O  OD1 . ASN A 1 57  ? -6.005  -1.418  -7.820  1.00 60.93  ? 52  ASN A OD1 1 
ATOM   426  N  ND2 . ASN A 1 57  ? -6.433  0.160   -6.285  1.00 60.17  ? 52  ASN A ND2 1 
ATOM   427  N  N   . ILE A 1 58  ? -8.054  -1.185  -11.152 1.00 58.63  ? 53  ILE A N   1 
ATOM   428  C  CA  . ILE A 1 58  ? -7.888  -2.350  -12.016 1.00 59.12  ? 53  ILE A CA  1 
ATOM   429  C  C   . ILE A 1 58  ? -7.212  -1.968  -13.332 1.00 59.09  ? 53  ILE A C   1 
ATOM   430  O  O   . ILE A 1 58  ? -6.287  -2.651  -13.775 1.00 58.66  ? 53  ILE A O   1 
ATOM   431  C  CB  . ILE A 1 58  ? -9.239  -3.038  -12.309 1.00 59.34  ? 53  ILE A CB  1 
ATOM   432  C  CG1 . ILE A 1 58  ? -9.862  -3.566  -11.011 1.00 59.02  ? 53  ILE A CG1 1 
ATOM   433  C  CG2 . ILE A 1 58  ? -9.056  -4.186  -13.299 1.00 59.88  ? 53  ILE A CG2 1 
ATOM   434  C  CD1 . ILE A 1 58  ? -11.353 -3.803  -11.100 1.00 59.33  ? 53  ILE A CD1 1 
ATOM   435  N  N   . LYS A 1 59  ? -7.677  -0.884  -13.950 1.00 59.24  ? 54  LYS A N   1 
ATOM   436  C  CA  . LYS A 1 59  ? -7.128  -0.425  -15.230 1.00 59.30  ? 54  LYS A CA  1 
ATOM   437  C  C   . LYS A 1 59  ? -5.672  0.019   -15.126 1.00 58.88  ? 54  LYS A C   1 
ATOM   438  O  O   . LYS A 1 59  ? -4.919  -0.101  -16.088 1.00 58.29  ? 54  LYS A O   1 
ATOM   439  C  CB  . LYS A 1 59  ? -7.963  0.718   -15.807 1.00 60.21  ? 54  LYS A CB  1 
ATOM   440  C  CG  . LYS A 1 59  ? -9.296  0.289   -16.395 1.00 61.24  ? 54  LYS A CG  1 
ATOM   441  C  CD  . LYS A 1 59  ? -10.077 1.500   -16.877 1.00 62.91  ? 54  LYS A CD  1 
ATOM   442  C  CE  . LYS A 1 59  ? -11.384 1.092   -17.526 1.00 64.61  ? 54  LYS A CE  1 
ATOM   443  N  NZ  . LYS A 1 59  ? -12.206 2.262   -17.938 1.00 65.71  ? 54  LYS A NZ  1 
ATOM   444  N  N   . LYS A 1 60  ? -5.282  0.543   -13.967 1.00 59.54  ? 55  LYS A N   1 
ATOM   445  C  CA  . LYS A 1 60  ? -3.895  0.945   -13.739 1.00 59.43  ? 55  LYS A CA  1 
ATOM   446  C  C   . LYS A 1 60  ? -2.952  -0.245  -13.920 1.00 58.89  ? 55  LYS A C   1 
ATOM   447  O  O   . LYS A 1 60  ? -1.863  -0.097  -14.472 1.00 58.52  ? 55  LYS A O   1 
ATOM   448  C  CB  . LYS A 1 60  ? -3.728  1.545   -12.342 1.00 59.83  ? 55  LYS A CB  1 
ATOM   449  C  CG  . LYS A 1 60  ? -2.365  2.167   -12.077 1.00 60.30  ? 55  LYS A CG  1 
ATOM   450  C  CD  . LYS A 1 60  ? -2.173  3.455   -12.862 1.00 60.38  ? 55  LYS A CD  1 
ATOM   451  C  CE  . LYS A 1 60  ? -0.812  4.069   -12.587 1.00 60.76  ? 55  LYS A CE  1 
ATOM   452  N  NZ  . LYS A 1 60  ? -0.565  5.250   -13.455 1.00 61.38  ? 55  LYS A NZ  1 
ATOM   453  N  N   . ASN A 1 61  ? -3.379  -1.414  -13.442 1.00 58.53  ? 56  ASN A N   1 
ATOM   454  C  CA  . ASN A 1 61  ? -2.653  -2.665  -13.648 1.00 59.00  ? 56  ASN A CA  1 
ATOM   455  C  C   . ASN A 1 61  ? -1.163  -2.508  -13.345 1.00 59.65  ? 56  ASN A C   1 
ATOM   456  O  O   . ASN A 1 61  ? -0.307  -2.915  -14.134 1.00 59.16  ? 56  ASN A O   1 
ATOM   457  C  CB  . ASN A 1 61  ? -2.865  -3.157  -15.085 1.00 59.46  ? 56  ASN A CB  1 
ATOM   458  C  CG  . ASN A 1 61  ? -2.304  -4.549  -15.322 1.00 59.62  ? 56  ASN A CG  1 
ATOM   459  O  OD1 . ASN A 1 61  ? -2.254  -5.376  -14.414 1.00 59.67  ? 56  ASN A OD1 1 
ATOM   460  N  ND2 . ASN A 1 61  ? -1.880  -4.811  -16.552 1.00 60.42  ? 56  ASN A ND2 1 
ATOM   461  N  N   . VAL A 1 62  ? -0.863  -1.912  -12.195 1.00 60.28  ? 57  VAL A N   1 
ATOM   462  C  CA  . VAL A 1 62  ? 0.521   -1.666  -11.802 1.00 61.04  ? 57  VAL A CA  1 
ATOM   463  C  C   . VAL A 1 62  ? 1.076   -2.875  -11.062 1.00 61.31  ? 57  VAL A C   1 
ATOM   464  O  O   . VAL A 1 62  ? 0.444   -3.386  -10.138 1.00 62.65  ? 57  VAL A O   1 
ATOM   465  C  CB  . VAL A 1 62  ? 0.684   -0.377  -10.951 1.00 62.96  ? 57  VAL A CB  1 
ATOM   466  C  CG1 . VAL A 1 62  ? -0.236  -0.357  -9.733  1.00 62.61  ? 57  VAL A CG1 1 
ATOM   467  C  CG2 . VAL A 1 62  ? 2.136   -0.199  -10.525 1.00 64.22  ? 57  VAL A CG2 1 
ATOM   468  N  N   . LEU A 1 63  ? 2.247   -3.341  -11.492 1.00 61.57  ? 58  LEU A N   1 
ATOM   469  C  CA  . LEU A 1 63  ? 2.971   -4.390  -10.784 1.00 61.19  ? 58  LEU A CA  1 
ATOM   470  C  C   . LEU A 1 63  ? 3.681   -3.738  -9.605  1.00 61.68  ? 58  LEU A C   1 
ATOM   471  O  O   . LEU A 1 63  ? 4.679   -3.038  -9.780  1.00 62.15  ? 58  LEU A O   1 
ATOM   472  C  CB  . LEU A 1 63  ? 3.976   -5.084  -11.710 1.00 61.28  ? 58  LEU A CB  1 
ATOM   473  C  CG  . LEU A 1 63  ? 4.853   -6.181  -11.097 1.00 62.28  ? 58  LEU A CG  1 
ATOM   474  C  CD1 . LEU A 1 63  ? 4.018   -7.231  -10.381 1.00 62.67  ? 58  LEU A CD1 1 
ATOM   475  C  CD2 . LEU A 1 63  ? 5.716   -6.832  -12.169 1.00 63.08  ? 58  LEU A CD2 1 
ATOM   476  N  N   . TRP A 1 64  ? 3.149   -3.960  -8.406  1.00 61.23  ? 59  TRP A N   1 
ATOM   477  C  CA  . TRP A 1 64  ? 3.632   -3.270  -7.217  1.00 60.77  ? 59  TRP A CA  1 
ATOM   478  C  C   . TRP A 1 64  ? 5.053   -3.685  -6.850  1.00 61.41  ? 59  TRP A C   1 
ATOM   479  O  O   . TRP A 1 64  ? 5.338   -4.870  -6.684  1.00 60.47  ? 59  TRP A O   1 
ATOM   480  C  CB  . TRP A 1 64  ? 2.707   -3.529  -6.026  1.00 60.36  ? 59  TRP A CB  1 
ATOM   481  C  CG  . TRP A 1 64  ? 1.350   -2.902  -6.146  1.00 58.77  ? 59  TRP A CG  1 
ATOM   482  C  CD1 . TRP A 1 64  ? 0.151   -3.551  -6.214  1.00 58.24  ? 59  TRP A CD1 1 
ATOM   483  C  CD2 . TRP A 1 64  ? 1.051   -1.503  -6.203  1.00 57.94  ? 59  TRP A CD2 1 
ATOM   484  N  NE1 . TRP A 1 64  ? -0.874  -2.643  -6.309  1.00 57.35  ? 59  TRP A NE1 1 
ATOM   485  C  CE2 . TRP A 1 64  ? -0.350  -1.379  -6.306  1.00 57.28  ? 59  TRP A CE2 1 
ATOM   486  C  CE3 . TRP A 1 64  ? 1.833   -0.343  -6.176  1.00 58.32  ? 59  TRP A CE3 1 
ATOM   487  C  CZ2 . TRP A 1 64  ? -0.987  -0.139  -6.385  1.00 57.51  ? 59  TRP A CZ2 1 
ATOM   488  C  CZ3 . TRP A 1 64  ? 1.197   0.891   -6.253  1.00 58.07  ? 59  TRP A CZ3 1 
ATOM   489  C  CH2 . TRP A 1 64  ? -0.199  0.981   -6.357  1.00 57.61  ? 59  TRP A CH2 1 
ATOM   490  N  N   . ASP A 1 65  ? 5.932   -2.691  -6.746  1.00 63.86  ? 60  ASP A N   1 
ATOM   491  C  CA  . ASP A 1 65  ? 7.278   -2.853  -6.197  1.00 65.33  ? 60  ASP A CA  1 
ATOM   492  C  C   . ASP A 1 65  ? 7.554   -1.673  -5.266  1.00 66.24  ? 60  ASP A C   1 
ATOM   493  O  O   . ASP A 1 65  ? 6.753   -0.741  -5.188  1.00 65.05  ? 60  ASP A O   1 
ATOM   494  C  CB  . ASP A 1 65  ? 8.338   -2.955  -7.308  1.00 66.81  ? 60  ASP A CB  1 
ATOM   495  C  CG  . ASP A 1 65  ? 8.305   -1.780  -8.288  1.00 67.75  ? 60  ASP A CG  1 
ATOM   496  O  OD1 . ASP A 1 65  ? 8.383   -0.613  -7.849  1.00 69.07  ? 60  ASP A OD1 1 
ATOM   497  O  OD2 . ASP A 1 65  ? 8.220   -2.029  -9.508  1.00 68.02  ? 60  ASP A OD2 1 
ATOM   498  N  N   . GLU A 1 66  ? 8.681   -1.710  -4.564  1.00 68.28  ? 61  GLU A N   1 
ATOM   499  C  CA  . GLU A 1 66  ? 8.997   -0.672  -3.574  1.00 69.92  ? 61  GLU A CA  1 
ATOM   500  C  C   . GLU A 1 66  ? 9.030   0.757   -4.129  1.00 68.18  ? 61  GLU A C   1 
ATOM   501  O  O   . GLU A 1 66  ? 8.704   1.702   -3.410  1.00 68.72  ? 61  GLU A O   1 
ATOM   502  C  CB  . GLU A 1 66  ? 10.311  -0.976  -2.839  1.00 73.47  ? 61  GLU A CB  1 
ATOM   503  C  CG  . GLU A 1 66  ? 11.503  -1.307  -3.731  1.00 77.74  ? 61  GLU A CG  1 
ATOM   504  C  CD  . GLU A 1 66  ? 11.904  -2.773  -3.669  1.00 81.04  ? 61  GLU A CD  1 
ATOM   505  O  OE1 . GLU A 1 66  ? 13.123  -3.050  -3.665  1.00 83.29  ? 61  GLU A OE1 1 
ATOM   506  O  OE2 . GLU A 1 66  ? 11.009  -3.647  -3.617  1.00 82.63  ? 61  GLU A OE2 1 
ATOM   507  N  N   . ASN A 1 67  ? 9.406   0.917   -5.396  1.00 66.70  ? 62  ASN A N   1 
ATOM   508  C  CA  . ASN A 1 67  ? 9.513   2.250   -6.002  1.00 66.18  ? 62  ASN A CA  1 
ATOM   509  C  C   . ASN A 1 67  ? 8.151   2.859   -6.340  1.00 64.85  ? 62  ASN A C   1 
ATOM   510  O  O   . ASN A 1 67  ? 7.843   3.968   -5.904  1.00 65.41  ? 62  ASN A O   1 
ATOM   511  C  CB  . ASN A 1 67  ? 10.388  2.204   -7.256  1.00 67.20  ? 62  ASN A CB  1 
ATOM   512  C  CG  . ASN A 1 67  ? 11.816  1.793   -6.956  1.00 67.99  ? 62  ASN A CG  1 
ATOM   513  O  OD1 . ASN A 1 67  ? 12.437  2.297   -6.021  1.00 67.87  ? 62  ASN A OD1 1 
ATOM   514  N  ND2 . ASN A 1 67  ? 12.347  0.874   -7.756  1.00 69.36  ? 62  ASN A ND2 1 
ATOM   515  N  N   . ASN A 1 68  ? 7.339   2.148   -7.118  1.00 63.71  ? 63  ASN A N   1 
ATOM   516  C  CA  . ASN A 1 68  ? 6.017   2.668   -7.502  1.00 63.34  ? 63  ASN A CA  1 
ATOM   517  C  C   . ASN A 1 68  ? 5.022   2.688   -6.331  1.00 62.06  ? 63  ASN A C   1 
ATOM   518  O  O   . ASN A 1 68  ? 4.069   3.467   -6.339  1.00 60.44  ? 63  ASN A O   1 
ATOM   519  C  CB  . ASN A 1 68  ? 5.436   1.931   -8.726  1.00 63.25  ? 63  ASN A CB  1 
ATOM   520  C  CG  . ASN A 1 68  ? 5.299   0.433   -8.520  1.00 63.22  ? 63  ASN A CG  1 
ATOM   521  O  OD1 . ASN A 1 68  ? 5.191   -0.049  -7.397  1.00 64.37  ? 63  ASN A OD1 1 
ATOM   522  N  ND2 . ASN A 1 68  ? 5.298   -0.312  -9.619  1.00 62.68  ? 63  ASN A ND2 1 
ATOM   523  N  N   . MET A 1 69  ? 5.251   1.835   -5.333  1.00 61.68  ? 64  MET A N   1 
ATOM   524  C  CA  . MET A 1 69  ? 4.493   1.879   -4.081  1.00 60.70  ? 64  MET A CA  1 
ATOM   525  C  C   . MET A 1 69  ? 4.773   3.186   -3.348  1.00 60.67  ? 64  MET A C   1 
ATOM   526  O  O   . MET A 1 69  ? 3.863   3.797   -2.791  1.00 59.07  ? 64  MET A O   1 
ATOM   527  C  CB  . MET A 1 69  ? 4.867   0.697   -3.184  1.00 60.90  ? 64  MET A CB  1 
ATOM   528  C  CG  . MET A 1 69  ? 4.184   0.685   -1.819  1.00 61.60  ? 64  MET A CG  1 
ATOM   529  S  SD  . MET A 1 69  ? 2.406   0.403   -1.890  1.00 61.35  ? 64  MET A SD  1 
ATOM   530  C  CE  . MET A 1 69  ? 2.378   -1.297  -2.454  1.00 61.42  ? 64  MET A CE  1 
ATOM   531  N  N   . SER A 1 70  ? 6.038   3.600   -3.345  1.00 61.66  ? 65  SER A N   1 
ATOM   532  C  CA  . SER A 1 70  ? 6.436   4.856   -2.716  1.00 61.46  ? 65  SER A CA  1 
ATOM   533  C  C   . SER A 1 70  ? 5.819   6.054   -3.430  1.00 61.55  ? 65  SER A C   1 
ATOM   534  O  O   . SER A 1 70  ? 5.358   6.990   -2.777  1.00 60.09  ? 65  SER A O   1 
ATOM   535  C  CB  . SER A 1 70  ? 7.959   4.991   -2.685  1.00 60.98  ? 65  SER A CB  1 
ATOM   536  O  OG  . SER A 1 70  ? 8.348   6.089   -1.881  1.00 60.57  ? 65  SER A OG  1 
ATOM   537  N  N   . GLU A 1 71  ? 5.807   6.022   -4.763  1.00 62.70  ? 66  GLU A N   1 
ATOM   538  C  CA  . GLU A 1 71  ? 5.189   7.094   -5.542  1.00 64.93  ? 66  GLU A CA  1 
ATOM   539  C  C   . GLU A 1 71  ? 3.685   7.126   -5.303  1.00 63.64  ? 66  GLU A C   1 
ATOM   540  O  O   . GLU A 1 71  ? 3.100   8.198   -5.140  1.00 64.02  ? 66  GLU A O   1 
ATOM   541  C  CB  . GLU A 1 71  ? 5.473   6.937   -7.040  1.00 68.49  ? 66  GLU A CB  1 
ATOM   542  C  CG  . GLU A 1 71  ? 5.054   8.154   -7.862  1.00 71.67  ? 66  GLU A CG  1 
ATOM   543  C  CD  . GLU A 1 71  ? 5.251   7.977   -9.356  1.00 74.48  ? 66  GLU A CD  1 
ATOM   544  O  OE1 . GLU A 1 71  ? 4.641   8.752   -10.126 1.00 75.15  ? 66  GLU A OE1 1 
ATOM   545  O  OE2 . GLU A 1 71  ? 6.011   7.071   -9.766  1.00 77.50  ? 66  GLU A OE2 1 
ATOM   546  N  N   . TYR A 1 72  ? 3.073   5.944   -5.289  1.00 62.16  ? 67  TYR A N   1 
ATOM   547  C  CA  . TYR A 1 72  ? 1.645   5.808   -5.016  1.00 60.75  ? 67  TYR A CA  1 
ATOM   548  C  C   . TYR A 1 72  ? 1.285   6.404   -3.659  1.00 60.74  ? 67  TYR A C   1 
ATOM   549  O  O   . TYR A 1 72  ? 0.341   7.182   -3.549  1.00 60.21  ? 67  TYR A O   1 
ATOM   550  C  CB  . TYR A 1 72  ? 1.235   4.331   -5.068  1.00 60.33  ? 67  TYR A CB  1 
ATOM   551  C  CG  . TYR A 1 72  ? -0.191  4.066   -4.634  1.00 60.30  ? 67  TYR A CG  1 
ATOM   552  C  CD1 . TYR A 1 72  ? -1.265  4.524   -5.389  1.00 60.46  ? 67  TYR A CD1 1 
ATOM   553  C  CD2 . TYR A 1 72  ? -0.465  3.352   -3.470  1.00 60.21  ? 67  TYR A CD2 1 
ATOM   554  C  CE1 . TYR A 1 72  ? -2.571  4.285   -4.998  1.00 60.31  ? 67  TYR A CE1 1 
ATOM   555  C  CE2 . TYR A 1 72  ? -1.767  3.106   -3.072  1.00 60.36  ? 67  TYR A CE2 1 
ATOM   556  C  CZ  . TYR A 1 72  ? -2.816  3.575   -3.840  1.00 60.31  ? 67  TYR A CZ  1 
ATOM   557  O  OH  . TYR A 1 72  ? -4.112  3.333   -3.452  1.00 61.13  ? 67  TYR A OH  1 
ATOM   558  N  N   . LEU A 1 73  ? 2.050   6.051   -2.630  1.00 60.67  ? 68  LEU A N   1 
ATOM   559  C  CA  . LEU A 1 73  ? 1.758   6.505   -1.273  1.00 60.53  ? 68  LEU A CA  1 
ATOM   560  C  C   . LEU A 1 73  ? 2.063   7.986   -1.038  1.00 61.78  ? 68  LEU A C   1 
ATOM   561  O  O   . LEU A 1 73  ? 1.600   8.551   -0.049  1.00 62.14  ? 68  LEU A O   1 
ATOM   562  C  CB  . LEU A 1 73  ? 2.504   5.647   -0.247  1.00 59.62  ? 68  LEU A CB  1 
ATOM   563  C  CG  . LEU A 1 73  ? 2.085   4.176   -0.175  1.00 59.68  ? 68  LEU A CG  1 
ATOM   564  C  CD1 . LEU A 1 73  ? 2.997   3.413   0.771   1.00 59.48  ? 68  LEU A CD1 1 
ATOM   565  C  CD2 . LEU A 1 73  ? 0.632   4.026   0.248   1.00 60.12  ? 68  LEU A CD2 1 
ATOM   566  N  N   . THR A 1 74  ? 2.834   8.610   -1.927  1.00 62.09  ? 69  THR A N   1 
ATOM   567  C  CA  . THR A 1 74  ? 3.078   10.050  -1.850  1.00 63.43  ? 69  THR A CA  1 
ATOM   568  C  C   . THR A 1 74  ? 1.772   10.817  -2.059  1.00 63.82  ? 69  THR A C   1 
ATOM   569  O  O   . THR A 1 74  ? 1.458   11.748  -1.315  1.00 62.17  ? 69  THR A O   1 
ATOM   570  C  CB  . THR A 1 74  ? 4.118   10.513  -2.893  1.00 64.49  ? 69  THR A CB  1 
ATOM   571  O  OG1 . THR A 1 74  ? 5.280   9.680   -2.825  1.00 65.56  ? 69  THR A OG1 1 
ATOM   572  C  CG2 . THR A 1 74  ? 4.530   11.959  -2.647  1.00 64.79  ? 69  THR A CG2 1 
ATOM   573  N  N   . ASN A 1 75  ? 1.021   10.415  -3.080  1.00 65.90  ? 70  ASN A N   1 
ATOM   574  C  CA  . ASN A 1 75  ? -0.284  10.997  -3.373  1.00 67.04  ? 70  ASN A CA  1 
ATOM   575  C  C   . ASN A 1 75  ? -1.077  9.996   -4.216  1.00 66.32  ? 70  ASN A C   1 
ATOM   576  O  O   . ASN A 1 75  ? -0.951  9.983   -5.440  1.00 65.76  ? 70  ASN A O   1 
ATOM   577  C  CB  . ASN A 1 75  ? -0.121  12.331  -4.107  1.00 69.51  ? 70  ASN A CB  1 
ATOM   578  C  CG  . ASN A 1 75  ? -1.441  13.054  -4.318  1.00 71.94  ? 70  ASN A CG  1 
ATOM   579  O  OD1 . ASN A 1 75  ? -2.458  12.731  -3.701  1.00 74.83  ? 70  ASN A OD1 1 
ATOM   580  N  ND2 . ASN A 1 75  ? -1.425  14.048  -5.194  1.00 74.71  ? 70  ASN A ND2 1 
ATOM   581  N  N   . PRO A 1 76  ? -1.879  9.139   -3.556  1.00 66.46  ? 71  PRO A N   1 
ATOM   582  C  CA  . PRO A 1 76  ? -2.607  8.044   -4.206  1.00 67.24  ? 71  PRO A CA  1 
ATOM   583  C  C   . PRO A 1 76  ? -3.485  8.445   -5.386  1.00 68.42  ? 71  PRO A C   1 
ATOM   584  O  O   . PRO A 1 76  ? -3.437  7.794   -6.428  1.00 69.46  ? 71  PRO A O   1 
ATOM   585  C  CB  . PRO A 1 76  ? -3.474  7.488   -3.076  1.00 67.30  ? 71  PRO A CB  1 
ATOM   586  C  CG  . PRO A 1 76  ? -2.691  7.767   -1.849  1.00 67.22  ? 71  PRO A CG  1 
ATOM   587  C  CD  . PRO A 1 76  ? -2.020  9.085   -2.090  1.00 66.75  ? 71  PRO A CD  1 
ATOM   588  N  N   . LYS A 1 77  ? -4.273  9.504   -5.225  1.00 69.88  ? 72  LYS A N   1 
ATOM   589  C  CA  . LYS A 1 77  ? -5.225  9.904   -6.260  1.00 71.49  ? 72  LYS A CA  1 
ATOM   590  C  C   . LYS A 1 77  ? -4.560  10.556  -7.474  1.00 71.50  ? 72  LYS A C   1 
ATOM   591  O  O   . LYS A 1 77  ? -5.168  10.640  -8.539  1.00 71.38  ? 72  LYS A O   1 
ATOM   592  C  CB  . LYS A 1 77  ? -6.296  10.827  -5.678  1.00 74.27  ? 72  LYS A CB  1 
ATOM   593  C  CG  . LYS A 1 77  ? -7.085  10.195  -4.539  1.00 77.44  ? 72  LYS A CG  1 
ATOM   594  C  CD  . LYS A 1 77  ? -8.582  10.450  -4.665  1.00 79.93  ? 72  LYS A CD  1 
ATOM   595  C  CE  . LYS A 1 77  ? -9.372  9.623   -3.661  1.00 82.34  ? 72  LYS A CE  1 
ATOM   596  N  NZ  . LYS A 1 77  ? -10.811 9.516   -4.027  1.00 83.38  ? 72  LYS A NZ  1 
ATOM   597  N  N   . LYS A 1 78  ? -3.322  11.016  -7.317  1.00 72.10  ? 73  LYS A N   1 
ATOM   598  C  CA  . LYS A 1 78  ? -2.543  11.495  -8.454  1.00 73.23  ? 73  LYS A CA  1 
ATOM   599  C  C   . LYS A 1 78  ? -2.002  10.320  -9.269  1.00 70.54  ? 73  LYS A C   1 
ATOM   600  O  O   . LYS A 1 78  ? -2.001  10.363  -10.498 1.00 70.32  ? 73  LYS A O   1 
ATOM   601  C  CB  . LYS A 1 78  ? -1.393  12.391  -7.987  1.00 77.44  ? 73  LYS A CB  1 
ATOM   602  C  CG  . LYS A 1 78  ? -0.584  13.001  -9.123  1.00 81.90  ? 73  LYS A CG  1 
ATOM   603  C  CD  . LYS A 1 78  ? 0.545   13.884  -8.616  1.00 84.54  ? 73  LYS A CD  1 
ATOM   604  C  CE  . LYS A 1 78  ? 1.395   14.393  -9.770  1.00 86.35  ? 73  LYS A CE  1 
ATOM   605  N  NZ  . LYS A 1 78  ? 2.460   15.328  -9.314  1.00 87.86  ? 73  LYS A NZ  1 
ATOM   606  N  N   . TYR A 1 79  ? -1.541  9.278   -8.581  1.00 68.12  ? 74  TYR A N   1 
ATOM   607  C  CA  . TYR A 1 79  ? -0.979  8.100   -9.244  1.00 66.20  ? 74  TYR A CA  1 
ATOM   608  C  C   . TYR A 1 79  ? -2.059  7.238   -9.895  1.00 65.26  ? 74  TYR A C   1 
ATOM   609  O  O   . TYR A 1 79  ? -1.848  6.692   -10.978 1.00 65.42  ? 74  TYR A O   1 
ATOM   610  C  CB  . TYR A 1 79  ? -0.167  7.261   -8.255  1.00 65.61  ? 74  TYR A CB  1 
ATOM   611  C  CG  . TYR A 1 79  ? 0.655   6.181   -8.921  1.00 65.69  ? 74  TYR A CG  1 
ATOM   612  C  CD1 . TYR A 1 79  ? 1.766   6.504   -9.687  1.00 66.53  ? 74  TYR A CD1 1 
ATOM   613  C  CD2 . TYR A 1 79  ? 0.320   4.838   -8.792  1.00 66.36  ? 74  TYR A CD2 1 
ATOM   614  C  CE1 . TYR A 1 79  ? 2.521   5.524   -10.304 1.00 67.11  ? 74  TYR A CE1 1 
ATOM   615  C  CE2 . TYR A 1 79  ? 1.069   3.849   -9.405  1.00 66.75  ? 74  TYR A CE2 1 
ATOM   616  C  CZ  . TYR A 1 79  ? 2.169   4.199   -10.158 1.00 66.81  ? 74  TYR A CZ  1 
ATOM   617  O  OH  . TYR A 1 79  ? 2.919   3.223   -10.769 1.00 68.70  ? 74  TYR A OH  1 
ATOM   618  N  N   . ILE A 1 80  ? -3.206  7.110   -9.228  1.00 63.67  ? 75  ILE A N   1 
ATOM   619  C  CA  . ILE A 1 80  ? -4.342  6.356   -9.758  1.00 62.87  ? 75  ILE A CA  1 
ATOM   620  C  C   . ILE A 1 80  ? -5.610  7.204   -9.640  1.00 63.76  ? 75  ILE A C   1 
ATOM   621  O  O   . ILE A 1 80  ? -6.399  7.019   -8.706  1.00 62.95  ? 75  ILE A O   1 
ATOM   622  C  CB  . ILE A 1 80  ? -4.543  5.011   -9.021  1.00 61.75  ? 75  ILE A CB  1 
ATOM   623  C  CG1 . ILE A 1 80  ? -3.213  4.268   -8.879  1.00 60.81  ? 75  ILE A CG1 1 
ATOM   624  C  CG2 . ILE A 1 80  ? -5.553  4.142   -9.760  1.00 61.88  ? 75  ILE A CG2 1 
ATOM   625  C  CD1 . ILE A 1 80  ? -3.339  2.889   -8.266  1.00 60.61  ? 75  ILE A CD1 1 
ATOM   626  N  N   . PRO A 1 81  ? -5.809  8.145   -10.585 1.00 64.62  ? 76  PRO A N   1 
ATOM   627  C  CA  . PRO A 1 81  ? -7.010  8.984   -10.558 1.00 63.48  ? 76  PRO A CA  1 
ATOM   628  C  C   . PRO A 1 81  ? -8.276  8.154   -10.702 1.00 63.22  ? 76  PRO A C   1 
ATOM   629  O  O   . PRO A 1 81  ? -8.335  7.268   -11.553 1.00 63.80  ? 76  PRO A O   1 
ATOM   630  C  CB  . PRO A 1 81  ? -6.830  9.909   -11.768 1.00 63.20  ? 76  PRO A CB  1 
ATOM   631  C  CG  . PRO A 1 81  ? -5.372  9.886   -12.063 1.00 63.84  ? 76  PRO A CG  1 
ATOM   632  C  CD  . PRO A 1 81  ? -4.916  8.507   -11.700 1.00 64.09  ? 76  PRO A CD  1 
ATOM   633  N  N   . GLY A 1 82  ? -9.267  8.440   -9.861  1.00 62.67  ? 77  GLY A N   1 
ATOM   634  C  CA  . GLY A 1 82  ? -10.522 7.696   -9.854  1.00 63.18  ? 77  GLY A CA  1 
ATOM   635  C  C   . GLY A 1 82  ? -10.620 6.692   -8.720  1.00 63.99  ? 77  GLY A C   1 
ATOM   636  O  O   . GLY A 1 82  ? -11.689 6.131   -8.482  1.00 64.11  ? 77  GLY A O   1 
ATOM   637  N  N   . THR A 1 83  ? -9.509  6.460   -8.021  1.00 66.00  ? 78  THR A N   1 
ATOM   638  C  CA  . THR A 1 83  ? -9.482  5.509   -6.908  1.00 67.59  ? 78  THR A CA  1 
ATOM   639  C  C   . THR A 1 83  ? -10.286 6.023   -5.719  1.00 69.03  ? 78  THR A C   1 
ATOM   640  O  O   . THR A 1 83  ? -10.382 7.232   -5.503  1.00 68.08  ? 78  THR A O   1 
ATOM   641  C  CB  . THR A 1 83  ? -8.036  5.197   -6.453  1.00 67.47  ? 78  THR A CB  1 
ATOM   642  O  OG1 . THR A 1 83  ? -8.045  4.075   -5.563  1.00 66.39  ? 78  THR A OG1 1 
ATOM   643  C  CG2 . THR A 1 83  ? -7.391  6.399   -5.753  1.00 66.72  ? 78  THR A CG2 1 
ATOM   644  N  N   . LYS A 1 84  ? -10.853 5.095   -4.952  1.00 72.74  ? 79  LYS A N   1 
ATOM   645  C  CA  . LYS A 1 84  ? -11.675 5.438   -3.788  1.00 75.73  ? 79  LYS A CA  1 
ATOM   646  C  C   . LYS A 1 84  ? -10.894 5.420   -2.468  1.00 76.57  ? 79  LYS A C   1 
ATOM   647  O  O   . LYS A 1 84  ? -11.492 5.524   -1.397  1.00 79.47  ? 79  LYS A O   1 
ATOM   648  C  CB  . LYS A 1 84  ? -12.888 4.502   -3.703  1.00 76.97  ? 79  LYS A CB  1 
ATOM   649  C  CG  . LYS A 1 84  ? -12.589 3.109   -3.168  1.00 78.18  ? 79  LYS A CG  1 
ATOM   650  C  CD  . LYS A 1 84  ? -13.687 2.121   -3.533  1.00 80.33  ? 79  LYS A CD  1 
ATOM   651  C  CE  . LYS A 1 84  ? -13.319 0.701   -3.133  1.00 80.51  ? 79  LYS A CE  1 
ATOM   652  N  NZ  . LYS A 1 84  ? -14.120 -0.317  -3.866  1.00 80.56  ? 79  LYS A NZ  1 
ATOM   653  N  N   . MET A 1 85  ? -9.570  5.286   -2.541  1.00 76.50  ? 80  MET A N   1 
ATOM   654  C  CA  . MET A 1 85  ? -8.716  5.343   -1.354  1.00 73.83  ? 80  MET A CA  1 
ATOM   655  C  C   . MET A 1 85  ? -8.689  6.770   -0.813  1.00 72.29  ? 80  MET A C   1 
ATOM   656  O  O   . MET A 1 85  ? -7.894  7.595   -1.265  1.00 72.24  ? 80  MET A O   1 
ATOM   657  C  CB  . MET A 1 85  ? -7.296  4.853   -1.684  1.00 73.40  ? 80  MET A CB  1 
ATOM   658  C  CG  . MET A 1 85  ? -6.285  4.993   -0.551  1.00 73.74  ? 80  MET A CG  1 
ATOM   659  S  SD  . MET A 1 85  ? -4.942  3.778   -0.593  1.00 71.09  ? 80  MET A SD  1 
ATOM   660  C  CE  . MET A 1 85  ? -3.602  4.707   0.138   1.00 72.02  ? 80  MET A CE  1 
ATOM   661  N  N   . ALA A 1 86  ? -9.574  7.050   0.144   1.00 71.63  ? 81  ALA A N   1 
ATOM   662  C  CA  . ALA A 1 86  ? -9.654  8.365   0.794   1.00 70.18  ? 81  ALA A CA  1 
ATOM   663  C  C   . ALA A 1 86  ? -8.469  8.575   1.738   1.00 69.20  ? 81  ALA A C   1 
ATOM   664  O  O   . ALA A 1 86  ? -8.595  8.461   2.960   1.00 68.12  ? 81  ALA A O   1 
ATOM   665  C  CB  . ALA A 1 86  ? -10.968 8.508   1.550   1.00 70.39  ? 81  ALA A CB  1 
ATOM   666  N  N   . PHE A 1 87  ? -7.322  8.889   1.144   1.00 68.11  ? 82  PHE A N   1 
ATOM   667  C  CA  . PHE A 1 87  ? -6.059  9.005   1.861   1.00 66.10  ? 82  PHE A CA  1 
ATOM   668  C  C   . PHE A 1 87  ? -5.135  9.898   1.046   1.00 66.88  ? 82  PHE A C   1 
ATOM   669  O  O   . PHE A 1 87  ? -4.895  9.635   -0.133  1.00 67.52  ? 82  PHE A O   1 
ATOM   670  C  CB  . PHE A 1 87  ? -5.434  7.623   2.038   1.00 65.14  ? 82  PHE A CB  1 
ATOM   671  C  CG  . PHE A 1 87  ? -4.102  7.641   2.729   1.00 64.61  ? 82  PHE A CG  1 
ATOM   672  C  CD1 . PHE A 1 87  ? -4.021  7.889   4.089   1.00 65.52  ? 82  PHE A CD1 1 
ATOM   673  C  CD2 . PHE A 1 87  ? -2.932  7.403   2.023   1.00 63.63  ? 82  PHE A CD2 1 
ATOM   674  C  CE1 . PHE A 1 87  ? -2.796  7.905   4.734   1.00 65.52  ? 82  PHE A CE1 1 
ATOM   675  C  CE2 . PHE A 1 87  ? -1.706  7.413   2.662   1.00 64.01  ? 82  PHE A CE2 1 
ATOM   676  C  CZ  . PHE A 1 87  ? -1.635  7.667   4.020   1.00 64.41  ? 82  PHE A CZ  1 
ATOM   677  N  N   . GLY A 1 88  ? -4.624  10.953  1.675   1.00 67.04  ? 83  GLY A N   1 
ATOM   678  C  CA  . GLY A 1 88  ? -3.843  11.964  0.967   1.00 68.27  ? 83  GLY A CA  1 
ATOM   679  C  C   . GLY A 1 88  ? -2.395  11.602  0.708   1.00 69.06  ? 83  GLY A C   1 
ATOM   680  O  O   . GLY A 1 88  ? -1.792  12.111  -0.238  1.00 69.81  ? 83  GLY A O   1 
ATOM   681  N  N   . GLY A 1 89  ? -1.827  10.748  1.554   1.00 70.08  ? 84  GLY A N   1 
ATOM   682  C  CA  . GLY A 1 89  ? -0.495  10.204  1.316   1.00 71.18  ? 84  GLY A CA  1 
ATOM   683  C  C   . GLY A 1 89  ? 0.478   10.397  2.461   1.00 72.42  ? 84  GLY A C   1 
ATOM   684  O  O   . GLY A 1 89  ? 0.122   10.911  3.520   1.00 73.87  ? 84  GLY A O   1 
ATOM   685  N  N   . LEU A 1 90  ? 1.710   9.951   2.234   1.00 73.67  ? 85  LEU A N   1 
ATOM   686  C  CA  . LEU A 1 90  ? 2.829   10.196  3.131   1.00 74.50  ? 85  LEU A CA  1 
ATOM   687  C  C   . LEU A 1 90  ? 3.829   11.052  2.373   1.00 76.52  ? 85  LEU A C   1 
ATOM   688  O  O   . LEU A 1 90  ? 4.474   10.574  1.437   1.00 77.61  ? 85  LEU A O   1 
ATOM   689  C  CB  . LEU A 1 90  ? 3.485   8.877   3.545   1.00 73.52  ? 85  LEU A CB  1 
ATOM   690  C  CG  . LEU A 1 90  ? 2.645   7.909   4.377   1.00 72.80  ? 85  LEU A CG  1 
ATOM   691  C  CD1 . LEU A 1 90  ? 3.348   6.565   4.486   1.00 72.27  ? 85  LEU A CD1 1 
ATOM   692  C  CD2 . LEU A 1 90  ? 2.360   8.485   5.755   1.00 72.26  ? 85  LEU A CD2 1 
ATOM   693  N  N   . LYS A 1 91  ? 3.959   12.314  2.770   1.00 79.16  ? 86  LYS A N   1 
ATOM   694  C  CA  . LYS A 1 91  ? 4.811   13.257  2.043   1.00 81.52  ? 86  LYS A CA  1 
ATOM   695  C  C   . LYS A 1 91  ? 6.290   13.071  2.372   1.00 80.08  ? 86  LYS A C   1 
ATOM   696  O  O   . LYS A 1 91  ? 7.146   13.260  1.509   1.00 78.89  ? 86  LYS A O   1 
ATOM   697  C  CB  . LYS A 1 91  ? 4.377   14.700  2.320   1.00 84.07  ? 86  LYS A CB  1 
ATOM   698  C  CG  . LYS A 1 91  ? 2.910   14.982  2.017   1.00 86.59  ? 86  LYS A CG  1 
ATOM   699  C  CD  . LYS A 1 91  ? 2.550   14.765  0.551   1.00 89.72  ? 86  LYS A CD  1 
ATOM   700  C  CE  . LYS A 1 91  ? 1.047   14.624  0.369   1.00 92.03  ? 86  LYS A CE  1 
ATOM   701  N  NZ  . LYS A 1 91  ? 0.659   14.360  -1.044  1.00 93.66  ? 86  LYS A NZ  1 
ATOM   702  N  N   . LYS A 1 92  ? 6.582   12.688  3.611   1.00 79.72  ? 87  LYS A N   1 
ATOM   703  C  CA  . LYS A 1 92  ? 7.960   12.482  4.048   1.00 80.06  ? 87  LYS A CA  1 
ATOM   704  C  C   . LYS A 1 92  ? 8.522   11.185  3.467   1.00 78.56  ? 87  LYS A C   1 
ATOM   705  O  O   . LYS A 1 92  ? 7.994   10.106  3.723   1.00 77.95  ? 87  LYS A O   1 
ATOM   706  C  CB  . LYS A 1 92  ? 8.035   12.457  5.576   1.00 81.75  ? 87  LYS A CB  1 
ATOM   707  C  CG  . LYS A 1 92  ? 7.554   13.742  6.234   1.00 84.14  ? 87  LYS A CG  1 
ATOM   708  C  CD  . LYS A 1 92  ? 7.756   13.718  7.739   1.00 85.77  ? 87  LYS A CD  1 
ATOM   709  C  CE  . LYS A 1 92  ? 7.324   15.031  8.371   1.00 87.00  ? 87  LYS A CE  1 
ATOM   710  N  NZ  . LYS A 1 92  ? 7.670   15.093  9.819   1.00 88.79  ? 87  LYS A NZ  1 
ATOM   711  N  N   . GLU A 1 93  ? 9.593   11.300  2.684   1.00 79.16  ? 88  GLU A N   1 
ATOM   712  C  CA  . GLU A 1 93  ? 10.237  10.141  2.062   1.00 80.66  ? 88  GLU A CA  1 
ATOM   713  C  C   . GLU A 1 93  ? 10.763  9.144   3.097   1.00 80.38  ? 88  GLU A C   1 
ATOM   714  O  O   . GLU A 1 93  ? 10.776  7.938   2.850   1.00 80.10  ? 88  GLU A O   1 
ATOM   715  C  CB  . GLU A 1 93  ? 11.386  10.593  1.153   1.00 82.43  ? 88  GLU A CB  1 
ATOM   716  C  CG  . GLU A 1 93  ? 12.018  9.471   0.336   1.00 84.12  ? 88  GLU A CG  1 
ATOM   717  C  CD  . GLU A 1 93  ? 13.147  9.945   -0.561  1.00 86.50  ? 88  GLU A CD  1 
ATOM   718  O  OE1 . GLU A 1 93  ? 13.591  11.107  -0.421  1.00 87.39  ? 88  GLU A OE1 1 
ATOM   719  O  OE2 . GLU A 1 93  ? 13.596  9.147   -1.414  1.00 88.77  ? 88  GLU A OE2 1 
ATOM   720  N  N   . LYS A 1 94  ? 11.204  9.650   4.247   1.00 80.51  ? 89  LYS A N   1 
ATOM   721  C  CA  . LYS A 1 94  ? 11.695  8.793   5.321   1.00 79.85  ? 89  LYS A CA  1 
ATOM   722  C  C   . LYS A 1 94  ? 10.575  7.921   5.895   1.00 75.30  ? 89  LYS A C   1 
ATOM   723  O  O   . LYS A 1 94  ? 10.805  6.757   6.217   1.00 73.94  ? 89  LYS A O   1 
ATOM   724  C  CB  . LYS A 1 94  ? 12.349  9.627   6.425   1.00 84.28  ? 89  LYS A CB  1 
ATOM   725  C  CG  . LYS A 1 94  ? 13.085  8.797   7.466   1.00 88.83  ? 89  LYS A CG  1 
ATOM   726  C  CD  . LYS A 1 94  ? 13.970  9.654   8.359   1.00 92.03  ? 89  LYS A CD  1 
ATOM   727  C  CE  . LYS A 1 94  ? 14.657  8.810   9.423   1.00 94.30  ? 89  LYS A CE  1 
ATOM   728  N  NZ  . LYS A 1 94  ? 15.781  9.533   10.081  1.00 95.48  ? 89  LYS A NZ  1 
ATOM   729  N  N   . ASP A 1 95  ? 9.372   8.483   6.016   1.00 70.61  ? 90  ASP A N   1 
ATOM   730  C  CA  . ASP A 1 95  ? 8.200   7.717   6.449   1.00 68.45  ? 90  ASP A CA  1 
ATOM   731  C  C   . ASP A 1 95  ? 7.867   6.611   5.451   1.00 65.59  ? 90  ASP A C   1 
ATOM   732  O  O   . ASP A 1 95  ? 7.624   5.468   5.837   1.00 65.14  ? 90  ASP A O   1 
ATOM   733  C  CB  . ASP A 1 95  ? 6.976   8.625   6.625   1.00 69.92  ? 90  ASP A CB  1 
ATOM   734  C  CG  . ASP A 1 95  ? 7.078   9.536   7.841   1.00 72.05  ? 90  ASP A CG  1 
ATOM   735  O  OD1 . ASP A 1 95  ? 7.955   9.310   8.703   1.00 74.30  ? 90  ASP A OD1 1 
ATOM   736  O  OD2 . ASP A 1 95  ? 6.265   10.481  7.937   1.00 72.11  ? 90  ASP A OD2 1 
ATOM   737  N  N   . ARG A 1 96  ? 7.858   6.964   4.168   1.00 62.65  ? 91  ARG A N   1 
ATOM   738  C  CA  . ARG A 1 96  ? 7.567   6.010   3.100   1.00 61.02  ? 91  ARG A CA  1 
ATOM   739  C  C   . ARG A 1 96  ? 8.580   4.865   3.054   1.00 60.24  ? 91  ARG A C   1 
ATOM   740  O  O   . ARG A 1 96  ? 8.211   3.712   2.841   1.00 60.17  ? 91  ARG A O   1 
ATOM   741  C  CB  . ARG A 1 96  ? 7.498   6.722   1.743   1.00 60.74  ? 91  ARG A CB  1 
ATOM   742  C  CG  . ARG A 1 96  ? 6.257   7.587   1.580   1.00 60.95  ? 91  ARG A CG  1 
ATOM   743  C  CD  . ARG A 1 96  ? 6.039   8.056   0.147   1.00 61.49  ? 91  ARG A CD  1 
ATOM   744  N  NE  . ARG A 1 96  ? 6.488   9.434   -0.073  1.00 62.36  ? 91  ARG A NE  1 
ATOM   745  C  CZ  . ARG A 1 96  ? 7.637   9.798   -0.644  1.00 63.59  ? 91  ARG A CZ  1 
ATOM   746  N  NH1 . ARG A 1 96  ? 8.515   8.899   -1.081  1.00 64.33  ? 91  ARG A NH1 1 
ATOM   747  N  NH2 . ARG A 1 96  ? 7.915   11.090  -0.781  1.00 64.06  ? 91  ARG A NH2 1 
ATOM   748  N  N   . ASN A 1 97  ? 9.852   5.187   3.262   1.00 61.40  ? 92  ASN A N   1 
ATOM   749  C  CA  . ASN A 1 97  ? 10.904  4.172   3.297   1.00 62.49  ? 92  ASN A CA  1 
ATOM   750  C  C   . ASN A 1 97  ? 10.739  3.227   4.485   1.00 61.72  ? 92  ASN A C   1 
ATOM   751  O  O   . ASN A 1 97  ? 10.916  2.017   4.348   1.00 60.84  ? 92  ASN A O   1 
ATOM   752  C  CB  . ASN A 1 97  ? 12.286  4.833   3.331   1.00 63.62  ? 92  ASN A CB  1 
ATOM   753  C  CG  . ASN A 1 97  ? 12.679  5.441   1.995   1.00 63.88  ? 92  ASN A CG  1 
ATOM   754  O  OD1 . ASN A 1 97  ? 12.129  5.095   0.948   1.00 63.77  ? 92  ASN A OD1 1 
ATOM   755  N  ND2 . ASN A 1 97  ? 13.645  6.350   2.026   1.00 65.35  ? 92  ASN A ND2 1 
ATOM   756  N  N   . ASP A 1 98  ? 10.395  3.783   5.644   1.00 62.14  ? 93  ASP A N   1 
ATOM   757  C  CA  . ASP A 1 98  ? 10.136  2.979   6.840   1.00 62.60  ? 93  ASP A CA  1 
ATOM   758  C  C   . ASP A 1 98  ? 8.900   2.099   6.644   1.00 61.34  ? 93  ASP A C   1 
ATOM   759  O  O   . ASP A 1 98  ? 8.950   0.885   6.853   1.00 59.89  ? 93  ASP A O   1 
ATOM   760  C  CB  . ASP A 1 98  ? 9.944   3.880   8.068   1.00 64.02  ? 93  ASP A CB  1 
ATOM   761  C  CG  . ASP A 1 98  ? 11.209  4.648   8.448   1.00 66.14  ? 93  ASP A CG  1 
ATOM   762  O  OD1 . ASP A 1 98  ? 12.325  4.169   8.144   1.00 66.29  ? 93  ASP A OD1 1 
ATOM   763  O  OD2 . ASP A 1 98  ? 11.085  5.734   9.057   1.00 67.75  ? 93  ASP A OD2 1 
ATOM   764  N  N   . LEU A 1 99  ? 7.800   2.724   6.228   1.00 60.30  ? 94  LEU A N   1 
ATOM   765  C  CA  . LEU A 1 99  ? 6.529   2.030   6.030   1.00 58.63  ? 94  LEU A CA  1 
ATOM   766  C  C   . LEU A 1 99  ? 6.654   0.873   5.043   1.00 56.62  ? 94  LEU A C   1 
ATOM   767  O  O   . LEU A 1 99  ? 6.185   -0.233  5.312   1.00 55.60  ? 94  LEU A O   1 
ATOM   768  C  CB  . LEU A 1 99  ? 5.463   3.021   5.545   1.00 59.19  ? 94  LEU A CB  1 
ATOM   769  C  CG  . LEU A 1 99  ? 4.020   2.528   5.351   1.00 60.38  ? 94  LEU A CG  1 
ATOM   770  C  CD1 . LEU A 1 99  ? 3.831   1.778   4.037   1.00 60.42  ? 94  LEU A CD1 1 
ATOM   771  C  CD2 . LEU A 1 99  ? 3.561   1.683   6.532   1.00 61.07  ? 94  LEU A CD2 1 
ATOM   772  N  N   . ILE A 1 100 ? 7.284   1.136   3.903   1.00 54.77  ? 95  ILE A N   1 
ATOM   773  C  CA  . ILE A 1 100 ? 7.452   0.119   2.866   1.00 53.91  ? 95  ILE A CA  1 
ATOM   774  C  C   . ILE A 1 100 ? 8.406   -0.995  3.315   1.00 53.37  ? 95  ILE A C   1 
ATOM   775  O  O   . ILE A 1 100 ? 8.218   -2.154  2.947   1.00 53.09  ? 95  ILE A O   1 
ATOM   776  C  CB  . ILE A 1 100 ? 7.897   0.750   1.526   1.00 53.36  ? 95  ILE A CB  1 
ATOM   777  C  CG1 . ILE A 1 100 ? 6.747   1.580   0.949   1.00 52.91  ? 95  ILE A CG1 1 
ATOM   778  C  CG2 . ILE A 1 100 ? 8.316   -0.318  0.521   1.00 53.46  ? 95  ILE A CG2 1 
ATOM   779  C  CD1 . ILE A 1 100 ? 7.130   2.444   -0.232  1.00 53.13  ? 95  ILE A CD1 1 
ATOM   780  N  N   . THR A 1 101 ? 9.410   -0.656  4.120   1.00 53.41  ? 96  THR A N   1 
ATOM   781  C  CA  . THR A 1 101 ? 10.315  -1.667  4.672   1.00 54.08  ? 96  THR A CA  1 
ATOM   782  C  C   . THR A 1 101 ? 9.544   -2.652  5.553   1.00 54.42  ? 96  THR A C   1 
ATOM   783  O  O   . THR A 1 101 ? 9.810   -3.857  5.525   1.00 54.08  ? 96  THR A O   1 
ATOM   784  C  CB  . THR A 1 101 ? 11.473  -1.028  5.475   1.00 54.11  ? 96  THR A CB  1 
ATOM   785  O  OG1 . THR A 1 101 ? 12.243  -0.179  4.616   1.00 53.35  ? 96  THR A OG1 1 
ATOM   786  C  CG2 . THR A 1 101 ? 12.390  -2.097  6.067   1.00 54.06  ? 96  THR A CG2 1 
ATOM   787  N  N   . TYR A 1 102 ? 8.591   -2.132  6.325   1.00 55.96  ? 97  TYR A N   1 
ATOM   788  C  CA  . TYR A 1 102 ? 7.704   -2.964  7.144   1.00 56.14  ? 97  TYR A CA  1 
ATOM   789  C  C   . TYR A 1 102 ? 6.757   -3.795  6.275   1.00 57.16  ? 97  TYR A C   1 
ATOM   790  O  O   . TYR A 1 102 ? 6.605   -4.997  6.501   1.00 56.90  ? 97  TYR A O   1 
ATOM   791  C  CB  . TYR A 1 102 ? 6.901   -2.102  8.136   1.00 55.29  ? 97  TYR A CB  1 
ATOM   792  C  CG  . TYR A 1 102 ? 5.674   -2.790  8.702   1.00 55.24  ? 97  TYR A CG  1 
ATOM   793  C  CD1 . TYR A 1 102 ? 5.790   -3.761  9.694   1.00 55.69  ? 97  TYR A CD1 1 
ATOM   794  C  CD2 . TYR A 1 102 ? 4.396   -2.473  8.240   1.00 54.83  ? 97  TYR A CD2 1 
ATOM   795  C  CE1 . TYR A 1 102 ? 4.670   -4.396  10.211  1.00 55.80  ? 97  TYR A CE1 1 
ATOM   796  C  CE2 . TYR A 1 102 ? 3.271   -3.104  8.748   1.00 54.56  ? 97  TYR A CE2 1 
ATOM   797  C  CZ  . TYR A 1 102 ? 3.410   -4.063  9.733   1.00 55.44  ? 97  TYR A CZ  1 
ATOM   798  O  OH  . TYR A 1 102 ? 2.294   -4.689  10.243  1.00 54.76  ? 97  TYR A OH  1 
ATOM   799  N  N   . LEU A 1 103 ? 6.128   -3.151  5.289   1.00 57.92  ? 98  LEU A N   1 
ATOM   800  C  CA  . LEU A 1 103 ? 5.150   -3.820  4.420   1.00 59.81  ? 98  LEU A CA  1 
ATOM   801  C  C   . LEU A 1 103 ? 5.729   -5.017  3.675   1.00 60.38  ? 98  LEU A C   1 
ATOM   802  O  O   . LEU A 1 103 ? 5.098   -6.070  3.604   1.00 62.03  ? 98  LEU A O   1 
ATOM   803  C  CB  . LEU A 1 103 ? 4.555   -2.849  3.393   1.00 61.27  ? 98  LEU A CB  1 
ATOM   804  C  CG  . LEU A 1 103 ? 3.264   -2.098  3.718   1.00 62.51  ? 98  LEU A CG  1 
ATOM   805  C  CD1 . LEU A 1 103 ? 2.860   -1.271  2.508   1.00 62.77  ? 98  LEU A CD1 1 
ATOM   806  C  CD2 . LEU A 1 103 ? 2.140   -3.050  4.110   1.00 62.72  ? 98  LEU A CD2 1 
ATOM   807  N  N   . LYS A 1 104 ? 6.920   -4.849  3.109   1.00 60.54  ? 99  LYS A N   1 
ATOM   808  C  CA  . LYS A 1 104 ? 7.565   -5.920  2.354   1.00 61.46  ? 99  LYS A CA  1 
ATOM   809  C  C   . LYS A 1 104 ? 7.697   -7.204  3.172   1.00 61.82  ? 99  LYS A C   1 
ATOM   810  O  O   . LYS A 1 104 ? 7.611   -8.299  2.623   1.00 62.71  ? 99  LYS A O   1 
ATOM   811  C  CB  . LYS A 1 104 ? 8.937   -5.474  1.844   1.00 62.81  ? 99  LYS A CB  1 
ATOM   812  C  CG  . LYS A 1 104 ? 8.868   -4.498  0.677   1.00 64.33  ? 99  LYS A CG  1 
ATOM   813  C  CD  . LYS A 1 104 ? 10.229  -3.910  0.337   1.00 65.80  ? 99  LYS A CD  1 
ATOM   814  C  CE  . LYS A 1 104 ? 11.134  -4.929  -0.340  1.00 67.29  ? 99  LYS A CE  1 
ATOM   815  N  NZ  . LYS A 1 104 ? 12.477  -4.366  -0.653  1.00 68.17  ? 99  LYS A NZ  1 
ATOM   816  N  N   . LYS A 1 105 ? 7.902   -7.062  4.479   1.00 62.44  ? 100 LYS A N   1 
ATOM   817  C  CA  . LYS A 1 105 ? 8.011   -8.209  5.380   1.00 62.95  ? 100 LYS A CA  1 
ATOM   818  C  C   . LYS A 1 105 ? 6.657   -8.621  5.946   1.00 62.09  ? 100 LYS A C   1 
ATOM   819  O  O   . LYS A 1 105 ? 6.364   -9.810  6.051   1.00 62.83  ? 100 LYS A O   1 
ATOM   820  C  CB  . LYS A 1 105 ? 8.967   -7.890  6.534   1.00 64.46  ? 100 LYS A CB  1 
ATOM   821  C  CG  . LYS A 1 105 ? 10.357  -7.428  6.106   1.00 65.58  ? 100 LYS A CG  1 
ATOM   822  C  CD  . LYS A 1 105 ? 11.099  -8.448  5.250   1.00 65.78  ? 100 LYS A CD  1 
ATOM   823  C  CE  . LYS A 1 105 ? 11.343  -9.753  5.990   1.00 65.98  ? 100 LYS A CE  1 
ATOM   824  N  NZ  . LYS A 1 105 ? 12.270  -10.640 5.234   1.00 66.75  ? 100 LYS A NZ  1 
ATOM   825  N  N   . ALA A 1 106 ? 5.837   -7.638  6.314   1.00 62.28  ? 101 ALA A N   1 
ATOM   826  C  CA  . ALA A 1 106 ? 4.544   -7.900  6.958   1.00 61.91  ? 101 ALA A CA  1 
ATOM   827  C  C   . ALA A 1 106 ? 3.549   -8.606  6.042   1.00 61.84  ? 101 ALA A C   1 
ATOM   828  O  O   . ALA A 1 106 ? 2.699   -9.357  6.512   1.00 62.05  ? 101 ALA A O   1 
ATOM   829  C  CB  . ALA A 1 106 ? 3.944   -6.603  7.477   1.00 61.68  ? 101 ALA A CB  1 
ATOM   830  N  N   . THR A 1 107 ? 3.658   -8.356  4.739   1.00 63.53  ? 102 THR A N   1 
ATOM   831  C  CA  . THR A 1 107 ? 2.772   -8.958  3.744   1.00 65.60  ? 102 THR A CA  1 
ATOM   832  C  C   . THR A 1 107 ? 3.421   -10.155 3.038   1.00 68.54  ? 102 THR A C   1 
ATOM   833  O  O   . THR A 1 107 ? 2.865   -10.695 2.082   1.00 68.60  ? 102 THR A O   1 
ATOM   834  C  CB  . THR A 1 107 ? 2.363   -7.914  2.684   1.00 64.65  ? 102 THR A CB  1 
ATOM   835  O  OG1 . THR A 1 107 ? 3.512   -7.508  1.928   1.00 64.32  ? 102 THR A OG1 1 
ATOM   836  C  CG2 . THR A 1 107 ? 1.737   -6.694  3.346   1.00 63.52  ? 102 THR A CG2 1 
ATOM   837  N  N   . GLU A 1 108 ? 4.582   -10.578 3.533   1.00 73.94  ? 103 GLU A N   1 
ATOM   838  C  CA  . GLU A 1 108 ? 5.403   -11.596 2.878   1.00 77.45  ? 103 GLU A CA  1 
ATOM   839  C  C   . GLU A 1 108 ? 4.874   -12.999 3.172   1.00 79.72  ? 103 GLU A C   1 
ATOM   840  O  O   . GLU A 1 108 ? 5.078   -13.925 2.385   1.00 82.11  ? 103 GLU A O   1 
ATOM   841  C  CB  . GLU A 1 108 ? 6.850   -11.478 3.371   1.00 79.52  ? 103 GLU A CB  1 
ATOM   842  C  CG  . GLU A 1 108 ? 7.913   -11.931 2.387   1.00 81.31  ? 103 GLU A CG  1 
ATOM   843  C  CD  . GLU A 1 108 ? 9.317   -11.610 2.877   1.00 83.29  ? 103 GLU A CD  1 
ATOM   844  O  OE1 . GLU A 1 108 ? 10.098  -11.007 2.109   1.00 85.15  ? 103 GLU A OE1 1 
ATOM   845  O  OE2 . GLU A 1 108 ? 9.636   -11.945 4.039   1.00 82.40  ? 103 GLU A OE2 1 
ATOM   846  O  OXT . GLU A 1 108 ? 4.234   -13.242 4.198   1.00 79.26  ? 103 GLU A OXT 1 
HETATM 847  FE FE  . HEC B 2 .   ? -5.052  1.989   0.975   1.00 48.51  ? 201 HEC A FE  1 
HETATM 848  C  CHA . HEC B 2 .   ? -5.916  0.572   -1.914  1.00 50.51  ? 201 HEC A CHA 1 
HETATM 849  C  CHB . HEC B 2 .   ? -1.833  0.756   0.673   1.00 50.26  ? 201 HEC A CHB 1 
HETATM 850  C  CHC . HEC B 2 .   ? -3.988  3.884   3.721   1.00 51.67  ? 201 HEC A CHC 1 
HETATM 851  C  CHD . HEC B 2 .   ? -8.247  2.739   1.756   1.00 50.01  ? 201 HEC A CHD 1 
HETATM 852  N  NA  . HEC B 2 .   ? -4.064  0.854   -0.324  1.00 50.38  ? 201 HEC A NA  1 
HETATM 853  C  C1A . HEC B 2 .   ? -4.610  0.422   -1.510  1.00 50.19  ? 201 HEC A C1A 1 
HETATM 854  C  C2A . HEC B 2 .   ? -3.621  -0.278  -2.232  1.00 49.83  ? 201 HEC A C2A 1 
HETATM 855  C  C3A . HEC B 2 .   ? -2.477  -0.235  -1.504  1.00 49.68  ? 201 HEC A C3A 1 
HETATM 856  C  C4A . HEC B 2 .   ? -2.752  0.474   -0.316  1.00 49.73  ? 201 HEC A C4A 1 
HETATM 857  C  CMA . HEC B 2 .   ? -1.156  -0.848  -1.897  1.00 49.48  ? 201 HEC A CMA 1 
HETATM 858  C  CAA . HEC B 2 .   ? -3.779  -0.950  -3.577  1.00 50.19  ? 201 HEC A CAA 1 
HETATM 859  C  CBA . HEC B 2 .   ? -4.209  -2.410  -3.378  1.00 49.91  ? 201 HEC A CBA 1 
HETATM 860  C  CGA . HEC B 2 .   ? -4.155  -3.183  -4.676  1.00 49.61  ? 201 HEC A CGA 1 
HETATM 861  O  O1A . HEC B 2 .   ? -4.273  -4.429  -4.659  1.00 48.18  ? 201 HEC A O1A 1 
HETATM 862  O  O2A . HEC B 2 .   ? -3.999  -2.594  -5.772  1.00 49.29  ? 201 HEC A O2A 1 
HETATM 863  N  NB  . HEC B 2 .   ? -3.240  2.268   2.008   1.00 49.94  ? 201 HEC A NB  1 
HETATM 864  C  C1B . HEC B 2 .   ? -2.084  1.657   1.718   1.00 50.40  ? 201 HEC A C1B 1 
HETATM 865  C  C2B . HEC B 2 .   ? -1.060  2.087   2.617   1.00 50.78  ? 201 HEC A C2B 1 
HETATM 866  C  C3B . HEC B 2 .   ? -1.634  2.972   3.494   1.00 51.56  ? 201 HEC A C3B 1 
HETATM 867  C  C4B . HEC B 2 .   ? -3.053  3.081   3.058   1.00 51.14  ? 201 HEC A C4B 1 
HETATM 868  C  CMB . HEC B 2 .   ? 0.378   1.625   2.607   1.00 50.93  ? 201 HEC A CMB 1 
HETATM 869  C  CAB . HEC B 2 .   ? -1.029  3.752   4.609   1.00 54.34  ? 201 HEC A CAB 1 
HETATM 870  C  CBB . HEC B 2 .   ? 0.281   3.875   4.840   1.00 55.57  ? 201 HEC A CBB 1 
HETATM 871  N  NC  . HEC B 2 .   ? -5.949  3.113   2.492   1.00 50.47  ? 201 HEC A NC  1 
HETATM 872  C  C1C . HEC B 2 .   ? -5.356  3.840   3.480   1.00 50.97  ? 201 HEC A C1C 1 
HETATM 873  C  C2C . HEC B 2 .   ? -6.351  4.440   4.276   1.00 51.39  ? 201 HEC A C2C 1 
HETATM 874  C  C3C . HEC B 2 .   ? -7.583  4.108   3.724   1.00 51.55  ? 201 HEC A C3C 1 
HETATM 875  C  C4C . HEC B 2 .   ? -7.302  3.281   2.590   1.00 50.22  ? 201 HEC A C4C 1 
HETATM 876  C  CMC . HEC B 2 .   ? -6.104  5.307   5.490   1.00 51.66  ? 201 HEC A CMC 1 
HETATM 877  C  CAC . HEC B 2 .   ? -8.951  4.500   4.173   1.00 53.36  ? 201 HEC A CAC 1 
HETATM 878  C  CBC . HEC B 2 .   ? -9.241  5.340   5.169   1.00 52.90  ? 201 HEC A CBC 1 
HETATM 879  N  ND  . HEC B 2 .   ? -6.701  1.721   0.121   1.00 50.10  ? 201 HEC A ND  1 
HETATM 880  C  C1D . HEC B 2 .   ? -7.913  2.072   0.580   1.00 50.35  ? 201 HEC A C1D 1 
HETATM 881  C  C2D . HEC B 2 .   ? -8.944  1.692   -0.393  1.00 51.19  ? 201 HEC A C2D 1 
HETATM 882  C  C3D . HEC B 2 .   ? -8.306  1.093   -1.414  1.00 51.24  ? 201 HEC A C3D 1 
HETATM 883  C  C4D . HEC B 2 .   ? -6.877  1.131   -1.079  1.00 50.66  ? 201 HEC A C4D 1 
HETATM 884  C  CMD . HEC B 2 .   ? -10.431 1.912   -0.266  1.00 51.82  ? 201 HEC A CMD 1 
HETATM 885  C  CAD . HEC B 2 .   ? -8.939  0.530   -2.661  1.00 52.19  ? 201 HEC A CAD 1 
HETATM 886  C  CBD . HEC B 2 .   ? -8.940  1.645   -3.710  1.00 53.30  ? 201 HEC A CBD 1 
HETATM 887  C  CGD . HEC B 2 .   ? -9.660  1.250   -4.977  1.00 53.85  ? 201 HEC A CGD 1 
HETATM 888  O  O1D . HEC B 2 .   ? -10.380 0.228   -5.028  1.00 54.46  ? 201 HEC A O1D 1 
HETATM 889  O  O2D . HEC B 2 .   ? -9.536  1.964   -5.994  1.00 54.42  ? 201 HEC A O2D 1 
HETATM 890  C  C11 . EVB C 3 .   ? -8.566  4.949   14.337  1.00 56.90  ? 202 EVB A C11 1 
HETATM 891  C  C12 . EVB C 3 .   ? -9.205  3.727   14.127  1.00 56.90  ? 202 EVB A C12 1 
HETATM 892  C  C13 . EVB C 3 .   ? -8.475  2.611   13.750  1.00 56.68  ? 202 EVB A C13 1 
HETATM 893  C  C14 . EVB C 3 .   ? -10.692 3.614   14.366  1.00 57.46  ? 202 EVB A C14 1 
HETATM 894  C  C15 . EVB C 3 .   ? -7.030  -2.744  15.793  1.00 56.74  ? 202 EVB A C15 1 
HETATM 895  C  C17 . EVB C 3 .   ? -5.119  -4.353  15.707  1.00 60.34  ? 202 EVB A C17 1 
HETATM 896  C  C18 . EVB C 3 .   ? -4.394  -5.388  15.109  1.00 62.18  ? 202 EVB A C18 1 
HETATM 897  C  C19 . EVB C 3 .   ? -4.844  -5.935  13.908  1.00 61.24  ? 202 EVB A C19 1 
HETATM 898  C  C20 . EVB C 3 .   ? -6.007  -5.467  13.308  1.00 59.64  ? 202 EVB A C20 1 
HETATM 899  C  C21 . EVB C 3 .   ? -6.721  -4.429  13.903  1.00 59.17  ? 202 EVB A C21 1 
HETATM 900  C  C22 . EVB C 3 .   ? -11.588 3.815   13.164  1.00 57.82  ? 202 EVB A C22 1 
HETATM 901  C  C23 . EVB C 3 .   ? -11.996 2.745   12.374  1.00 56.60  ? 202 EVB A C23 1 
HETATM 902  C  C1  . EVB C 3 .   ? -4.983  1.007   15.205  1.00 55.32  ? 202 EVB A C1  1 
HETATM 903  C  C2  . EVB C 3 .   ? -5.979  0.613   14.313  1.00 54.91  ? 202 EVB A C2  1 
HETATM 904  C  C3  . EVB C 3 .   ? -6.640  -0.597  14.499  1.00 54.55  ? 202 EVB A C3  1 
HETATM 905  C  C4  . EVB C 3 .   ? -6.312  -1.419  15.576  1.00 55.70  ? 202 EVB A C4  1 
HETATM 906  C  C5  . EVB C 3 .   ? -5.315  -1.015  16.471  1.00 55.33  ? 202 EVB A C5  1 
HETATM 907  C  C6  . EVB C 3 .   ? -4.642  0.199   16.293  1.00 55.89  ? 202 EVB A C6  1 
HETATM 908  C  C7  . EVB C 3 .   ? -6.313  1.508   13.135  1.00 55.52  ? 202 EVB A C7  1 
HETATM 909  C  C8  . EVB C 3 .   ? -7.107  2.717   13.561  1.00 56.18  ? 202 EVB A C8  1 
HETATM 910  C  C9  . EVB C 3 .   ? -6.461  3.938   13.752  1.00 56.43  ? 202 EVB A C9  1 
HETATM 911  C  C10 . EVB C 3 .   ? -7.187  5.062   14.142  1.00 57.47  ? 202 EVB A C10 1 
HETATM 912  C  C16 . EVB C 3 .   ? -6.281  -3.872  15.106  1.00 58.60  ? 202 EVB A C16 1 
HETATM 913  C  C24 . EVB C 3 .   ? -12.838 2.960   11.289  1.00 57.10  ? 202 EVB A C24 1 
HETATM 914  C  C25 . EVB C 3 .   ? -13.296 4.246   11.012  1.00 58.82  ? 202 EVB A C25 1 
HETATM 915  C  C26 . EVB C 3 .   ? -12.898 5.323   11.806  1.00 60.68  ? 202 EVB A C26 1 
HETATM 916  C  C27 . EVB C 3 .   ? -12.050 5.099   12.888  1.00 59.37  ? 202 EVB A C27 1 
HETATM 917  C  C28 . EVB C 3 .   ? -13.299 1.795   10.431  1.00 57.41  ? 202 EVB A C28 1 
HETATM 918  C  C29 . EVB C 3 .   ? -6.439  -6.083  11.993  1.00 59.80  ? 202 EVB A C29 1 
HETATM 919  C  C30 . EVB C 3 .   ? -14.276 1.006   11.286  1.00 57.04  ? 202 EVB A C30 1 
HETATM 920  C  C31 . EVB C 3 .   ? -14.016 -0.312  11.658  1.00 57.86  ? 202 EVB A C31 1 
HETATM 921  C  C32 . EVB C 3 .   ? -14.924 -1.000  12.454  1.00 57.59  ? 202 EVB A C32 1 
HETATM 922  C  C33 . EVB C 3 .   ? -16.082 -0.362  12.899  1.00 57.44  ? 202 EVB A C33 1 
HETATM 923  C  C34 . EVB C 3 .   ? -16.353 0.955   12.540  1.00 57.26  ? 202 EVB A C34 1 
HETATM 924  C  C35 . EVB C 3 .   ? -15.440 1.636   11.734  1.00 56.83  ? 202 EVB A C35 1 
HETATM 925  C  C36 . EVB C 3 .   ? -7.210  -7.372  12.158  1.00 60.12  ? 202 EVB A C36 1 
HETATM 926  C  C37 . EVB C 3 .   ? -6.570  -8.588  11.924  1.00 61.25  ? 202 EVB A C37 1 
HETATM 927  C  C38 . EVB C 3 .   ? -7.267  -9.791  12.057  1.00 61.55  ? 202 EVB A C38 1 
HETATM 928  C  C39 . EVB C 3 .   ? -8.613  -9.758  12.421  1.00 60.24  ? 202 EVB A C39 1 
HETATM 929  C  C40 . EVB C 3 .   ? -9.257  -8.539  12.635  1.00 59.61  ? 202 EVB A C40 1 
HETATM 930  C  C41 . EVB C 3 .   ? -8.551  -7.348  12.510  1.00 59.94  ? 202 EVB A C41 1 
HETATM 931  C  C42 . EVB C 3 .   ? -14.656 -2.429  12.882  1.00 57.57  ? 202 EVB A C42 1 
HETATM 932  C  C43 . EVB C 3 .   ? -10.712 -8.533  13.048  1.00 59.62  ? 202 EVB A C43 1 
HETATM 933  C  C44 . EVB C 3 .   ? -15.029 -3.459  11.843  1.00 58.39  ? 202 EVB A C44 1 
HETATM 934  C  C45 . EVB C 3 .   ? -14.049 -4.213  11.207  1.00 58.38  ? 202 EVB A C45 1 
HETATM 935  C  C46 . EVB C 3 .   ? -14.400 -5.175  10.266  1.00 59.43  ? 202 EVB A C46 1 
HETATM 936  C  C47 . EVB C 3 .   ? -15.747 -5.374  9.958   1.00 61.08  ? 202 EVB A C47 1 
HETATM 937  C  C48 . EVB C 3 .   ? -16.739 -4.627  10.601  1.00 62.25  ? 202 EVB A C48 1 
HETATM 938  C  C49 . EVB C 3 .   ? -16.373 -3.667  11.546  1.00 60.29  ? 202 EVB A C49 1 
HETATM 939  C  C50 . EVB C 3 .   ? -11.715 -8.487  11.911  1.00 59.33  ? 202 EVB A C50 1 
HETATM 940  C  C51 . EVB C 3 .   ? -12.347 -9.670  11.529  1.00 59.20  ? 202 EVB A C51 1 
HETATM 941  C  C52 . EVB C 3 .   ? -13.289 -9.665  10.502  1.00 60.13  ? 202 EVB A C52 1 
HETATM 942  C  C53 . EVB C 3 .   ? -13.603 -8.464  9.867   1.00 59.39  ? 202 EVB A C53 1 
HETATM 943  C  C54 . EVB C 3 .   ? -12.989 -7.278  10.258  1.00 58.95  ? 202 EVB A C54 1 
HETATM 944  C  C55 . EVB C 3 .   ? -12.043 -7.292  11.278  1.00 59.05  ? 202 EVB A C55 1 
HETATM 945  O  O1  . EVB C 3 .   ? -12.742 -4.004  11.509  1.00 57.83  ? 202 EVB A O1  1 
HETATM 946  O  O2  . EVB C 3 .   ? -12.883 -0.941  11.236  1.00 59.64  ? 202 EVB A O2  1 
HETATM 947  O  O3  . EVB C 3 .   ? -11.557 1.488   12.649  1.00 55.46  ? 202 EVB A O3  1 
HETATM 948  O  O4  . EVB C 3 .   ? -9.095  1.411   13.559  1.00 57.20  ? 202 EVB A O4  1 
HETATM 949  O  O5  . EVB C 3 .   ? -7.610  -0.974  13.621  1.00 53.05  ? 202 EVB A O5  1 
HETATM 950  O  O6  . EVB C 3 .   ? -7.856  -3.969  13.308  1.00 58.54  ? 202 EVB A O6  1 
HETATM 951  O  O7  . EVB C 3 .   ? -9.164  -6.153  12.726  1.00 59.25  ? 202 EVB A O7  1 
HETATM 952  O  O8  . EVB C 3 .   ? -11.438 -6.133  11.652  1.00 57.97  ? 202 EVB A O8  1 
HETATM 953  S  S64 . EVB C 3 .   ? -18.285 -4.862  10.249  1.00 64.64  ? 202 EVB A S64 1 
HETATM 954  S  S65 . EVB C 3 .   ? -17.698 1.656   13.065  1.00 57.84  ? 202 EVB A S65 1 
HETATM 955  S  S66 . EVB C 3 .   ? -13.412 6.804   11.486  1.00 63.53  ? 202 EVB A S66 1 
HETATM 956  S  S67 . EVB C 3 .   ? -6.419  6.452   14.365  1.00 59.14  ? 202 EVB A S67 1 
HETATM 957  S  S68 . EVB C 3 .   ? -3.496  0.655   17.328  1.00 57.00  ? 202 EVB A S68 1 
HETATM 958  S  S69 . EVB C 3 .   ? -3.052  -5.966  15.765  1.00 65.04  ? 202 EVB A S69 1 
HETATM 959  S  S70 . EVB C 3 .   ? -6.531  -11.193 11.796  1.00 62.92  ? 202 EVB A S70 1 
HETATM 960  S  S71 . EVB C 3 .   ? -14.011 -11.020 10.046  1.00 62.04  ? 202 EVB A S71 1 
HETATM 961  C  C72 . EVB C 3 .   ? -13.347 -5.993  9.540   1.00 59.06  ? 202 EVB A C72 1 
HETATM 962  O  O9  . EVB C 3 .   ? -18.666 -3.955  9.142   1.00 64.56  ? 202 EVB A O9  1 
HETATM 963  O  O10 . EVB C 3 .   ? -18.498 -6.271  9.846   1.00 63.52  ? 202 EVB A O10 1 
HETATM 964  O  O11 . EVB C 3 .   ? -19.145 -4.577  11.423  1.00 64.03  ? 202 EVB A O11 1 
HETATM 965  O  O12 . EVB C 3 .   ? -17.812 1.481   14.527  1.00 58.15  ? 202 EVB A O12 1 
HETATM 966  O  O13 . EVB C 3 .   ? -17.686 3.109   12.788  1.00 58.94  ? 202 EVB A O13 1 
HETATM 967  O  O14 . EVB C 3 .   ? -18.882 1.040   12.426  1.00 57.33  ? 202 EVB A O14 1 
HETATM 968  O  O15 . EVB C 3 .   ? -13.641 6.966   10.033  1.00 63.04  ? 202 EVB A O15 1 
HETATM 969  O  O16 . EVB C 3 .   ? -14.681 7.033   12.211  1.00 64.26  ? 202 EVB A O16 1 
HETATM 970  O  O17 . EVB C 3 .   ? -12.413 7.806   11.929  1.00 63.17  ? 202 EVB A O17 1 
HETATM 971  O  O18 . EVB C 3 .   ? -7.331  7.464   14.943  1.00 58.03  ? 202 EVB A O18 1 
HETATM 972  O  O19 . EVB C 3 .   ? -5.890  6.947   13.073  1.00 59.63  ? 202 EVB A O19 1 
HETATM 973  O  O20 . EVB C 3 .   ? -5.282  6.235   15.290  1.00 57.99  ? 202 EVB A O20 1 
HETATM 974  O  O21 . EVB C 3 .   ? -2.686  -0.524  17.711  1.00 56.47  ? 202 EVB A O21 1 
HETATM 975  O  O22 . EVB C 3 .   ? -4.119  1.257   18.530  1.00 55.38  ? 202 EVB A O22 1 
HETATM 976  O  O23 . EVB C 3 .   ? -2.581  1.651   16.728  1.00 56.06  ? 202 EVB A O23 1 
HETATM 977  O  O24 . EVB C 3 .   ? -2.629  -5.157  16.932  1.00 64.21  ? 202 EVB A O24 1 
HETATM 978  O  O25 . EVB C 3 .   ? -1.972  -5.932  14.748  1.00 62.14  ? 202 EVB A O25 1 
HETATM 979  O  O26 . EVB C 3 .   ? -3.308  -7.362  16.199  1.00 62.70  ? 202 EVB A O26 1 
HETATM 980  O  O27 . EVB C 3 .   ? -6.182  -11.799 13.100  1.00 62.17  ? 202 EVB A O27 1 
HETATM 981  O  O28 . EVB C 3 .   ? -5.311  -11.003 10.976  1.00 61.77  ? 202 EVB A O28 1 
HETATM 982  O  O29 . EVB C 3 .   ? -7.433  -12.109 11.067  1.00 63.84  ? 202 EVB A O29 1 
HETATM 983  O  O30 . EVB C 3 .   ? -13.333 -11.583 8.856   1.00 61.80  ? 202 EVB A O30 1 
HETATM 984  O  O31 . EVB C 3 .   ? -13.968 -12.023 11.137  1.00 59.61  ? 202 EVB A O31 1 
HETATM 985  O  O32 . EVB C 3 .   ? -15.417 -10.713 9.687   1.00 61.02  ? 202 EVB A O32 1 
HETATM 986  C  C11 . EVB D 3 .   ? 17.258  -3.832  4.827   1.00 62.69  ? 203 EVB A C11 1 
HETATM 987  C  C12 . EVB D 3 .   ? 17.093  -3.444  6.157   1.00 61.70  ? 203 EVB A C12 1 
HETATM 988  C  C13 . EVB D 3 .   ? 15.971  -3.888  6.862   1.00 60.64  ? 203 EVB A C13 1 
HETATM 989  C  C14 . EVB D 3 .   ? 18.127  -2.504  6.766   1.00 61.54  ? 203 EVB A C14 1 
HETATM 990  C  C15 . EVB D 3 .   ? 12.235  -8.502  10.486  1.00 60.95  ? 203 EVB A C15 1 
HETATM 991  C  C17 . EVB D 3 .   ? 10.495  -10.217 9.938   1.00 61.86  ? 203 EVB A C17 1 
HETATM 992  C  C18 . EVB D 3 .   ? 9.179   -10.611 9.692   1.00 62.36  ? 203 EVB A C18 1 
HETATM 993  C  C19 . EVB D 3 .   ? 8.165   -9.652  9.729   1.00 61.95  ? 203 EVB A C19 1 
HETATM 994  C  C20 . EVB D 3 .   ? 8.460   -8.318  10.012  1.00 61.37  ? 203 EVB A C20 1 
HETATM 995  C  C21 . EVB D 3 .   ? 9.777   -7.934  10.247  1.00 61.03  ? 203 EVB A C21 1 
HETATM 996  C  C22 . EVB D 3 .   ? 19.227  -3.144  7.596   1.00 61.01  ? 203 EVB A C22 1 
HETATM 997  C  C23 . EVB D 3 .   ? 19.023  -3.403  8.944   1.00 60.42  ? 203 EVB A C23 1 
HETATM 998  C  C1  . EVB D 3 .   ? 14.747  -7.625  7.107   1.00 60.04  ? 203 EVB A C1  1 
HETATM 999  C  C2  . EVB D 3 .   ? 13.896  -6.632  7.603   1.00 59.29  ? 203 EVB A C2  1 
HETATM 1000 C  C3  . EVB D 3 .   ? 13.074  -6.922  8.693   1.00 59.68  ? 203 EVB A C3  1 
HETATM 1001 C  C4  . EVB D 3 .   ? 13.098  -8.179  9.282   1.00 60.47  ? 203 EVB A C4  1 
HETATM 1002 C  C5  . EVB D 3 .   ? 13.961  -9.153  8.795   1.00 60.82  ? 203 EVB A C5  1 
HETATM 1003 C  C6  . EVB D 3 .   ? 14.783  -8.887  7.705   1.00 62.25  ? 203 EVB A C6  1 
HETATM 1004 C  C7  . EVB D 3 .   ? 13.809  -5.243  6.983   1.00 59.85  ? 203 EVB A C7  1 
HETATM 1005 C  C8  . EVB D 3 .   ? 15.045  -4.741  6.253   1.00 60.26  ? 203 EVB A C8  1 
HETATM 1006 C  C9  . EVB D 3 .   ? 15.226  -5.118  4.926   1.00 61.19  ? 203 EVB A C9  1 
HETATM 1007 C  C10 . EVB D 3 .   ? 16.332  -4.675  4.210   1.00 62.46  ? 203 EVB A C10 1 
HETATM 1008 C  C16 . EVB D 3 .   ? 10.795  -8.881  10.201  1.00 61.03  ? 203 EVB A C16 1 
HETATM 1009 C  C24 . EVB D 3 .   ? 20.024  -3.980  9.718   1.00 60.34  ? 203 EVB A C24 1 
HETATM 1010 C  C25 . EVB D 3 .   ? 21.258  -4.281  9.141   1.00 61.22  ? 203 EVB A C25 1 
HETATM 1011 C  C26 . EVB D 3 .   ? 21.489  -4.015  7.787   1.00 63.07  ? 203 EVB A C26 1 
HETATM 1012 C  C27 . EVB D 3 .   ? 20.467  -3.437  7.022   1.00 62.11  ? 203 EVB A C27 1 
HETATM 1013 C  C28 . EVB D 3 .   ? 19.791  -4.266  11.189  1.00 60.36  ? 203 EVB A C28 1 
HETATM 1014 C  C29 . EVB D 3 .   ? 7.335   -7.304  10.034  1.00 62.33  ? 203 EVB A C29 1 
HETATM 1015 C  C30 . EVB D 3 .   ? 19.233  -5.656  11.420  1.00 60.31  ? 203 EVB A C30 1 
HETATM 1016 C  C31 . EVB D 3 .   ? 17.909  -5.954  11.125  1.00 59.67  ? 203 EVB A C31 1 
HETATM 1017 C  C32 . EVB D 3 .   ? 17.411  -7.228  11.354  1.00 60.54  ? 203 EVB A C32 1 
HETATM 1018 C  C33 . EVB D 3 .   ? 18.246  -8.219  11.875  1.00 62.15  ? 203 EVB A C33 1 
HETATM 1019 C  C34 . EVB D 3 .   ? 19.581  -7.932  12.183  1.00 63.15  ? 203 EVB A C34 1 
HETATM 1020 C  C35 . EVB D 3 .   ? 20.062  -6.644  11.952  1.00 61.59  ? 203 EVB A C35 1 
HETATM 1021 C  C36 . EVB D 3 .   ? 6.953   -6.863  11.436  1.00 63.21  ? 203 EVB A C36 1 
HETATM 1022 C  C37 . EVB D 3 .   ? 5.928   -7.522  12.121  1.00 64.10  ? 203 EVB A C37 1 
HETATM 1023 C  C38 . EVB D 3 .   ? 5.559   -7.114  13.411  1.00 64.11  ? 203 EVB A C38 1 
HETATM 1024 C  C39 . EVB D 3 .   ? 6.220   -6.032  13.996  1.00 64.03  ? 203 EVB A C39 1 
HETATM 1025 C  C40 . EVB D 3 .   ? 7.245   -5.374  13.316  1.00 63.67  ? 203 EVB A C40 1 
HETATM 1026 C  C41 . EVB D 3 .   ? 7.595   -5.785  12.032  1.00 63.66  ? 203 EVB A C41 1 
HETATM 1027 C  C42 . EVB D 3 .   ? 15.974  -7.563  11.008  1.00 60.95  ? 203 EVB A C42 1 
HETATM 1028 C  C43 . EVB D 3 .   ? 7.938   -4.196  13.977  1.00 63.21  ? 203 EVB A C43 1 
HETATM 1029 C  C44 . EVB D 3 .   ? 15.009  -7.474  12.173  1.00 61.44  ? 203 EVB A C44 1 
HETATM 1030 C  C45 . EVB D 3 .   ? 14.444  -6.265  12.567  1.00 60.94  ? 203 EVB A C45 1 
HETATM 1031 C  C46 . EVB D 3 .   ? 13.542  -6.217  13.632  1.00 61.04  ? 203 EVB A C46 1 
HETATM 1032 C  C47 . EVB D 3 .   ? 13.215  -7.399  14.305  1.00 61.90  ? 203 EVB A C47 1 
HETATM 1033 C  C48 . EVB D 3 .   ? 13.777  -8.613  13.902  1.00 63.68  ? 203 EVB A C48 1 
HETATM 1034 C  C49 . EVB D 3 .   ? 14.667  -8.645  12.836  1.00 62.13  ? 203 EVB A C49 1 
HETATM 1035 C  C50 . EVB D 3 .   ? 9.225   -4.540  14.706  1.00 62.54  ? 203 EVB A C50 1 
HETATM 1036 C  C51 . EVB D 3 .   ? 9.173   -4.817  16.070  1.00 63.54  ? 203 EVB A C51 1 
HETATM 1037 C  C52 . EVB D 3 .   ? 10.336  -5.125  16.779  1.00 63.82  ? 203 EVB A C52 1 
HETATM 1038 C  C53 . EVB D 3 .   ? 11.560  -5.137  16.111  1.00 62.92  ? 203 EVB A C53 1 
HETATM 1039 C  C54 . EVB D 3 .   ? 11.623  -4.864  14.743  1.00 62.18  ? 203 EVB A C54 1 
HETATM 1040 C  C55 . EVB D 3 .   ? 10.454  -4.549  14.052  1.00 62.11  ? 203 EVB A C55 1 
HETATM 1041 O  O1  . EVB D 3 .   ? 14.784  -5.124  11.902  1.00 60.77  ? 203 EVB A O1  1 
HETATM 1042 O  O2  . EVB D 3 .   ? 17.090  -4.999  10.614  1.00 58.47  ? 203 EVB A O2  1 
HETATM 1043 O  O3  . EVB D 3 .   ? 17.824  -3.106  9.509   1.00 60.17  ? 203 EVB A O3  1 
HETATM 1044 O  O4  . EVB D 3 .   ? 15.788  -3.507  8.154   1.00 60.30  ? 203 EVB A O4  1 
HETATM 1045 O  O5  . EVB D 3 .   ? 12.226  -5.976  9.193   1.00 59.30  ? 203 EVB A O5  1 
HETATM 1046 O  O6  . EVB D 3 .   ? 10.073  -6.632  10.513  1.00 59.33  ? 203 EVB A O6  1 
HETATM 1047 O  O7  . EVB D 3 .   ? 8.586   -5.140  11.356  1.00 64.05  ? 203 EVB A O7  1 
HETATM 1048 O  O8  . EVB D 3 .   ? 10.509  -4.266  12.723  1.00 61.90  ? 203 EVB A O8  1 
HETATM 1049 S  S64 . EVB D 3 .   ? 13.435  -9.997  14.628  1.00 66.24  ? 203 EVB A S64 1 
HETATM 1050 S  S65 . EVB D 3 .   ? 20.563  -9.050  12.794  1.00 64.94  ? 203 EVB A S65 1 
HETATM 1051 S  S66 . EVB D 3 .   ? 22.910  -4.361  7.117   1.00 65.35  ? 203 EVB A S66 1 
HETATM 1052 S  S67 . EVB D 3 .   ? 16.518  -5.141  2.691   1.00 63.73  ? 203 EVB A S67 1 
HETATM 1053 S  S68 . EVB D 3 .   ? 15.751  -10.051 7.179   1.00 66.20  ? 203 EVB A S68 1 
HETATM 1054 S  S69 . EVB D 3 .   ? 8.815   -12.139 9.370   1.00 63.23  ? 203 EVB A S69 1 
HETATM 1055 S  S70 . EVB D 3 .   ? 4.390   -7.851  14.230  1.00 63.81  ? 203 EVB A S70 1 
HETATM 1056 S  S71 . EVB D 3 .   ? 10.282  -5.456  18.345  1.00 63.94  ? 203 EVB A S71 1 
HETATM 1057 C  C72 . EVB D 3 .   ? 12.971  -4.864  14.039  1.00 61.55  ? 203 EVB A C72 1 
HETATM 1058 O  O9  . EVB D 3 .   ? 14.671  -10.536 15.239  1.00 66.56  ? 203 EVB A O9  1 
HETATM 1059 O  O10 . EVB D 3 .   ? 12.422  -9.819  15.693  1.00 66.38  ? 203 EVB A O10 1 
HETATM 1060 O  O11 . EVB D 3 .   ? 12.945  -10.951 13.606  1.00 66.60  ? 203 EVB A O11 1 
HETATM 1061 O  O12 . EVB D 3 .   ? 20.682  -8.869  14.259  1.00 64.64  ? 203 EVB A O12 1 
HETATM 1062 O  O13 . EVB D 3 .   ? 20.039  -10.412 12.550  1.00 66.04  ? 203 EVB A O13 1 
HETATM 1063 O  O14 . EVB D 3 .   ? 21.902  -8.930  12.172  1.00 62.88  ? 203 EVB A O14 1 
HETATM 1064 O  O15 . EVB D 3 .   ? 23.280  -3.310  6.140   1.00 63.67  ? 203 EVB A O15 1 
HETATM 1065 O  O16 . EVB D 3 .   ? 23.966  -4.447  8.153   1.00 64.83  ? 203 EVB A O16 1 
HETATM 1066 O  O17 . EVB D 3 .   ? 22.845  -5.658  6.407   1.00 65.46  ? 203 EVB A O17 1 
HETATM 1067 O  O18 . EVB D 3 .   ? 17.558  -4.331  2.009   1.00 62.77  ? 203 EVB A O18 1 
HETATM 1068 O  O19 . EVB D 3 .   ? 15.236  -4.966  1.973   1.00 63.46  ? 203 EVB A O19 1 
HETATM 1069 O  O20 . EVB D 3 .   ? 16.901  -6.572  2.667   1.00 62.24  ? 203 EVB A O20 1 
HETATM 1070 O  O21 . EVB D 3 .   ? 16.285  -9.731  5.834   1.00 65.81  ? 203 EVB A O21 1 
HETATM 1071 O  O22 . EVB D 3 .   ? 16.870  -10.224 8.132   1.00 64.99  ? 203 EVB A O22 1 
HETATM 1072 O  O23 . EVB D 3 .   ? 15.000  -11.327 7.106   1.00 66.68  ? 203 EVB A O23 1 
HETATM 1073 O  O24 . EVB D 3 .   ? 10.016  -12.932 9.013   1.00 61.08  ? 203 EVB A O24 1 
HETATM 1074 O  O25 . EVB D 3 .   ? 7.878   -12.173 8.223   1.00 62.61  ? 203 EVB A O25 1 
HETATM 1075 O  O26 . EVB D 3 .   ? 8.162   -12.742 10.555  1.00 62.95  ? 203 EVB A O26 1 
HETATM 1076 O  O27 . EVB D 3 .   ? 3.654   -8.796  13.357  1.00 64.92  ? 203 EVB A O27 1 
HETATM 1077 O  O28 . EVB D 3 .   ? 3.458   -6.833  14.767  1.00 60.15  ? 203 EVB A O28 1 
HETATM 1078 O  O29 . EVB D 3 .   ? 4.948   -8.631  15.352  1.00 63.75  ? 203 EVB A O29 1 
HETATM 1079 O  O30 . EVB D 3 .   ? 11.352  -4.702  19.032  1.00 64.87  ? 203 EVB A O30 1 
HETATM 1080 O  O31 . EVB D 3 .   ? 8.988   -5.050  18.935  1.00 62.92  ? 203 EVB A O31 1 
HETATM 1081 O  O32 . EVB D 3 .   ? 10.486  -6.910  18.544  1.00 62.48  ? 203 EVB A O32 1 
HETATM 1082 C  C11 . EVB E 3 .   ? -4.148  18.859  -6.910  1.00 172.07 ? 204 EVB A C11 1 
HETATM 1083 C  C12 . EVB E 3 .   ? -3.268  18.197  -6.056  1.00 171.95 ? 204 EVB A C12 1 
HETATM 1084 C  C13 . EVB E 3 .   ? -3.588  16.903  -5.623  1.00 173.66 ? 204 EVB A C13 1 
HETATM 1085 C  C14 . EVB E 3 .   ? -2.016  18.999  -5.715  1.00 169.34 ? 204 EVB A C14 1 
HETATM 1086 C  C15 . EVB E 3 .   ? -9.919  15.044  -3.919  1.00 167.86 ? 204 EVB A C15 1 
HETATM 1087 C  C17 . EVB E 3 .   ? -11.321 13.260  -2.816  1.00 167.83 ? 204 EVB A C17 1 
HETATM 1088 C  C18 . EVB E 3 .   ? -11.507 12.256  -1.858  1.00 168.67 ? 204 EVB A C18 1 
HETATM 1089 C  C19 . EVB E 3 .   ? -10.480 11.959  -0.967  1.00 166.95 ? 204 EVB A C19 1 
HETATM 1090 C  C20 . EVB E 3 .   ? -9.278  12.657  -1.025  1.00 163.62 ? 204 EVB A C20 1 
HETATM 1091 C  C21 . EVB E 3 .   ? -9.093  13.648  -1.975  1.00 165.78 ? 204 EVB A C21 1 
HETATM 1092 C  C22 . EVB E 3 .   ? -1.081  18.533  -4.610  1.00 167.33 ? 204 EVB A C22 1 
HETATM 1093 C  C23 . EVB E 3 .   ? -1.107  19.124  -3.348  1.00 167.37 ? 204 EVB A C23 1 
HETATM 1094 C  C1  . EVB E 3 .   ? -7.033  13.822  -6.869  1.00 169.46 ? 204 EVB A C1  1 
HETATM 1095 C  C2  . EVB E 3 .   ? -6.609  14.545  -5.750  1.00 170.73 ? 204 EVB A C2  1 
HETATM 1096 C  C3  . EVB E 3 .   ? -7.541  14.942  -4.798  1.00 170.17 ? 204 EVB A C3  1 
HETATM 1097 C  C4  . EVB E 3 .   ? -8.889  14.621  -4.950  1.00 169.17 ? 204 EVB A C4  1 
HETATM 1098 C  C5  . EVB E 3 .   ? -9.308  13.901  -6.068  1.00 169.47 ? 204 EVB A C5  1 
HETATM 1099 C  C6  . EVB E 3 .   ? -8.385  13.495  -7.033  1.00 167.77 ? 204 EVB A C6  1 
HETATM 1100 C  C7  . EVB E 3 .   ? -5.138  14.892  -5.572  1.00 172.24 ? 204 EVB A C7  1 
HETATM 1101 C  C8  . EVB E 3 .   ? -4.782  16.297  -6.036  1.00 173.89 ? 204 EVB A C8  1 
HETATM 1102 C  C9  . EVB E 3 .   ? -5.647  16.981  -6.891  1.00 173.33 ? 204 EVB A C9  1 
HETATM 1103 C  C10 . EVB E 3 .   ? -5.333  18.261  -7.325  1.00 172.51 ? 204 EVB A C10 1 
HETATM 1104 C  C16 . EVB E 3 .   ? -10.111 13.957  -2.876  1.00 167.60 ? 204 EVB A C16 1 
HETATM 1105 C  C24 . EVB E 3 .   ? -0.228  18.717  -2.341  1.00 165.25 ? 204 EVB A C24 1 
HETATM 1106 C  C25 . EVB E 3 .   ? 0.697   17.699  -2.620  1.00 162.18 ? 204 EVB A C25 1 
HETATM 1107 C  C26 . EVB E 3 .   ? 0.739   17.112  -3.892  1.00 161.22 ? 204 EVB A C26 1 
HETATM 1108 C  C27 . EVB E 3 .   ? -0.141  17.542  -4.885  1.00 163.93 ? 204 EVB A C27 1 
HETATM 1109 C  C28 . EVB E 3 .   ? -0.360  19.424  -0.990  1.00 164.38 ? 204 EVB A C28 1 
HETATM 1110 C  C29 . EVB E 3 .   ? -8.173  12.317  -0.050  1.00 158.55 ? 204 EVB A C29 1 
HETATM 1111 C  C30 . EVB E 3 .   ? 0.710   19.185  0.071   1.00 162.85 ? 204 EVB A C30 1 
HETATM 1112 C  C31 . EVB E 3 .   ? 0.328   18.934  1.390   1.00 161.68 ? 204 EVB A C31 1 
HETATM 1113 C  C32 . EVB E 3 .   ? 1.277   18.718  2.391   1.00 159.22 ? 204 EVB A C32 1 
HETATM 1114 C  C33 . EVB E 3 .   ? 2.632   18.776  2.063   1.00 162.90 ? 204 EVB A C33 1 
HETATM 1115 C  C34 . EVB E 3 .   ? 3.031   19.042  0.752   1.00 165.69 ? 204 EVB A C34 1 
HETATM 1116 C  C35 . EVB E 3 .   ? 2.070   19.255  -0.240  1.00 163.35 ? 204 EVB A C35 1 
HETATM 1117 C  C36 . EVB E 3 .   ? -8.234  13.184  1.191   1.00 154.69 ? 204 EVB A C36 1 
HETATM 1118 C  C37 . EVB E 3 .   ? -9.385  13.157  1.977   1.00 154.35 ? 204 EVB A C37 1 
HETATM 1119 C  C38 . EVB E 3 .   ? -9.464  13.936  3.128   1.00 154.86 ? 204 EVB A C38 1 
HETATM 1120 C  C39 . EVB E 3 .   ? -8.391  14.739  3.499   1.00 154.00 ? 204 EVB A C39 1 
HETATM 1121 C  C40 . EVB E 3 .   ? -7.241  14.773  2.716   1.00 149.49 ? 204 EVB A C40 1 
HETATM 1122 C  C41 . EVB E 3 .   ? -7.160  13.988  1.568   1.00 151.30 ? 204 EVB A C41 1 
HETATM 1123 C  C42 . EVB E 3 .   ? 0.864   18.423  3.830   1.00 152.20 ? 204 EVB A C42 1 
HETATM 1124 C  C43 . EVB E 3 .   ? -6.081  15.643  3.156   1.00 142.15 ? 204 EVB A C43 1 
HETATM 1125 C  C44 . EVB E 3 .   ? 0.750   16.925  4.078   1.00 145.96 ? 204 EVB A C44 1 
HETATM 1126 C  C45 . EVB E 3 .   ? -0.193  16.165  3.388   1.00 143.60 ? 204 EVB A C45 1 
HETATM 1127 C  C46 . EVB E 3 .   ? -0.306  14.804  3.615   1.00 139.01 ? 204 EVB A C46 1 
HETATM 1128 C  C47 . EVB E 3 .   ? 0.533   14.171  4.524   1.00 135.97 ? 204 EVB A C47 1 
HETATM 1129 C  C48 . EVB E 3 .   ? 1.482   14.906  5.227   1.00 132.73 ? 204 EVB A C48 1 
HETATM 1130 C  C49 . EVB E 3 .   ? 1.589   16.288  5.005   1.00 139.28 ? 204 EVB A C49 1 
HETATM 1131 C  C50 . EVB E 3 .   ? -4.968  14.704  3.583   1.00 135.24 ? 204 EVB A C50 1 
HETATM 1132 C  C51 . EVB E 3 .   ? -5.231  13.705  4.528   1.00 130.59 ? 204 EVB A C51 1 
HETATM 1133 C  C52 . EVB E 3 .   ? -4.228  12.822  4.922   1.00 127.31 ? 204 EVB A C52 1 
HETATM 1134 C  C53 . EVB E 3 .   ? -2.958  12.932  4.365   1.00 131.48 ? 204 EVB A C53 1 
HETATM 1135 C  C54 . EVB E 3 .   ? -2.695  13.930  3.435   1.00 134.39 ? 204 EVB A C54 1 
HETATM 1136 C  C55 . EVB E 3 .   ? -3.698  14.807  3.030   1.00 133.86 ? 204 EVB A C55 1 
HETATM 1137 O  O1  . EVB E 3 .   ? -1.033  16.737  2.484   1.00 144.64 ? 204 EVB A O1  1 
HETATM 1138 O  O2  . EVB E 3 .   ? -0.998  18.881  1.702   1.00 162.12 ? 204 EVB A O2  1 
HETATM 1139 O  O3  . EVB E 3 .   ? -2.016  20.108  -3.087  1.00 167.08 ? 204 EVB A O3  1 
HETATM 1140 O  O4  . EVB E 3 .   ? -2.756  16.220  -4.791  1.00 174.44 ? 204 EVB A O4  1 
HETATM 1141 O  O5  . EVB E 3 .   ? -7.119  15.646  -3.710  1.00 172.19 ? 204 EVB A O5  1 
HETATM 1142 O  O6  . EVB E 3 .   ? -7.903  14.307  -1.998  1.00 164.83 ? 204 EVB A O6  1 
HETATM 1143 O  O7  . EVB E 3 .   ? -6.029  14.026  0.810   1.00 148.59 ? 204 EVB A O7  1 
HETATM 1144 O  O8  . EVB E 3 .   ? -3.439  15.770  2.101   1.00 131.61 ? 204 EVB A O8  1 
HETATM 1145 S  S64 . EVB E 3 .   ? 2.420   14.133  6.269   1.00 122.76 ? 204 EVB A S64 1 
HETATM 1146 S  S65 . EVB E 3 .   ? 4.591   19.103  0.399   1.00 170.16 ? 204 EVB A S65 1 
HETATM 1147 S  S66 . EVB E 3 .   ? 1.795   15.958  -4.240  1.00 157.33 ? 204 EVB A S66 1 
HETATM 1148 S  S67 . EVB E 3 .   ? -6.329  19.039  -8.301  1.00 172.88 ? 204 EVB A S67 1 
HETATM 1149 S  S68 . EVB E 3 .   ? -8.900  12.669  -8.307  1.00 162.48 ? 204 EVB A S68 1 
HETATM 1150 S  S69 . EVB E 3 .   ? -12.868 11.427  -1.740  1.00 170.08 ? 204 EVB A S69 1 
HETATM 1151 S  S70 . EVB E 3 .   ? -10.770 13.928  4.043   1.00 156.18 ? 204 EVB A S70 1 
HETATM 1152 S  S71 . EVB E 3 .   ? -4.550  11.691  5.999   1.00 120.79 ? 204 EVB A S71 1 
HETATM 1153 C  C72 . EVB E 3 .   ? -1.311  13.991  2.838   1.00 136.22 ? 204 EVB A C72 1 
HETATM 1154 O  O9  . EVB E 3 .   ? 3.684   14.876  6.467   1.00 126.89 ? 204 EVB A O9  1 
HETATM 1155 O  O10 . EVB E 3 .   ? 1.717   14.005  7.562   1.00 121.89 ? 204 EVB A O10 1 
HETATM 1156 O  O11 . EVB E 3 .   ? 2.740   12.781  5.755   1.00 119.03 ? 204 EVB A O11 1 
HETATM 1157 O  O12 . EVB E 3 .   ? 5.117   17.724  0.268   1.00 169.71 ? 204 EVB A O12 1 
HETATM 1158 O  O13 . EVB E 3 .   ? 4.814   19.835  -0.870  1.00 168.66 ? 204 EVB A O13 1 
HETATM 1159 O  O14 . EVB E 3 .   ? 5.318   19.799  1.485   1.00 169.62 ? 204 EVB A O14 1 
HETATM 1160 O  O15 . EVB E 3 .   ? 2.236   15.256  -3.014  1.00 155.48 ? 204 EVB A O15 1 
HETATM 1161 O  O16 . EVB E 3 .   ? 1.182   14.974  -5.162  1.00 156.30 ? 204 EVB A O16 1 
HETATM 1162 O  O17 . EVB E 3 .   ? 2.969   16.564  -4.906  1.00 157.03 ? 204 EVB A O17 1 
HETATM 1163 O  O18 . EVB E 3 .   ? -7.715  18.547  -8.120  1.00 171.83 ? 204 EVB A O18 1 
HETATM 1164 O  O19 . EVB E 3 .   ? -5.903  18.809  -9.700  1.00 173.04 ? 204 EVB A O19 1 
HETATM 1165 O  O20 . EVB E 3 .   ? -6.297  20.490  -8.005  1.00 175.25 ? 204 EVB A O20 1 
HETATM 1166 O  O21 . EVB E 3 .   ? -9.555  13.597  -9.255  1.00 159.46 ? 204 EVB A O21 1 
HETATM 1167 O  O22 . EVB E 3 .   ? -7.773  11.994  -8.991  1.00 160.80 ? 204 EVB A O22 1 
HETATM 1168 O  O23 . EVB E 3 .   ? -9.878  11.644  -7.874  1.00 157.14 ? 204 EVB A O23 1 
HETATM 1169 O  O24 . EVB E 3 .   ? -13.323 11.445  -0.332  1.00 166.98 ? 204 EVB A O24 1 
HETATM 1170 O  O25 . EVB E 3 .   ? -12.635 10.024  -2.146  1.00 170.97 ? 204 EVB A O25 1 
HETATM 1171 O  O26 . EVB E 3 .   ? -13.919 12.022  -2.597  1.00 170.21 ? 204 EVB A O26 1 
HETATM 1172 O  O27 . EVB E 3 .   ? -10.460 13.235  5.315   1.00 155.38 ? 204 EVB A O27 1 
HETATM 1173 O  O28 . EVB E 3 .   ? -11.885 13.238  3.355   1.00 155.70 ? 204 EVB A O28 1 
HETATM 1174 O  O29 . EVB E 3 .   ? -11.162 15.327  4.325   1.00 156.94 ? 204 EVB A O29 1 
HETATM 1175 O  O30 . EVB E 3 .   ? -3.325  10.953  6.386   1.00 119.61 ? 204 EVB A O30 1 
HETATM 1176 O  O31 . EVB E 3 .   ? -5.139  12.328  7.197   1.00 123.09 ? 204 EVB A O31 1 
HETATM 1177 O  O32 . EVB E 3 .   ? -5.518  10.740  5.409   1.00 117.00 ? 204 EVB A O32 1 
HETATM 1178 S  S   . SO4 F 4 .   ? -15.998 2.412   -10.146 1.00 106.55 ? 205 SO4 A S   1 
HETATM 1179 O  O1  . SO4 F 4 .   ? -14.640 2.466   -10.733 1.00 105.14 ? 205 SO4 A O1  1 
HETATM 1180 O  O2  . SO4 F 4 .   ? -16.175 1.154   -9.382  1.00 104.85 ? 205 SO4 A O2  1 
HETATM 1181 O  O3  . SO4 F 4 .   ? -16.995 2.467   -11.240 1.00 107.82 ? 205 SO4 A O3  1 
HETATM 1182 O  O4  . SO4 F 4 .   ? -16.188 3.565   -9.237  1.00 105.24 ? 205 SO4 A O4  1 
HETATM 1183 S  S   . SO4 G 4 .   ? 1.104   -17.523 0.315   1.00 119.78 ? 206 SO4 A S   1 
HETATM 1184 O  O1  . SO4 G 4 .   ? 0.137   -18.575 -0.071  1.00 120.10 ? 206 SO4 A O1  1 
HETATM 1185 O  O2  . SO4 G 4 .   ? 2.393   -17.769 -0.371  1.00 117.37 ? 206 SO4 A O2  1 
HETATM 1186 O  O3  . SO4 G 4 .   ? 1.308   -17.555 1.781   1.00 117.78 ? 206 SO4 A O3  1 
HETATM 1187 O  O4  . SO4 G 4 .   ? 0.572   -16.198 -0.083  1.00 118.09 ? 206 SO4 A O4  1 
HETATM 1188 S  S   . SO4 H 4 .   ? -1.410  -13.754 -5.134  1.00 114.19 ? 207 SO4 A S   1 
HETATM 1189 O  O1  . SO4 H 4 .   ? -0.124  -13.486 -5.819  1.00 112.18 ? 207 SO4 A O1  1 
HETATM 1190 O  O2  . SO4 H 4 .   ? -1.436  -15.156 -4.661  1.00 112.95 ? 207 SO4 A O2  1 
HETATM 1191 O  O3  . SO4 H 4 .   ? -2.524  -13.535 -6.085  1.00 112.84 ? 207 SO4 A O3  1 
HETATM 1192 O  O4  . SO4 H 4 .   ? -1.554  -12.842 -3.973  1.00 110.48 ? 207 SO4 A O4  1 
HETATM 1193 S  S   . SO4 I 4 .   ? -13.465 -12.884 -5.901  1.00 124.20 ? 208 SO4 A S   1 
HETATM 1194 O  O1  . SO4 I 4 .   ? -12.034 -13.150 -6.170  1.00 121.14 ? 208 SO4 A O1  1 
HETATM 1195 O  O2  . SO4 I 4 .   ? -14.250 -13.048 -7.145  1.00 122.23 ? 208 SO4 A O2  1 
HETATM 1196 O  O3  . SO4 I 4 .   ? -13.956 -13.834 -4.876  1.00 123.49 ? 208 SO4 A O3  1 
HETATM 1197 O  O4  . SO4 I 4 .   ? -13.623 -11.498 -5.405  1.00 124.61 ? 208 SO4 A O4  1 
HETATM 1198 S  S   . SO4 J 4 .   ? 10.973  14.651  2.156   1.00 126.61 ? 209 SO4 A S   1 
HETATM 1199 O  O1  . SO4 J 4 .   ? 11.324  13.705  3.240   1.00 126.14 ? 209 SO4 A O1  1 
HETATM 1200 O  O2  . SO4 J 4 .   ? 10.840  13.913  0.878   1.00 124.71 ? 209 SO4 A O2  1 
HETATM 1201 O  O3  . SO4 J 4 .   ? 12.039  15.669  2.030   1.00 127.23 ? 209 SO4 A O3  1 
HETATM 1202 O  O4  . SO4 J 4 .   ? 9.694   15.324  2.477   1.00 124.62 ? 209 SO4 A O4  1 
HETATM 1203 S  S   . SO4 K 4 .   ? -0.743  4.411   -16.741 0.50 63.27  ? 210 SO4 A S   1 
HETATM 1204 O  O1  . SO4 K 4 .   ? -0.295  3.161   -16.085 0.50 61.97  ? 210 SO4 A O1  1 
HETATM 1205 O  O2  . SO4 K 4 .   ? -0.967  4.158   -18.182 0.50 62.44  ? 210 SO4 A O2  1 
HETATM 1206 O  O3  . SO4 K 4 .   ? 0.296   5.455   -16.582 0.50 62.59  ? 210 SO4 A O3  1 
HETATM 1207 O  O4  . SO4 K 4 .   ? -2.006  4.872   -16.118 0.50 62.11  ? 210 SO4 A O4  1 
HETATM 1208 S  S   . SO4 L 4 .   ? 10.325  11.260  -3.316  0.50 74.25  ? 211 SO4 A S   1 
HETATM 1209 O  O1  . SO4 L 4 .   ? 11.599  11.683  -3.941  0.50 73.78  ? 211 SO4 A O1  1 
HETATM 1210 O  O2  . SO4 L 4 .   ? 10.473  9.888   -2.781  0.50 73.28  ? 211 SO4 A O2  1 
HETATM 1211 O  O3  . SO4 L 4 .   ? 9.986   12.193  -2.217  0.50 73.86  ? 211 SO4 A O3  1 
HETATM 1212 O  O4  . SO4 L 4 .   ? 9.244   11.282  -4.327  0.50 73.53  ? 211 SO4 A O4  1 
HETATM 1213 S  S   . SO4 M 4 .   ? 21.599  -10.499 4.627   1.00 112.74 ? 212 SO4 A S   1 
HETATM 1214 O  O1  . SO4 M 4 .   ? 22.179  -11.805 5.008   1.00 113.02 ? 212 SO4 A O1  1 
HETATM 1215 O  O2  . SO4 M 4 .   ? 20.981  -10.593 3.285   1.00 112.52 ? 212 SO4 A O2  1 
HETATM 1216 O  O3  . SO4 M 4 .   ? 22.661  -9.468  4.608   1.00 113.73 ? 212 SO4 A O3  1 
HETATM 1217 O  O4  . SO4 M 4 .   ? 20.566  -10.121 5.615   1.00 113.01 ? 212 SO4 A O4  1 
HETATM 1218 S  S   . SO4 N 4 .   ? 8.287   -12.246 17.184  1.00 129.06 ? 213 SO4 A S   1 
HETATM 1219 O  O1  . SO4 N 4 .   ? 9.625   -12.598 16.658  1.00 127.46 ? 213 SO4 A O1  1 
HETATM 1220 O  O2  . SO4 N 4 .   ? 7.649   -13.452 17.756  1.00 130.58 ? 213 SO4 A O2  1 
HETATM 1221 O  O3  . SO4 N 4 .   ? 8.429   -11.218 18.239  1.00 127.27 ? 213 SO4 A O3  1 
HETATM 1222 O  O4  . SO4 N 4 .   ? 7.442   -11.732 16.084  1.00 127.89 ? 213 SO4 A O4  1 
HETATM 1223 N  N1  . SPM O 5 .   ? 21.027  -12.505 8.682   1.00 100.87 ? 214 SPM A N1  1 
HETATM 1224 C  C2  . SPM O 5 .   ? 21.129  -11.394 9.638   1.00 100.55 ? 214 SPM A C2  1 
HETATM 1225 C  C3  . SPM O 5 .   ? 21.402  -10.078 8.904   1.00 100.05 ? 214 SPM A C3  1 
HETATM 1226 C  C4  . SPM O 5 .   ? 20.080  -9.360  8.612   1.00 98.51  ? 214 SPM A C4  1 
HETATM 1227 N  N5  . SPM O 5 .   ? 20.306  -8.293  7.626   1.00 97.75  ? 214 SPM A N5  1 
HETATM 1228 C  C6  . SPM O 5 .   ? 19.075  -7.505  7.454   1.00 96.38  ? 214 SPM A C6  1 
HETATM 1229 C  C7  . SPM O 5 .   ? 18.659  -7.502  5.979   1.00 97.39  ? 214 SPM A C7  1 
HETATM 1230 C  C8  . SPM O 5 .   ? 19.676  -6.739  5.121   1.00 98.79  ? 214 SPM A C8  1 
HETATM 1231 C  C9  . SPM O 5 .   ? 19.794  -7.372  3.727   1.00 100.24 ? 214 SPM A C9  1 
HETATM 1232 N  N10 . SPM O 5 .   ? 20.001  -6.361  2.676   1.00 101.71 ? 214 SPM A N10 1 
HETATM 1233 C  C11 . SPM O 5 .   ? 21.366  -5.816  2.782   1.00 103.35 ? 214 SPM A C11 1 
HETATM 1234 C  C12 . SPM O 5 .   ? 21.726  -5.101  1.476   1.00 104.60 ? 214 SPM A C12 1 
HETATM 1235 C  C13 . SPM O 5 .   ? 22.094  -6.133  0.407   1.00 104.83 ? 214 SPM A C13 1 
HETATM 1236 N  N14 . SPM O 5 .   ? 22.117  -5.494  -0.917  1.00 104.74 ? 214 SPM A N14 1 
HETATM 1237 N  N1  . SPM P 5 .   ? 5.163   -7.323  21.158  1.00 91.92  ? 215 SPM A N1  1 
HETATM 1238 C  C2  . SPM P 5 .   ? 6.174   -8.094  20.424  1.00 90.88  ? 215 SPM A C2  1 
HETATM 1239 C  C3  . SPM P 5 .   ? 6.710   -7.261  19.254  1.00 89.49  ? 215 SPM A C3  1 
HETATM 1240 C  C4  . SPM P 5 .   ? 6.294   -7.866  17.910  1.00 87.33  ? 215 SPM A C4  1 
HETATM 1241 N  N5  . SPM P 5 .   ? 7.225   -8.950  17.550  1.00 85.40  ? 215 SPM A N5  1 
HETATM 1242 C  C6  . SPM P 5 .   ? 8.361   -8.426  16.764  1.00 83.39  ? 215 SPM A C6  1 
HETATM 1243 C  C7  . SPM P 5 .   ? 8.245   -8.745  15.265  1.00 82.24  ? 215 SPM A C7  1 
HETATM 1244 C  C8  . SPM P 5 .   ? 9.496   -9.473  14.772  1.00 82.99  ? 215 SPM A C8  1 
HETATM 1245 C  C9  . SPM P 5 .   ? 9.214   -10.180 13.446  1.00 85.07  ? 215 SPM A C9  1 
HETATM 1246 N  N10 . SPM P 5 .   ? 8.938   -11.607 13.687  1.00 87.32  ? 215 SPM A N10 1 
HETATM 1247 C  C11 . SPM P 5 .   ? 10.179  -12.380 13.513  1.00 88.94  ? 215 SPM A C11 1 
HETATM 1248 C  C12 . SPM P 5 .   ? 9.874   -13.880 13.496  1.00 90.23  ? 215 SPM A C12 1 
HETATM 1249 C  C13 . SPM P 5 .   ? 11.159  -14.649 13.181  1.00 91.36  ? 215 SPM A C13 1 
HETATM 1250 N  N14 . SPM P 5 .   ? 10.847  -16.068 12.960  1.00 93.19  ? 215 SPM A N14 1 
HETATM 1251 O  O   . HOH Q 6 .   ? -5.802  2.720   -5.371  1.00 53.57  ? 301 HOH A O   1 
HETATM 1252 O  O   . HOH Q 6 .   ? 0.063   -10.140 -11.059 1.00 48.97  ? 302 HOH A O   1 
HETATM 1253 O  O   . HOH Q 6 .   ? -3.116  -6.336  -6.152  1.00 57.29  ? 303 HOH A O   1 
HETATM 1254 O  O   . HOH Q 6 .   ? -18.258 -0.672  -9.603  1.00 53.03  ? 304 HOH A O   1 
HETATM 1255 O  O   . HOH Q 6 .   ? 17.705  -0.027  -0.166  1.00 60.79  ? 305 HOH A O   1 
HETATM 1256 O  O   . HOH Q 6 .   ? -12.804 -10.243 4.219   1.00 46.38  ? 306 HOH A O   1 
HETATM 1257 O  O   . HOH Q 6 .   ? -3.224  -7.057  10.115  1.00 31.39  ? 307 HOH A O   1 
HETATM 1258 O  O   . HOH Q 6 .   ? 20.203  -2.201  3.283   1.00 45.63  ? 308 HOH A O   1 
HETATM 1259 O  O   . HOH Q 6 .   ? 6.025   -3.543  17.092  1.00 41.17  ? 309 HOH A O   1 
# 
